data_1X4R
#
_entry.id   1X4R
#
_entity_poly.entity_id   1
_entity_poly.type   'polypeptide(L)'
_entity_poly.pdbx_seq_one_letter_code
;GSSGSSGKSIRLAKEKESQADYISTYVEWQYIDKNITQCFDKMTNMKLEVAWKAKKKDTVVQIHNQDFTVDLSTNTATAP
QGQTFTVQRLVKASGPSSG
;
_entity_poly.pdbx_strand_id   A
#
# COMPACT_ATOMS: atom_id res chain seq x y z
N GLY A 1 -2.20 43.78 16.29
CA GLY A 1 -0.84 43.54 15.82
C GLY A 1 -0.73 42.24 15.05
N SER A 2 -0.33 42.34 13.78
CA SER A 2 -0.18 41.16 12.93
C SER A 2 1.23 41.08 12.36
N SER A 3 1.90 39.97 12.59
CA SER A 3 3.25 39.76 12.11
C SER A 3 3.26 39.62 10.59
N GLY A 4 2.35 38.80 10.07
CA GLY A 4 2.27 38.59 8.64
C GLY A 4 2.77 37.22 8.22
N SER A 5 2.93 37.01 6.93
CA SER A 5 3.39 35.73 6.41
C SER A 5 4.81 35.43 6.90
N SER A 6 5.28 34.22 6.60
CA SER A 6 6.61 33.80 7.02
C SER A 6 7.36 33.13 5.87
N GLY A 7 6.80 32.04 5.36
CA GLY A 7 7.43 31.33 4.26
C GLY A 7 6.41 30.81 3.25
N LYS A 8 5.98 31.68 2.35
CA LYS A 8 5.01 31.30 1.33
C LYS A 8 5.71 30.91 0.04
N SER A 9 7.03 30.89 0.06
CA SER A 9 7.82 30.53 -1.11
C SER A 9 8.33 29.10 -1.00
N ILE A 10 9.17 28.84 0.00
CA ILE A 10 9.73 27.52 0.21
C ILE A 10 8.67 26.43 0.04
N ARG A 11 8.79 25.67 -1.03
CA ARG A 11 7.83 24.60 -1.32
C ARG A 11 7.60 23.74 -0.08
N LEU A 12 6.56 22.91 -0.13
CA LEU A 12 6.23 22.03 0.98
C LEU A 12 5.75 20.67 0.49
N ALA A 13 6.05 19.62 1.25
CA ALA A 13 5.65 18.27 0.89
C ALA A 13 4.20 18.00 1.30
N LYS A 14 3.31 18.92 0.93
CA LYS A 14 1.89 18.79 1.25
C LYS A 14 1.02 19.08 0.03
N GLU A 15 1.41 20.10 -0.74
CA GLU A 15 0.68 20.47 -1.94
C GLU A 15 0.94 19.48 -3.08
N LYS A 16 2.14 18.92 -3.09
CA LYS A 16 2.52 17.95 -4.12
C LYS A 16 1.79 16.63 -3.92
N GLU A 17 1.38 16.37 -2.68
CA GLU A 17 0.67 15.14 -2.36
C GLU A 17 -0.35 14.80 -3.43
N SER A 18 -0.90 15.82 -4.06
CA SER A 18 -1.90 15.64 -5.11
C SER A 18 -1.51 14.50 -6.04
N GLN A 19 -0.21 14.38 -6.30
CA GLN A 19 0.30 13.34 -7.18
C GLN A 19 0.02 11.96 -6.60
N ALA A 20 0.55 11.72 -5.39
CA ALA A 20 0.36 10.44 -4.72
C ALA A 20 -1.11 10.15 -4.48
N ASP A 21 -1.88 11.20 -4.21
CA ASP A 21 -3.31 11.07 -3.95
C ASP A 21 -4.05 10.73 -5.25
N TYR A 22 -3.68 11.41 -6.32
CA TYR A 22 -4.32 11.18 -7.62
C TYR A 22 -4.12 9.74 -8.08
N ILE A 23 -3.03 9.13 -7.64
CA ILE A 23 -2.72 7.75 -8.00
C ILE A 23 -3.34 6.77 -7.02
N SER A 24 -2.93 6.86 -5.76
CA SER A 24 -3.45 5.98 -4.72
C SER A 24 -4.92 5.67 -4.96
N THR A 25 -5.67 6.69 -5.36
CA THR A 25 -7.10 6.52 -5.62
C THR A 25 -7.41 5.14 -6.17
N TYR A 26 -6.64 4.73 -7.18
CA TYR A 26 -6.82 3.42 -7.80
C TYR A 26 -5.60 2.53 -7.57
N VAL A 27 -5.74 1.59 -6.64
CA VAL A 27 -4.65 0.67 -6.32
C VAL A 27 -5.19 -0.66 -5.78
N GLU A 28 -4.43 -1.72 -5.98
CA GLU A 28 -4.83 -3.04 -5.50
C GLU A 28 -3.68 -3.74 -4.80
N TRP A 29 -3.98 -4.37 -3.66
CA TRP A 29 -2.96 -5.07 -2.89
C TRP A 29 -3.42 -6.50 -2.57
N GLN A 30 -2.63 -7.48 -3.00
CA GLN A 30 -2.95 -8.87 -2.76
C GLN A 30 -1.76 -9.61 -2.17
N TYR A 31 -2.04 -10.64 -1.38
CA TYR A 31 -0.99 -11.43 -0.75
C TYR A 31 -1.01 -12.87 -1.24
N ILE A 32 0.17 -13.43 -1.48
CA ILE A 32 0.28 -14.81 -1.95
C ILE A 32 0.50 -15.78 -0.79
N ASP A 33 -0.53 -16.53 -0.45
CA ASP A 33 -0.44 -17.50 0.64
C ASP A 33 0.37 -18.71 0.23
N LYS A 34 0.74 -19.54 1.20
CA LYS A 34 1.52 -20.73 0.94
C LYS A 34 1.25 -21.27 -0.46
N ASN A 35 0.07 -21.84 -0.65
CA ASN A 35 -0.32 -22.39 -1.94
C ASN A 35 -1.61 -21.75 -2.44
N ILE A 36 -1.94 -20.59 -1.90
CA ILE A 36 -3.14 -19.87 -2.29
C ILE A 36 -2.85 -18.40 -2.55
N THR A 37 -3.61 -17.81 -3.46
CA THR A 37 -3.43 -16.39 -3.80
C THR A 37 -4.70 -15.60 -3.52
N GLN A 38 -4.73 -14.94 -2.37
CA GLN A 38 -5.88 -14.13 -1.98
C GLN A 38 -5.52 -12.66 -1.93
N CYS A 39 -6.53 -11.81 -1.69
CA CYS A 39 -6.32 -10.38 -1.61
C CYS A 39 -6.81 -9.82 -0.29
N PHE A 40 -6.33 -8.63 0.07
CA PHE A 40 -6.72 -8.00 1.32
C PHE A 40 -8.07 -7.32 1.19
N ASP A 41 -8.70 -7.03 2.32
CA ASP A 41 -10.01 -6.37 2.34
C ASP A 41 -9.92 -4.98 1.73
N LYS A 42 -11.08 -4.39 1.44
CA LYS A 42 -11.14 -3.06 0.84
C LYS A 42 -10.58 -2.02 1.81
N MET A 43 -10.58 -2.35 3.10
CA MET A 43 -10.08 -1.44 4.12
C MET A 43 -8.57 -1.61 4.32
N THR A 44 -8.11 -2.86 4.26
CA THR A 44 -6.70 -3.15 4.43
C THR A 44 -5.90 -2.82 3.17
N ASN A 45 -6.51 -3.08 2.02
CA ASN A 45 -5.87 -2.82 0.73
C ASN A 45 -5.13 -1.48 0.77
N MET A 46 -5.75 -0.48 1.40
CA MET A 46 -5.14 0.84 1.51
C MET A 46 -4.07 0.86 2.59
N LYS A 47 -4.36 0.23 3.71
CA LYS A 47 -3.42 0.19 4.83
C LYS A 47 -2.02 -0.13 4.34
N LEU A 48 -1.93 -0.82 3.21
CA LEU A 48 -0.64 -1.19 2.63
C LEU A 48 -0.15 -0.11 1.68
N GLU A 49 -0.99 0.25 0.72
CA GLU A 49 -0.63 1.28 -0.26
C GLU A 49 -0.14 2.54 0.43
N VAL A 50 -0.83 2.94 1.49
CA VAL A 50 -0.46 4.13 2.24
C VAL A 50 0.97 4.03 2.75
N ALA A 51 1.39 2.82 3.10
CA ALA A 51 2.73 2.59 3.60
C ALA A 51 3.76 2.57 2.46
N TRP A 52 3.32 2.12 1.29
CA TRP A 52 4.19 2.06 0.12
C TRP A 52 4.41 3.44 -0.48
N LYS A 53 3.43 4.32 -0.31
CA LYS A 53 3.51 5.68 -0.83
C LYS A 53 4.14 6.61 0.20
N ALA A 54 3.90 6.33 1.48
CA ALA A 54 4.45 7.15 2.56
C ALA A 54 5.93 6.88 2.74
N LYS A 55 6.50 6.07 1.85
CA LYS A 55 7.92 5.74 1.92
C LYS A 55 8.25 4.98 3.20
N LYS A 56 7.31 4.15 3.64
CA LYS A 56 7.51 3.36 4.86
C LYS A 56 8.38 2.14 4.58
N LYS A 57 8.88 1.52 5.65
CA LYS A 57 9.73 0.35 5.53
C LYS A 57 8.90 -0.93 5.63
N ASP A 58 7.88 -0.90 6.46
CA ASP A 58 6.99 -2.05 6.65
C ASP A 58 5.72 -1.66 7.38
N THR A 59 4.63 -2.34 7.06
CA THR A 59 3.34 -2.06 7.68
C THR A 59 2.70 -3.33 8.22
N VAL A 60 2.14 -3.23 9.43
CA VAL A 60 1.50 -4.39 10.07
C VAL A 60 0.02 -4.42 9.75
N VAL A 61 -0.49 -5.62 9.43
CA VAL A 61 -1.89 -5.79 9.10
C VAL A 61 -2.43 -7.09 9.70
N GLN A 62 -3.74 -7.10 9.99
CA GLN A 62 -4.38 -8.27 10.57
C GLN A 62 -4.71 -9.30 9.49
N ILE A 63 -3.93 -10.38 9.46
CA ILE A 63 -4.13 -11.44 8.48
C ILE A 63 -4.47 -12.76 9.16
N HIS A 64 -5.61 -13.33 8.81
CA HIS A 64 -6.04 -14.61 9.38
C HIS A 64 -6.27 -14.47 10.88
N ASN A 65 -6.74 -13.30 11.30
CA ASN A 65 -7.00 -13.04 12.72
C ASN A 65 -5.69 -12.98 13.51
N GLN A 66 -4.61 -12.62 12.82
CA GLN A 66 -3.31 -12.52 13.46
C GLN A 66 -2.48 -11.41 12.85
N ASP A 67 -1.92 -10.55 13.70
CA ASP A 67 -1.11 -9.43 13.22
C ASP A 67 0.12 -9.94 12.47
N PHE A 68 0.37 -9.36 11.30
CA PHE A 68 1.51 -9.75 10.48
C PHE A 68 2.32 -8.52 10.06
N THR A 69 3.60 -8.74 9.80
CA THR A 69 4.49 -7.65 9.38
C THR A 69 4.76 -7.70 7.89
N VAL A 70 4.18 -6.75 7.16
CA VAL A 70 4.36 -6.68 5.71
C VAL A 70 5.46 -5.70 5.34
N ASP A 71 6.55 -6.23 4.78
CA ASP A 71 7.68 -5.40 4.37
C ASP A 71 7.53 -4.96 2.92
N LEU A 72 7.49 -3.65 2.70
CA LEU A 72 7.35 -3.10 1.36
C LEU A 72 8.65 -3.27 0.57
N SER A 73 9.78 -3.02 1.22
CA SER A 73 11.08 -3.14 0.58
C SER A 73 11.14 -4.40 -0.28
N THR A 74 10.78 -5.53 0.31
CA THR A 74 10.79 -6.81 -0.40
C THR A 74 9.39 -7.24 -0.80
N ASN A 75 8.39 -6.64 -0.15
CA ASN A 75 6.99 -6.95 -0.44
C ASN A 75 6.65 -8.37 0.02
N THR A 76 6.90 -8.65 1.29
CA THR A 76 6.62 -9.96 1.85
C THR A 76 6.14 -9.85 3.29
N ALA A 77 5.12 -10.63 3.63
CA ALA A 77 4.57 -10.62 4.98
C ALA A 77 5.22 -11.70 5.84
N THR A 78 5.31 -11.44 7.15
CA THR A 78 5.91 -12.39 8.08
C THR A 78 5.32 -12.23 9.47
N ALA A 79 5.20 -13.34 10.19
CA ALA A 79 4.65 -13.32 11.54
C ALA A 79 5.48 -14.21 12.47
N PRO A 80 5.44 -13.89 13.78
CA PRO A 80 6.18 -14.64 14.80
C PRO A 80 5.60 -16.03 15.02
N GLN A 81 4.56 -16.36 14.26
CA GLN A 81 3.91 -17.67 14.38
C GLN A 81 4.60 -18.70 13.49
N GLY A 82 5.04 -18.26 12.31
CA GLY A 82 5.71 -19.16 11.39
C GLY A 82 5.07 -19.18 10.03
N GLN A 83 4.51 -18.04 9.62
CA GLN A 83 3.84 -17.93 8.32
C GLN A 83 4.31 -16.69 7.57
N THR A 84 4.61 -16.85 6.29
CA THR A 84 5.07 -15.75 5.46
C THR A 84 4.35 -15.73 4.12
N PHE A 85 4.13 -14.54 3.58
CA PHE A 85 3.45 -14.39 2.29
C PHE A 85 4.13 -13.31 1.45
N THR A 86 3.66 -13.15 0.22
CA THR A 86 4.22 -12.16 -0.69
C THR A 86 3.14 -11.16 -1.13
N VAL A 87 3.42 -9.87 -0.92
CA VAL A 87 2.49 -8.82 -1.30
C VAL A 87 2.87 -8.20 -2.64
N GLN A 88 1.88 -8.00 -3.50
CA GLN A 88 2.11 -7.42 -4.82
C GLN A 88 1.27 -6.17 -5.01
N ARG A 89 1.83 -5.18 -5.69
CA ARG A 89 1.12 -3.92 -5.94
C ARG A 89 0.65 -3.86 -7.40
N LEU A 90 -0.65 -3.62 -7.57
CA LEU A 90 -1.23 -3.54 -8.91
C LEU A 90 -2.06 -2.27 -9.06
N VAL A 91 -1.88 -1.58 -10.18
CA VAL A 91 -2.62 -0.35 -10.45
C VAL A 91 -3.88 -0.63 -11.25
N LYS A 92 -5.02 -0.23 -10.71
CA LYS A 92 -6.31 -0.44 -11.37
C LYS A 92 -6.53 0.62 -12.46
N ALA A 93 -6.31 0.22 -13.71
CA ALA A 93 -6.49 1.11 -14.84
C ALA A 93 -6.86 0.34 -16.10
N SER A 94 -7.84 0.86 -16.84
CA SER A 94 -8.31 0.21 -18.06
C SER A 94 -8.50 1.24 -19.17
N GLY A 95 -7.75 1.08 -20.26
CA GLY A 95 -7.87 2.01 -21.37
C GLY A 95 -6.87 1.71 -22.47
N PRO A 96 -7.27 1.96 -23.72
CA PRO A 96 -6.42 1.72 -24.90
C PRO A 96 -5.26 2.71 -24.98
N SER A 97 -4.07 2.25 -24.60
CA SER A 97 -2.88 3.10 -24.62
C SER A 97 -1.69 2.32 -25.16
N SER A 98 -0.88 3.00 -25.98
CA SER A 98 0.30 2.37 -26.57
C SER A 98 1.57 2.83 -25.86
N GLY A 99 1.68 4.14 -25.65
CA GLY A 99 2.85 4.68 -24.98
C GLY A 99 2.63 4.86 -23.49
N GLY A 1 -17.23 41.12 3.54
CA GLY A 1 -16.13 40.34 4.06
C GLY A 1 -14.86 40.49 3.23
N SER A 2 -14.61 39.54 2.33
CA SER A 2 -13.43 39.58 1.48
C SER A 2 -13.72 38.97 0.12
N SER A 3 -13.11 39.54 -0.92
CA SER A 3 -13.30 39.06 -2.28
C SER A 3 -13.45 37.54 -2.31
N GLY A 4 -12.49 36.86 -1.68
CA GLY A 4 -12.53 35.40 -1.64
C GLY A 4 -11.16 34.79 -1.41
N SER A 5 -11.13 33.47 -1.26
CA SER A 5 -9.87 32.77 -1.02
C SER A 5 -9.42 32.02 -2.28
N SER A 6 -8.12 32.06 -2.55
CA SER A 6 -7.57 31.38 -3.73
C SER A 6 -6.06 31.21 -3.59
N GLY A 7 -5.50 30.31 -4.40
CA GLY A 7 -4.08 30.05 -4.36
C GLY A 7 -3.29 30.99 -5.25
N LYS A 8 -2.43 31.81 -4.65
CA LYS A 8 -1.61 32.76 -5.39
C LYS A 8 -0.14 32.60 -5.05
N SER A 9 0.19 32.80 -3.77
CA SER A 9 1.56 32.68 -3.31
C SER A 9 2.13 31.30 -3.63
N ILE A 10 3.42 31.25 -3.91
CA ILE A 10 4.08 29.99 -4.23
C ILE A 10 5.27 29.74 -3.30
N ARG A 11 5.03 28.98 -2.24
CA ARG A 11 6.08 28.66 -1.28
C ARG A 11 6.14 27.16 -1.00
N LEU A 12 7.32 26.67 -0.67
CA LEU A 12 7.51 25.25 -0.38
C LEU A 12 6.32 24.69 0.40
N ALA A 13 5.63 23.72 -0.20
CA ALA A 13 4.48 23.10 0.44
C ALA A 13 4.13 21.78 -0.24
N LYS A 14 3.27 21.00 0.40
CA LYS A 14 2.85 19.71 -0.13
C LYS A 14 1.93 19.89 -1.33
N GLU A 15 2.53 20.15 -2.49
CA GLU A 15 1.76 20.35 -3.72
C GLU A 15 1.65 19.04 -4.51
N LYS A 16 2.80 18.41 -4.77
CA LYS A 16 2.83 17.16 -5.51
C LYS A 16 1.69 16.24 -5.09
N GLU A 17 1.28 16.36 -3.83
CA GLU A 17 0.19 15.54 -3.30
C GLU A 17 -0.90 15.34 -4.35
N SER A 18 -1.06 16.33 -5.22
CA SER A 18 -2.07 16.27 -6.27
C SER A 18 -2.08 14.90 -6.93
N GLN A 19 -0.90 14.38 -7.24
CA GLN A 19 -0.77 13.09 -7.89
C GLN A 19 -0.87 11.95 -6.86
N ALA A 20 -0.28 12.18 -5.69
CA ALA A 20 -0.31 11.19 -4.62
C ALA A 20 -1.69 10.54 -4.51
N ASP A 21 -2.71 11.37 -4.31
CA ASP A 21 -4.07 10.88 -4.18
C ASP A 21 -4.60 10.39 -5.53
N TYR A 22 -4.23 11.08 -6.60
CA TYR A 22 -4.67 10.72 -7.94
C TYR A 22 -4.39 9.25 -8.22
N ILE A 23 -3.24 8.77 -7.75
CA ILE A 23 -2.85 7.37 -7.95
C ILE A 23 -3.41 6.49 -6.85
N SER A 24 -3.00 6.76 -5.61
CA SER A 24 -3.46 5.98 -4.46
C SER A 24 -4.98 5.81 -4.49
N THR A 25 -5.69 6.90 -4.74
CA THR A 25 -7.14 6.87 -4.80
C THR A 25 -7.64 5.55 -5.39
N TYR A 26 -6.87 4.99 -6.32
CA TYR A 26 -7.24 3.74 -6.96
C TYR A 26 -6.06 2.78 -6.98
N VAL A 27 -6.08 1.79 -6.09
CA VAL A 27 -5.02 0.81 -6.00
C VAL A 27 -5.52 -0.50 -5.41
N GLU A 28 -4.81 -1.59 -5.70
CA GLU A 28 -5.19 -2.90 -5.19
C GLU A 28 -3.97 -3.66 -4.68
N TRP A 29 -4.10 -4.27 -3.50
CA TRP A 29 -3.01 -5.03 -2.90
C TRP A 29 -3.44 -6.46 -2.60
N GLN A 30 -2.65 -7.41 -3.06
CA GLN A 30 -2.95 -8.83 -2.84
C GLN A 30 -1.75 -9.56 -2.23
N TYR A 31 -2.03 -10.61 -1.47
CA TYR A 31 -0.96 -11.38 -0.84
C TYR A 31 -0.99 -12.83 -1.32
N ILE A 32 0.19 -13.40 -1.52
CA ILE A 32 0.31 -14.79 -1.97
C ILE A 32 0.51 -15.74 -0.80
N ASP A 33 -0.53 -16.51 -0.48
CA ASP A 33 -0.47 -17.46 0.62
C ASP A 33 0.38 -18.67 0.25
N LYS A 34 0.73 -19.48 1.24
CA LYS A 34 1.54 -20.66 1.01
C LYS A 34 1.30 -21.23 -0.38
N ASN A 35 0.13 -21.80 -0.59
CA ASN A 35 -0.22 -22.38 -1.89
C ASN A 35 -1.50 -21.75 -2.44
N ILE A 36 -1.86 -20.60 -1.89
CA ILE A 36 -3.07 -19.89 -2.34
C ILE A 36 -2.77 -18.42 -2.60
N THR A 37 -3.55 -17.82 -3.51
CA THR A 37 -3.38 -16.42 -3.84
C THR A 37 -4.65 -15.62 -3.57
N GLN A 38 -4.69 -14.96 -2.42
CA GLN A 38 -5.85 -14.17 -2.04
C GLN A 38 -5.50 -12.68 -1.99
N CYS A 39 -6.52 -11.85 -1.77
CA CYS A 39 -6.32 -10.40 -1.69
C CYS A 39 -6.68 -9.87 -0.31
N PHE A 40 -6.23 -8.66 -0.02
CA PHE A 40 -6.51 -8.03 1.26
C PHE A 40 -7.94 -7.50 1.32
N ASP A 41 -8.38 -7.08 2.50
CA ASP A 41 -9.72 -6.54 2.67
C ASP A 41 -9.86 -5.19 1.97
N LYS A 42 -11.07 -4.63 2.04
CA LYS A 42 -11.34 -3.34 1.41
C LYS A 42 -10.70 -2.21 2.20
N MET A 43 -10.53 -2.42 3.49
CA MET A 43 -9.93 -1.41 4.36
C MET A 43 -8.43 -1.64 4.50
N THR A 44 -8.01 -2.89 4.43
CA THR A 44 -6.61 -3.25 4.55
C THR A 44 -5.85 -2.92 3.26
N ASN A 45 -6.51 -3.10 2.12
CA ASN A 45 -5.90 -2.81 0.84
C ASN A 45 -5.13 -1.50 0.88
N MET A 46 -5.72 -0.49 1.51
CA MET A 46 -5.09 0.82 1.63
C MET A 46 -3.97 0.80 2.66
N LYS A 47 -4.17 0.05 3.74
CA LYS A 47 -3.17 -0.07 4.79
C LYS A 47 -1.80 -0.41 4.23
N LEU A 48 -1.80 -0.97 3.01
CA LEU A 48 -0.55 -1.34 2.36
C LEU A 48 -0.08 -0.25 1.41
N GLU A 49 -0.97 0.16 0.50
CA GLU A 49 -0.65 1.20 -0.47
C GLU A 49 -0.15 2.46 0.23
N VAL A 50 -0.77 2.78 1.38
CA VAL A 50 -0.40 3.96 2.14
C VAL A 50 1.06 3.87 2.59
N ALA A 51 1.43 2.72 3.15
CA ALA A 51 2.79 2.52 3.62
C ALA A 51 3.79 2.55 2.48
N TRP A 52 3.37 2.03 1.33
CA TRP A 52 4.24 2.00 0.14
C TRP A 52 4.45 3.40 -0.41
N LYS A 53 3.40 4.21 -0.37
CA LYS A 53 3.48 5.59 -0.87
C LYS A 53 4.13 6.51 0.16
N ALA A 54 3.94 6.19 1.44
CA ALA A 54 4.52 6.98 2.51
C ALA A 54 6.00 6.65 2.72
N LYS A 55 6.57 5.93 1.75
CA LYS A 55 7.97 5.54 1.82
C LYS A 55 8.27 4.80 3.13
N LYS A 56 7.33 3.98 3.57
CA LYS A 56 7.49 3.23 4.81
C LYS A 56 8.31 1.96 4.56
N LYS A 57 8.90 1.43 5.63
CA LYS A 57 9.71 0.22 5.54
C LYS A 57 8.84 -1.03 5.62
N ASP A 58 7.80 -0.97 6.46
CA ASP A 58 6.89 -2.09 6.62
C ASP A 58 5.60 -1.64 7.30
N THR A 59 4.52 -2.35 7.03
CA THR A 59 3.22 -2.02 7.61
C THR A 59 2.54 -3.27 8.18
N VAL A 60 2.14 -3.20 9.45
CA VAL A 60 1.48 -4.31 10.11
C VAL A 60 0.00 -4.36 9.77
N VAL A 61 -0.51 -5.55 9.49
CA VAL A 61 -1.91 -5.73 9.16
C VAL A 61 -2.46 -7.02 9.77
N GLN A 62 -3.78 -7.04 9.99
CA GLN A 62 -4.42 -8.21 10.57
C GLN A 62 -4.74 -9.24 9.51
N ILE A 63 -4.00 -10.33 9.49
CA ILE A 63 -4.20 -11.40 8.52
C ILE A 63 -4.55 -12.72 9.21
N HIS A 64 -5.72 -13.26 8.90
CA HIS A 64 -6.16 -14.51 9.48
C HIS A 64 -6.35 -14.37 10.99
N ASN A 65 -6.84 -13.21 11.41
CA ASN A 65 -7.06 -12.95 12.83
C ASN A 65 -5.75 -12.88 13.59
N GLN A 66 -4.68 -12.55 12.87
CA GLN A 66 -3.36 -12.44 13.48
C GLN A 66 -2.53 -11.34 12.82
N ASP A 67 -2.00 -10.44 13.64
CA ASP A 67 -1.20 -9.33 13.14
C ASP A 67 0.05 -9.84 12.41
N PHE A 68 0.31 -9.29 11.24
CA PHE A 68 1.47 -9.70 10.44
C PHE A 68 2.28 -8.48 10.01
N THR A 69 3.59 -8.68 9.85
CA THR A 69 4.47 -7.60 9.44
C THR A 69 4.76 -7.65 7.95
N VAL A 70 4.14 -6.74 7.20
CA VAL A 70 4.33 -6.69 5.75
C VAL A 70 5.44 -5.72 5.38
N ASP A 71 6.55 -6.27 4.87
CA ASP A 71 7.69 -5.45 4.47
C ASP A 71 7.57 -5.03 3.01
N LEU A 72 7.49 -3.73 2.77
CA LEU A 72 7.38 -3.20 1.42
C LEU A 72 8.70 -3.35 0.67
N SER A 73 9.80 -3.02 1.35
CA SER A 73 11.12 -3.10 0.74
C SER A 73 11.25 -4.36 -0.12
N THR A 74 10.75 -5.47 0.39
CA THR A 74 10.80 -6.74 -0.34
C THR A 74 9.42 -7.18 -0.77
N ASN A 75 8.39 -6.64 -0.12
CA ASN A 75 7.01 -6.98 -0.44
C ASN A 75 6.68 -8.40 0.02
N THR A 76 6.89 -8.66 1.31
CA THR A 76 6.62 -9.97 1.88
C THR A 76 6.13 -9.85 3.32
N ALA A 77 5.12 -10.63 3.65
CA ALA A 77 4.55 -10.61 5.01
C ALA A 77 5.20 -11.68 5.88
N THR A 78 5.31 -11.40 7.18
CA THR A 78 5.91 -12.33 8.12
C THR A 78 5.32 -12.16 9.51
N ALA A 79 5.20 -13.26 10.24
CA ALA A 79 4.66 -13.23 11.60
C ALA A 79 5.47 -14.12 12.53
N PRO A 80 5.42 -13.81 13.84
CA PRO A 80 6.14 -14.57 14.86
C PRO A 80 5.56 -15.96 15.07
N GLN A 81 4.53 -16.29 14.29
CA GLN A 81 3.88 -17.60 14.39
C GLN A 81 4.57 -18.62 13.50
N GLY A 82 4.99 -18.18 12.31
CA GLY A 82 5.67 -19.09 11.40
C GLY A 82 5.01 -19.11 10.04
N GLN A 83 4.48 -17.96 9.60
CA GLN A 83 3.82 -17.86 8.31
C GLN A 83 4.29 -16.62 7.56
N THR A 84 4.63 -16.80 6.29
CA THR A 84 5.10 -15.70 5.45
C THR A 84 4.40 -15.69 4.11
N PHE A 85 4.13 -14.50 3.59
CA PHE A 85 3.46 -14.36 2.30
C PHE A 85 4.14 -13.28 1.45
N THR A 86 3.68 -13.14 0.21
CA THR A 86 4.24 -12.15 -0.71
C THR A 86 3.18 -11.16 -1.15
N VAL A 87 3.45 -9.87 -0.92
CA VAL A 87 2.52 -8.82 -1.30
C VAL A 87 2.91 -8.19 -2.63
N GLN A 88 1.92 -7.94 -3.48
CA GLN A 88 2.16 -7.36 -4.79
C GLN A 88 1.29 -6.12 -5.00
N ARG A 89 1.86 -5.10 -5.63
CA ARG A 89 1.13 -3.86 -5.89
C ARG A 89 0.63 -3.82 -7.33
N LEU A 90 -0.65 -3.50 -7.49
CA LEU A 90 -1.26 -3.43 -8.81
C LEU A 90 -2.07 -2.14 -8.98
N VAL A 91 -1.94 -1.51 -10.14
CA VAL A 91 -2.66 -0.27 -10.42
C VAL A 91 -3.92 -0.54 -11.23
N LYS A 92 -5.06 -0.12 -10.70
CA LYS A 92 -6.34 -0.31 -11.37
C LYS A 92 -6.56 0.76 -12.45
N ALA A 93 -5.98 0.53 -13.62
CA ALA A 93 -6.11 1.48 -14.72
C ALA A 93 -7.58 1.61 -15.15
N SER A 94 -7.97 2.85 -15.49
CA SER A 94 -9.34 3.11 -15.91
C SER A 94 -9.38 3.54 -17.38
N GLY A 95 -9.93 2.68 -18.23
CA GLY A 95 -10.04 2.99 -19.65
C GLY A 95 -8.99 2.26 -20.46
N PRO A 96 -9.43 1.61 -21.55
CA PRO A 96 -8.55 0.86 -22.44
C PRO A 96 -7.63 1.76 -23.24
N SER A 97 -6.47 1.22 -23.64
CA SER A 97 -5.50 1.99 -24.41
C SER A 97 -4.79 1.10 -25.42
N SER A 98 -5.11 1.28 -26.70
CA SER A 98 -4.50 0.50 -27.76
C SER A 98 -4.67 1.18 -29.11
N GLY A 99 -3.89 0.74 -30.10
CA GLY A 99 -3.97 1.32 -31.42
C GLY A 99 -2.61 1.70 -31.97
N GLY A 1 12.84 40.18 -23.60
CA GLY A 1 13.20 38.93 -22.95
C GLY A 1 13.40 39.10 -21.46
N SER A 2 12.65 38.31 -20.69
CA SER A 2 12.74 38.37 -19.23
C SER A 2 13.12 37.01 -18.65
N SER A 3 14.41 36.82 -18.41
CA SER A 3 14.90 35.56 -17.85
C SER A 3 15.25 35.72 -16.37
N GLY A 4 15.10 34.62 -15.63
CA GLY A 4 15.40 34.66 -14.21
C GLY A 4 16.88 34.58 -13.92
N SER A 5 17.35 35.44 -13.02
CA SER A 5 18.77 35.47 -12.67
C SER A 5 18.96 35.25 -11.17
N SER A 6 18.22 36.01 -10.37
CA SER A 6 18.31 35.91 -8.91
C SER A 6 17.88 34.52 -8.45
N GLY A 7 18.70 33.90 -7.60
CA GLY A 7 18.40 32.59 -7.10
C GLY A 7 17.95 32.61 -5.65
N LYS A 8 17.44 31.47 -5.18
CA LYS A 8 16.97 31.37 -3.80
C LYS A 8 16.64 29.92 -3.44
N SER A 9 16.71 29.60 -2.15
CA SER A 9 16.43 28.25 -1.69
C SER A 9 14.99 27.85 -2.02
N ILE A 10 14.70 26.56 -1.91
CA ILE A 10 13.37 26.05 -2.20
C ILE A 10 12.38 26.43 -1.10
N ARG A 11 11.09 26.42 -1.44
CA ARG A 11 10.06 26.76 -0.48
C ARG A 11 9.49 25.51 0.19
N LEU A 12 9.32 24.46 -0.60
CA LEU A 12 8.79 23.19 -0.09
C LEU A 12 9.26 22.02 -0.94
N ALA A 13 9.26 20.83 -0.35
CA ALA A 13 9.68 19.63 -1.06
C ALA A 13 8.49 18.70 -1.32
N LYS A 14 8.66 17.77 -2.26
CA LYS A 14 7.61 16.82 -2.60
C LYS A 14 6.39 17.54 -3.15
N GLU A 15 6.63 18.55 -3.99
CA GLU A 15 5.55 19.32 -4.60
C GLU A 15 4.64 18.42 -5.43
N LYS A 16 5.25 17.60 -6.29
CA LYS A 16 4.50 16.69 -7.15
C LYS A 16 3.69 15.71 -6.33
N GLU A 17 4.21 15.35 -5.16
CA GLU A 17 3.53 14.42 -4.27
C GLU A 17 2.01 14.64 -4.30
N SER A 18 1.62 15.89 -4.54
CA SER A 18 0.20 16.23 -4.60
C SER A 18 -0.58 15.24 -5.44
N GLN A 19 -0.04 14.93 -6.62
CA GLN A 19 -0.68 13.99 -7.53
C GLN A 19 -0.49 12.55 -7.05
N ALA A 20 0.72 12.24 -6.57
CA ALA A 20 1.03 10.90 -6.08
C ALA A 20 -0.06 10.40 -5.13
N ASP A 21 -0.24 11.11 -4.02
CA ASP A 21 -1.24 10.74 -3.03
C ASP A 21 -2.57 10.42 -3.70
N TYR A 22 -2.96 11.25 -4.68
CA TYR A 22 -4.21 11.05 -5.39
C TYR A 22 -4.26 9.67 -6.04
N ILE A 23 -3.24 9.36 -6.84
CA ILE A 23 -3.17 8.07 -7.52
C ILE A 23 -3.64 6.95 -6.60
N SER A 24 -3.12 6.93 -5.38
CA SER A 24 -3.48 5.90 -4.41
C SER A 24 -4.98 5.59 -4.48
N THR A 25 -5.78 6.64 -4.63
CA THR A 25 -7.23 6.47 -4.71
C THR A 25 -7.61 5.18 -5.41
N TYR A 26 -6.81 4.79 -6.40
CA TYR A 26 -7.06 3.57 -7.16
C TYR A 26 -5.83 2.66 -7.14
N VAL A 27 -5.87 1.62 -6.33
CA VAL A 27 -4.77 0.67 -6.23
C VAL A 27 -5.25 -0.69 -5.76
N GLU A 28 -4.46 -1.73 -6.05
CA GLU A 28 -4.81 -3.09 -5.68
C GLU A 28 -3.67 -3.75 -4.91
N TRP A 29 -4.00 -4.39 -3.80
CA TRP A 29 -2.99 -5.06 -2.98
C TRP A 29 -3.43 -6.49 -2.66
N GLN A 30 -2.68 -7.46 -3.16
CA GLN A 30 -2.99 -8.87 -2.91
C GLN A 30 -1.79 -9.61 -2.33
N TYR A 31 -2.06 -10.65 -1.55
CA TYR A 31 -1.00 -11.43 -0.94
C TYR A 31 -1.02 -12.88 -1.42
N ILE A 32 0.16 -13.46 -1.59
CA ILE A 32 0.26 -14.84 -2.05
C ILE A 32 0.48 -15.79 -0.89
N ASP A 33 -0.55 -16.55 -0.54
CA ASP A 33 -0.48 -17.51 0.55
C ASP A 33 0.33 -18.74 0.15
N LYS A 34 0.69 -19.55 1.13
CA LYS A 34 1.47 -20.76 0.88
C LYS A 34 1.21 -21.29 -0.53
N ASN A 35 0.04 -21.89 -0.73
CA ASN A 35 -0.32 -22.43 -2.03
C ASN A 35 -1.61 -21.79 -2.54
N ILE A 36 -1.96 -20.64 -1.98
CA ILE A 36 -3.17 -19.92 -2.39
C ILE A 36 -2.87 -18.46 -2.63
N THR A 37 -3.60 -17.86 -3.58
CA THR A 37 -3.42 -16.45 -3.91
C THR A 37 -4.69 -15.66 -3.63
N GLN A 38 -4.72 -14.97 -2.49
CA GLN A 38 -5.87 -14.18 -2.11
C GLN A 38 -5.53 -12.68 -2.09
N CYS A 39 -6.52 -11.86 -1.77
CA CYS A 39 -6.32 -10.41 -1.71
C CYS A 39 -6.75 -9.85 -0.37
N PHE A 40 -6.29 -8.64 -0.07
CA PHE A 40 -6.63 -7.99 1.20
C PHE A 40 -8.00 -7.31 1.11
N ASP A 41 -8.59 -7.06 2.27
CA ASP A 41 -9.91 -6.42 2.33
C ASP A 41 -9.79 -4.93 2.04
N LYS A 42 -10.78 -4.40 1.31
CA LYS A 42 -10.79 -2.98 0.96
C LYS A 42 -10.30 -2.13 2.12
N MET A 43 -10.43 -2.64 3.34
CA MET A 43 -9.99 -1.94 4.53
C MET A 43 -8.48 -1.95 4.64
N THR A 44 -7.89 -3.13 4.49
CA THR A 44 -6.44 -3.28 4.58
C THR A 44 -5.75 -2.79 3.31
N ASN A 45 -6.35 -3.12 2.17
CA ASN A 45 -5.80 -2.73 0.87
C ASN A 45 -5.13 -1.36 0.98
N MET A 46 -5.81 -0.42 1.64
CA MET A 46 -5.28 0.93 1.80
C MET A 46 -4.15 0.95 2.82
N LYS A 47 -4.34 0.25 3.93
CA LYS A 47 -3.35 0.18 4.99
C LYS A 47 -1.97 -0.19 4.42
N LEU A 48 -1.98 -0.85 3.27
CA LEU A 48 -0.74 -1.25 2.62
C LEU A 48 -0.26 -0.18 1.64
N GLU A 49 -1.15 0.22 0.73
CA GLU A 49 -0.82 1.23 -0.27
C GLU A 49 -0.31 2.50 0.41
N VAL A 50 -0.87 2.82 1.57
CA VAL A 50 -0.48 4.01 2.31
C VAL A 50 0.99 3.92 2.74
N ALA A 51 1.39 2.76 3.22
CA ALA A 51 2.77 2.55 3.65
C ALA A 51 3.74 2.58 2.48
N TRP A 52 3.24 2.20 1.30
CA TRP A 52 4.07 2.20 0.10
C TRP A 52 4.30 3.62 -0.41
N LYS A 53 3.28 4.46 -0.28
CA LYS A 53 3.37 5.85 -0.72
C LYS A 53 4.03 6.72 0.35
N ALA A 54 3.91 6.30 1.61
CA ALA A 54 4.49 7.04 2.72
C ALA A 54 5.98 6.70 2.88
N LYS A 55 6.56 6.12 1.84
CA LYS A 55 7.97 5.74 1.86
C LYS A 55 8.30 4.97 3.13
N LYS A 56 7.38 4.11 3.56
CA LYS A 56 7.58 3.31 4.76
C LYS A 56 8.38 2.04 4.44
N LYS A 57 8.97 1.46 5.48
CA LYS A 57 9.77 0.25 5.31
C LYS A 57 8.88 -0.99 5.40
N ASP A 58 7.86 -0.93 6.24
CA ASP A 58 6.94 -2.05 6.41
C ASP A 58 5.69 -1.60 7.17
N THR A 59 4.58 -2.30 6.92
CA THR A 59 3.31 -1.98 7.58
C THR A 59 2.68 -3.23 8.17
N VAL A 60 2.21 -3.13 9.41
CA VAL A 60 1.57 -4.25 10.08
C VAL A 60 0.08 -4.30 9.76
N VAL A 61 -0.41 -5.50 9.48
CA VAL A 61 -1.83 -5.69 9.16
C VAL A 61 -2.36 -6.99 9.75
N GLN A 62 -3.66 -7.00 10.06
CA GLN A 62 -4.28 -8.19 10.64
C GLN A 62 -4.58 -9.23 9.56
N ILE A 63 -3.85 -10.33 9.57
CA ILE A 63 -4.04 -11.39 8.60
C ILE A 63 -4.36 -12.72 9.29
N HIS A 64 -5.53 -13.27 8.98
CA HIS A 64 -5.95 -14.54 9.57
C HIS A 64 -6.18 -14.40 11.07
N ASN A 65 -6.67 -13.24 11.48
CA ASN A 65 -6.94 -12.98 12.89
C ASN A 65 -5.63 -12.91 13.68
N GLN A 66 -4.55 -12.52 13.01
CA GLN A 66 -3.25 -12.42 13.65
C GLN A 66 -2.42 -11.30 13.04
N ASP A 67 -1.83 -10.48 13.89
CA ASP A 67 -1.01 -9.36 13.44
C ASP A 67 0.19 -9.86 12.64
N PHE A 68 0.40 -9.26 11.46
CA PHE A 68 1.50 -9.64 10.59
C PHE A 68 2.30 -8.41 10.16
N THR A 69 3.57 -8.63 9.81
CA THR A 69 4.44 -7.54 9.37
C THR A 69 4.70 -7.61 7.87
N VAL A 70 4.14 -6.66 7.13
CA VAL A 70 4.32 -6.63 5.69
C VAL A 70 5.46 -5.69 5.30
N ASP A 71 6.51 -6.24 4.72
CA ASP A 71 7.66 -5.45 4.30
C ASP A 71 7.52 -5.01 2.85
N LEU A 72 7.47 -3.71 2.63
CA LEU A 72 7.33 -3.17 1.28
C LEU A 72 8.62 -3.34 0.49
N SER A 73 9.76 -3.08 1.13
CA SER A 73 11.06 -3.21 0.49
C SER A 73 11.13 -4.51 -0.32
N THR A 74 10.82 -5.62 0.33
CA THR A 74 10.87 -6.93 -0.32
C THR A 74 9.46 -7.36 -0.75
N ASN A 75 8.45 -6.79 -0.11
CA ASN A 75 7.07 -7.12 -0.42
C ASN A 75 6.71 -8.52 0.06
N THR A 76 6.96 -8.78 1.33
CA THR A 76 6.67 -10.09 1.91
C THR A 76 6.16 -9.95 3.35
N ALA A 77 5.09 -10.68 3.66
CA ALA A 77 4.51 -10.65 4.99
C ALA A 77 5.10 -11.74 5.88
N THR A 78 5.27 -11.43 7.16
CA THR A 78 5.82 -12.39 8.11
C THR A 78 5.20 -12.21 9.49
N ALA A 79 5.09 -13.32 10.23
CA ALA A 79 4.52 -13.28 11.57
C ALA A 79 5.28 -14.20 12.52
N PRO A 80 5.25 -13.86 13.82
CA PRO A 80 5.94 -14.64 14.85
C PRO A 80 5.29 -16.00 15.08
N GLN A 81 4.25 -16.30 14.29
CA GLN A 81 3.55 -17.56 14.42
C GLN A 81 4.20 -18.65 13.56
N GLY A 82 4.70 -18.24 12.40
CA GLY A 82 5.35 -19.19 11.51
C GLY A 82 4.73 -19.20 10.12
N GLN A 83 4.25 -18.05 9.68
CA GLN A 83 3.63 -17.93 8.36
C GLN A 83 4.15 -16.70 7.63
N THR A 84 4.39 -16.86 6.33
CA THR A 84 4.89 -15.77 5.51
C THR A 84 4.24 -15.77 4.12
N PHE A 85 3.94 -14.58 3.61
CA PHE A 85 3.31 -14.44 2.31
C PHE A 85 4.02 -13.38 1.47
N THR A 86 3.60 -13.24 0.22
CA THR A 86 4.20 -12.27 -0.68
C THR A 86 3.17 -11.25 -1.15
N VAL A 87 3.46 -9.97 -0.93
CA VAL A 87 2.56 -8.90 -1.33
C VAL A 87 2.97 -8.30 -2.67
N GLN A 88 1.98 -8.06 -3.53
CA GLN A 88 2.24 -7.49 -4.86
C GLN A 88 1.37 -6.27 -5.09
N ARG A 89 1.97 -5.23 -5.66
CA ARG A 89 1.26 -4.00 -5.95
C ARG A 89 0.81 -3.95 -7.40
N LEU A 90 -0.46 -3.62 -7.62
CA LEU A 90 -1.02 -3.54 -8.97
C LEU A 90 -1.80 -2.26 -9.16
N VAL A 91 -1.65 -1.64 -10.33
CA VAL A 91 -2.35 -0.40 -10.65
C VAL A 91 -3.65 -0.68 -11.40
N LYS A 92 -4.76 -0.26 -10.83
CA LYS A 92 -6.07 -0.46 -11.45
C LYS A 92 -6.34 0.63 -12.49
N ALA A 93 -6.31 0.25 -13.76
CA ALA A 93 -6.56 1.20 -14.84
C ALA A 93 -7.98 1.06 -15.38
N SER A 94 -8.69 2.18 -15.48
CA SER A 94 -10.06 2.17 -15.97
C SER A 94 -10.11 2.62 -17.43
N GLY A 95 -10.46 1.68 -18.31
CA GLY A 95 -10.55 1.99 -19.73
C GLY A 95 -11.12 0.85 -20.55
N PRO A 96 -10.23 0.03 -21.12
CA PRO A 96 -10.63 -1.13 -21.93
C PRO A 96 -11.27 -2.24 -21.10
N SER A 97 -12.46 -2.66 -21.51
CA SER A 97 -13.18 -3.71 -20.81
C SER A 97 -13.07 -5.04 -21.55
N SER A 98 -12.93 -6.12 -20.79
CA SER A 98 -12.82 -7.45 -21.38
C SER A 98 -14.01 -7.75 -22.30
N GLY A 99 -13.71 -8.08 -23.55
CA GLY A 99 -14.75 -8.38 -24.51
C GLY A 99 -15.97 -7.49 -24.33
N GLY A 1 16.17 21.14 -1.75
CA GLY A 1 15.61 21.31 -3.07
C GLY A 1 15.35 22.76 -3.41
N SER A 2 14.19 23.03 -4.00
CA SER A 2 13.82 24.38 -4.39
C SER A 2 13.39 25.20 -3.17
N SER A 3 12.54 24.61 -2.35
CA SER A 3 12.04 25.28 -1.15
C SER A 3 12.93 24.95 0.06
N GLY A 4 13.02 25.90 0.98
CA GLY A 4 13.84 25.70 2.16
C GLY A 4 13.01 25.67 3.44
N SER A 5 12.42 26.80 3.79
CA SER A 5 11.61 26.89 5.00
C SER A 5 10.13 27.04 4.64
N SER A 6 9.29 26.24 5.29
CA SER A 6 7.85 26.29 5.04
C SER A 6 7.07 25.98 6.32
N GLY A 7 6.14 26.85 6.65
CA GLY A 7 5.32 26.65 7.84
C GLY A 7 5.03 25.20 8.11
N LYS A 8 5.54 24.68 9.23
CA LYS A 8 5.34 23.29 9.60
C LYS A 8 3.95 22.80 9.16
N SER A 9 3.89 21.58 8.66
CA SER A 9 2.63 21.00 8.20
C SER A 9 1.83 20.45 9.37
N ILE A 10 0.55 20.17 9.13
CA ILE A 10 -0.33 19.63 10.16
C ILE A 10 -0.48 18.12 10.03
N ARG A 11 0.48 17.38 10.58
CA ARG A 11 0.45 15.93 10.53
C ARG A 11 0.24 15.44 9.10
N LEU A 12 1.05 15.95 8.18
CA LEU A 12 0.96 15.57 6.78
C LEU A 12 2.23 14.86 6.32
N ALA A 13 2.29 14.52 5.04
CA ALA A 13 3.44 13.85 4.48
C ALA A 13 4.21 14.78 3.53
N LYS A 14 3.66 14.99 2.34
CA LYS A 14 4.30 15.85 1.35
C LYS A 14 3.27 16.40 0.38
N GLU A 15 3.39 17.69 0.06
CA GLU A 15 2.46 18.35 -0.86
C GLU A 15 2.24 17.49 -2.10
N LYS A 16 3.25 16.72 -2.47
CA LYS A 16 3.18 15.84 -3.64
C LYS A 16 1.86 15.08 -3.65
N GLU A 17 1.24 14.95 -2.49
CA GLU A 17 -0.03 14.24 -2.36
C GLU A 17 -0.96 14.59 -3.52
N SER A 18 -0.81 15.79 -4.06
CA SER A 18 -1.64 16.25 -5.17
C SER A 18 -1.64 15.23 -6.30
N GLN A 19 -0.47 14.68 -6.60
CA GLN A 19 -0.34 13.68 -7.65
C GLN A 19 -0.41 12.28 -7.09
N ALA A 20 0.36 12.03 -6.03
CA ALA A 20 0.39 10.72 -5.39
C ALA A 20 -1.02 10.21 -5.12
N ASP A 21 -1.83 11.02 -4.45
CA ASP A 21 -3.20 10.64 -4.13
C ASP A 21 -3.94 10.17 -5.38
N TYR A 22 -3.97 11.02 -6.39
CA TYR A 22 -4.64 10.70 -7.65
C TYR A 22 -4.37 9.26 -8.06
N ILE A 23 -3.13 8.83 -7.86
CA ILE A 23 -2.73 7.46 -8.21
C ILE A 23 -3.26 6.46 -7.19
N SER A 24 -3.09 6.78 -5.91
CA SER A 24 -3.55 5.91 -4.84
C SER A 24 -5.04 5.59 -4.99
N THR A 25 -5.82 6.61 -5.33
CA THR A 25 -7.26 6.45 -5.50
C THR A 25 -7.58 5.06 -6.05
N TYR A 26 -6.83 4.64 -7.06
CA TYR A 26 -7.05 3.33 -7.67
C TYR A 26 -5.83 2.44 -7.49
N VAL A 27 -5.93 1.49 -6.56
CA VAL A 27 -4.83 0.57 -6.29
C VAL A 27 -5.35 -0.74 -5.70
N GLU A 28 -4.62 -1.83 -5.95
CA GLU A 28 -5.01 -3.13 -5.45
C GLU A 28 -3.81 -3.85 -4.83
N TRP A 29 -4.01 -4.39 -3.64
CA TRP A 29 -2.94 -5.11 -2.93
C TRP A 29 -3.37 -6.55 -2.64
N GLN A 30 -2.61 -7.49 -3.17
CA GLN A 30 -2.90 -8.91 -2.96
C GLN A 30 -1.71 -9.63 -2.36
N TYR A 31 -1.98 -10.66 -1.56
CA TYR A 31 -0.93 -11.43 -0.91
C TYR A 31 -0.96 -12.88 -1.37
N ILE A 32 0.21 -13.50 -1.48
CA ILE A 32 0.32 -14.89 -1.89
C ILE A 32 0.50 -15.81 -0.70
N ASP A 33 -0.54 -16.57 -0.38
CA ASP A 33 -0.50 -17.50 0.74
C ASP A 33 0.34 -18.72 0.41
N LYS A 34 0.66 -19.51 1.43
CA LYS A 34 1.46 -20.71 1.24
C LYS A 34 1.27 -21.30 -0.17
N ASN A 35 0.10 -21.88 -0.39
CA ASN A 35 -0.22 -22.48 -1.68
C ASN A 35 -1.48 -21.86 -2.27
N ILE A 36 -1.85 -20.69 -1.76
CA ILE A 36 -3.04 -19.98 -2.24
C ILE A 36 -2.74 -18.52 -2.51
N THR A 37 -3.50 -17.92 -3.41
CA THR A 37 -3.32 -16.52 -3.75
C THR A 37 -4.59 -15.71 -3.48
N GLN A 38 -4.62 -15.04 -2.34
CA GLN A 38 -5.78 -14.23 -1.96
C GLN A 38 -5.43 -12.75 -1.98
N CYS A 39 -6.42 -11.91 -1.69
CA CYS A 39 -6.22 -10.47 -1.68
C CYS A 39 -6.74 -9.86 -0.37
N PHE A 40 -6.25 -8.67 -0.05
CA PHE A 40 -6.66 -7.98 1.17
C PHE A 40 -8.01 -7.29 0.98
N ASP A 41 -8.66 -6.97 2.10
CA ASP A 41 -9.96 -6.31 2.05
C ASP A 41 -9.83 -4.89 1.53
N LYS A 42 -10.97 -4.20 1.40
CA LYS A 42 -10.98 -2.83 0.90
C LYS A 42 -10.35 -1.88 1.92
N MET A 43 -10.55 -2.17 3.20
CA MET A 43 -10.00 -1.34 4.27
C MET A 43 -8.50 -1.58 4.42
N THR A 44 -8.09 -2.84 4.35
CA THR A 44 -6.67 -3.20 4.48
C THR A 44 -5.91 -2.84 3.21
N ASN A 45 -6.56 -2.98 2.07
CA ASN A 45 -5.93 -2.67 0.79
C ASN A 45 -5.15 -1.36 0.86
N MET A 46 -5.77 -0.34 1.45
CA MET A 46 -5.15 0.97 1.59
C MET A 46 -4.09 0.94 2.69
N LYS A 47 -4.37 0.20 3.75
CA LYS A 47 -3.46 0.09 4.88
C LYS A 47 -2.05 -0.27 4.40
N LEU A 48 -1.97 -0.87 3.23
CA LEU A 48 -0.68 -1.26 2.65
C LEU A 48 -0.17 -0.19 1.69
N GLU A 49 -1.02 0.20 0.74
CA GLU A 49 -0.65 1.21 -0.24
C GLU A 49 -0.14 2.48 0.45
N VAL A 50 -0.75 2.80 1.58
CA VAL A 50 -0.37 3.99 2.34
C VAL A 50 1.10 3.93 2.75
N ALA A 51 1.49 2.80 3.32
CA ALA A 51 2.87 2.62 3.76
C ALA A 51 3.84 2.67 2.58
N TRP A 52 3.38 2.21 1.42
CA TRP A 52 4.20 2.21 0.22
C TRP A 52 4.44 3.62 -0.28
N LYS A 53 3.41 4.47 -0.18
CA LYS A 53 3.50 5.86 -0.62
C LYS A 53 4.24 6.71 0.42
N ALA A 54 4.12 6.33 1.69
CA ALA A 54 4.77 7.06 2.77
C ALA A 54 6.23 6.63 2.91
N LYS A 55 6.76 6.00 1.87
CA LYS A 55 8.15 5.54 1.87
C LYS A 55 8.47 4.79 3.17
N LYS A 56 7.51 4.03 3.66
CA LYS A 56 7.69 3.27 4.89
C LYS A 56 8.50 2.00 4.63
N LYS A 57 9.03 1.42 5.70
CA LYS A 57 9.83 0.20 5.59
C LYS A 57 8.94 -1.04 5.63
N ASP A 58 7.89 -0.98 6.44
CA ASP A 58 6.96 -2.09 6.57
C ASP A 58 5.67 -1.65 7.25
N THR A 59 4.58 -2.34 6.93
CA THR A 59 3.28 -2.01 7.51
C THR A 59 2.63 -3.25 8.11
N VAL A 60 2.20 -3.14 9.36
CA VAL A 60 1.54 -4.25 10.05
C VAL A 60 0.05 -4.30 9.73
N VAL A 61 -0.43 -5.50 9.43
CA VAL A 61 -1.84 -5.69 9.09
C VAL A 61 -2.38 -6.97 9.70
N GLN A 62 -3.68 -6.99 9.97
CA GLN A 62 -4.33 -8.16 10.56
C GLN A 62 -4.65 -9.20 9.49
N ILE A 63 -3.87 -10.27 9.45
CA ILE A 63 -4.07 -11.33 8.47
C ILE A 63 -4.40 -12.65 9.16
N HIS A 64 -5.59 -13.18 8.88
CA HIS A 64 -6.03 -14.44 9.47
C HIS A 64 -6.23 -14.30 10.98
N ASN A 65 -6.79 -13.17 11.39
CA ASN A 65 -7.04 -12.91 12.80
C ASN A 65 -5.73 -12.83 13.58
N GLN A 66 -4.65 -12.47 12.88
CA GLN A 66 -3.34 -12.36 13.51
C GLN A 66 -2.52 -11.26 12.85
N ASP A 67 -1.96 -10.38 13.67
CA ASP A 67 -1.15 -9.27 13.18
C ASP A 67 0.08 -9.80 12.43
N PHE A 68 0.33 -9.24 11.25
CA PHE A 68 1.47 -9.66 10.44
C PHE A 68 2.29 -8.45 10.00
N THR A 69 3.58 -8.66 9.78
CA THR A 69 4.47 -7.59 9.35
C THR A 69 4.75 -7.66 7.85
N VAL A 70 4.15 -6.73 7.11
CA VAL A 70 4.33 -6.68 5.66
C VAL A 70 5.44 -5.72 5.28
N ASP A 71 6.54 -6.28 4.74
CA ASP A 71 7.68 -5.47 4.32
C ASP A 71 7.52 -5.01 2.88
N LEU A 72 7.52 -3.71 2.68
CA LEU A 72 7.38 -3.13 1.34
C LEU A 72 8.67 -3.32 0.54
N SER A 73 9.81 -3.15 1.20
CA SER A 73 11.10 -3.29 0.54
C SER A 73 11.13 -4.54 -0.33
N THR A 74 10.80 -5.68 0.26
CA THR A 74 10.80 -6.94 -0.47
C THR A 74 9.37 -7.34 -0.86
N ASN A 75 8.39 -6.76 -0.18
CA ASN A 75 6.99 -7.05 -0.46
C ASN A 75 6.63 -8.46 0.00
N THR A 76 6.89 -8.74 1.27
CA THR A 76 6.59 -10.04 1.84
C THR A 76 6.11 -9.91 3.28
N ALA A 77 5.06 -10.68 3.62
CA ALA A 77 4.51 -10.64 4.96
C ALA A 77 5.13 -11.72 5.84
N THR A 78 5.24 -11.44 7.13
CA THR A 78 5.82 -12.38 8.08
C THR A 78 5.21 -12.22 9.47
N ALA A 79 5.07 -13.33 10.19
CA ALA A 79 4.51 -13.30 11.53
C ALA A 79 5.31 -14.18 12.48
N PRO A 80 5.27 -13.85 13.78
CA PRO A 80 5.99 -14.60 14.81
C PRO A 80 5.39 -15.98 15.05
N GLN A 81 4.38 -16.32 14.26
CA GLN A 81 3.72 -17.62 14.38
C GLN A 81 4.40 -18.67 13.52
N GLY A 82 4.84 -18.25 12.33
CA GLY A 82 5.51 -19.18 11.42
C GLY A 82 4.87 -19.20 10.05
N GLN A 83 4.38 -18.05 9.61
CA GLN A 83 3.72 -17.95 8.30
C GLN A 83 4.20 -16.71 7.55
N THR A 84 4.54 -16.89 6.28
CA THR A 84 5.02 -15.79 5.46
C THR A 84 4.33 -15.78 4.10
N PHE A 85 4.07 -14.58 3.58
CA PHE A 85 3.41 -14.44 2.29
C PHE A 85 4.09 -13.37 1.45
N THR A 86 3.63 -13.22 0.20
CA THR A 86 4.20 -12.23 -0.70
C THR A 86 3.15 -11.22 -1.14
N VAL A 87 3.44 -9.93 -0.92
CA VAL A 87 2.52 -8.87 -1.28
C VAL A 87 2.90 -8.26 -2.63
N GLN A 88 1.89 -7.99 -3.45
CA GLN A 88 2.11 -7.40 -4.77
C GLN A 88 1.25 -6.17 -4.98
N ARG A 89 1.77 -5.19 -5.71
CA ARG A 89 1.05 -3.96 -5.97
C ARG A 89 0.57 -3.91 -7.42
N LEU A 90 -0.70 -3.57 -7.61
CA LEU A 90 -1.28 -3.49 -8.94
C LEU A 90 -2.11 -2.23 -9.10
N VAL A 91 -1.91 -1.52 -10.21
CA VAL A 91 -2.65 -0.29 -10.48
C VAL A 91 -3.84 -0.55 -11.40
N LYS A 92 -5.03 -0.21 -10.93
CA LYS A 92 -6.24 -0.40 -11.70
C LYS A 92 -6.34 0.61 -12.84
N ALA A 93 -5.77 0.26 -13.99
CA ALA A 93 -5.79 1.14 -15.15
C ALA A 93 -6.71 0.59 -16.23
N SER A 94 -7.00 1.42 -17.24
CA SER A 94 -7.87 1.01 -18.34
C SER A 94 -7.23 -0.09 -19.16
N GLY A 95 -7.62 -1.33 -18.90
CA GLY A 95 -7.07 -2.46 -19.62
C GLY A 95 -7.44 -2.44 -21.09
N PRO A 96 -6.53 -2.93 -21.95
CA PRO A 96 -6.75 -2.98 -23.40
C PRO A 96 -7.80 -4.01 -23.79
N SER A 97 -9.07 -3.59 -23.79
CA SER A 97 -10.17 -4.47 -24.15
C SER A 97 -11.48 -3.70 -24.22
N SER A 98 -12.51 -4.36 -24.75
CA SER A 98 -13.83 -3.74 -24.88
C SER A 98 -14.84 -4.42 -23.96
N GLY A 99 -14.98 -5.73 -24.10
CA GLY A 99 -15.91 -6.47 -23.28
C GLY A 99 -15.39 -7.84 -22.91
N GLY A 1 8.51 37.07 -5.12
CA GLY A 1 8.70 37.40 -3.72
C GLY A 1 9.84 38.37 -3.49
N SER A 2 9.54 39.51 -2.87
CA SER A 2 10.55 40.52 -2.59
C SER A 2 10.95 40.52 -1.12
N SER A 3 12.20 40.88 -0.85
CA SER A 3 12.71 40.91 0.51
C SER A 3 11.70 41.57 1.45
N GLY A 4 11.41 42.84 1.19
CA GLY A 4 10.46 43.57 2.02
C GLY A 4 10.65 43.28 3.50
N SER A 5 9.55 43.16 4.23
CA SER A 5 9.61 42.91 5.66
C SER A 5 9.07 41.51 5.98
N SER A 6 9.30 41.07 7.22
CA SER A 6 8.85 39.75 7.65
C SER A 6 7.46 39.83 8.29
N GLY A 7 6.50 39.14 7.68
CA GLY A 7 5.14 39.15 8.20
C GLY A 7 4.57 37.76 8.34
N LYS A 8 3.38 37.56 7.79
CA LYS A 8 2.71 36.26 7.86
C LYS A 8 3.36 35.27 6.90
N SER A 9 3.42 34.00 7.30
CA SER A 9 4.02 32.96 6.47
C SER A 9 2.94 32.01 5.94
N ILE A 10 2.59 32.18 4.68
CA ILE A 10 1.57 31.33 4.06
C ILE A 10 2.15 29.96 3.69
N ARG A 11 1.52 28.92 4.21
CA ARG A 11 1.97 27.56 3.94
C ARG A 11 0.85 26.55 4.23
N LEU A 12 0.76 25.53 3.37
CA LEU A 12 -0.27 24.49 3.54
C LEU A 12 0.37 23.11 3.55
N ALA A 13 0.06 22.34 4.60
CA ALA A 13 0.60 20.99 4.74
C ALA A 13 -0.19 20.00 3.86
N LYS A 14 0.47 18.92 3.47
CA LYS A 14 -0.15 17.90 2.64
C LYS A 14 -0.68 18.51 1.35
N GLU A 15 0.11 19.38 0.74
CA GLU A 15 -0.28 20.04 -0.50
C GLU A 15 -0.25 19.06 -1.66
N LYS A 16 0.82 18.28 -1.76
CA LYS A 16 0.98 17.29 -2.82
C LYS A 16 -0.16 16.29 -2.79
N GLU A 17 -0.73 16.07 -1.61
CA GLU A 17 -1.83 15.12 -1.45
C GLU A 17 -2.80 15.22 -2.62
N SER A 18 -3.00 16.44 -3.12
CA SER A 18 -3.91 16.67 -4.24
C SER A 18 -3.67 15.66 -5.36
N GLN A 19 -2.39 15.43 -5.66
CA GLN A 19 -2.03 14.49 -6.72
C GLN A 19 -1.84 13.08 -6.15
N ALA A 20 -1.05 12.97 -5.09
CA ALA A 20 -0.80 11.69 -4.45
C ALA A 20 -2.08 10.85 -4.37
N ASP A 21 -3.13 11.45 -3.82
CA ASP A 21 -4.41 10.76 -3.69
C ASP A 21 -5.01 10.46 -5.06
N TYR A 22 -4.91 11.43 -5.97
CA TYR A 22 -5.45 11.27 -7.31
C TYR A 22 -4.94 9.98 -7.96
N ILE A 23 -3.77 9.54 -7.52
CA ILE A 23 -3.17 8.32 -8.06
C ILE A 23 -3.50 7.11 -7.18
N SER A 24 -3.09 7.18 -5.92
CA SER A 24 -3.34 6.09 -4.98
C SER A 24 -4.82 5.70 -5.00
N THR A 25 -5.68 6.68 -5.19
CA THR A 25 -7.13 6.43 -5.22
C THR A 25 -7.44 5.09 -5.86
N TYR A 26 -6.60 4.67 -6.80
CA TYR A 26 -6.79 3.40 -7.49
C TYR A 26 -5.57 2.50 -7.30
N VAL A 27 -5.71 1.50 -6.42
CA VAL A 27 -4.63 0.57 -6.15
C VAL A 27 -5.17 -0.77 -5.65
N GLU A 28 -4.47 -1.85 -6.01
CA GLU A 28 -4.88 -3.18 -5.59
C GLU A 28 -3.73 -3.93 -4.93
N TRP A 29 -3.93 -4.34 -3.69
CA TRP A 29 -2.90 -5.06 -2.94
C TRP A 29 -3.37 -6.48 -2.63
N GLN A 30 -2.61 -7.47 -3.12
CA GLN A 30 -2.94 -8.87 -2.89
C GLN A 30 -1.76 -9.61 -2.28
N TYR A 31 -2.06 -10.65 -1.52
CA TYR A 31 -1.02 -11.45 -0.87
C TYR A 31 -1.06 -12.90 -1.34
N ILE A 32 0.11 -13.47 -1.57
CA ILE A 32 0.20 -14.86 -2.04
C ILE A 32 0.34 -15.81 -0.86
N ASP A 33 -0.71 -16.57 -0.58
CA ASP A 33 -0.70 -17.53 0.52
C ASP A 33 0.15 -18.75 0.17
N LYS A 34 0.44 -19.57 1.18
CA LYS A 34 1.24 -20.76 0.98
C LYS A 34 1.05 -21.32 -0.43
N ASN A 35 -0.13 -21.89 -0.67
CA ASN A 35 -0.45 -22.46 -1.98
C ASN A 35 -1.69 -21.80 -2.57
N ILE A 36 -2.06 -20.65 -2.04
CA ILE A 36 -3.24 -19.93 -2.52
C ILE A 36 -2.91 -18.45 -2.75
N THR A 37 -3.67 -17.82 -3.64
CA THR A 37 -3.46 -16.41 -3.97
C THR A 37 -4.72 -15.59 -3.69
N GLN A 38 -4.76 -14.95 -2.52
CA GLN A 38 -5.91 -14.14 -2.14
C GLN A 38 -5.55 -12.66 -2.11
N CYS A 39 -6.53 -11.82 -1.82
CA CYS A 39 -6.32 -10.37 -1.77
C CYS A 39 -6.82 -9.81 -0.45
N PHE A 40 -6.25 -8.67 -0.04
CA PHE A 40 -6.64 -8.02 1.20
C PHE A 40 -8.02 -7.39 1.07
N ASP A 41 -8.60 -7.00 2.20
CA ASP A 41 -9.92 -6.38 2.21
C ASP A 41 -9.84 -4.94 1.71
N LYS A 42 -10.99 -4.28 1.65
CA LYS A 42 -11.06 -2.90 1.19
C LYS A 42 -10.41 -1.96 2.19
N MET A 43 -10.51 -2.29 3.47
CA MET A 43 -9.93 -1.47 4.53
C MET A 43 -8.41 -1.70 4.62
N THR A 44 -8.00 -2.95 4.54
CA THR A 44 -6.59 -3.29 4.62
C THR A 44 -5.86 -2.91 3.33
N ASN A 45 -6.55 -3.09 2.20
CA ASN A 45 -5.97 -2.78 0.90
C ASN A 45 -5.21 -1.45 0.95
N MET A 46 -5.82 -0.45 1.58
CA MET A 46 -5.21 0.87 1.70
C MET A 46 -4.13 0.86 2.77
N LYS A 47 -4.36 0.10 3.84
CA LYS A 47 -3.41 0.02 4.94
C LYS A 47 -2.02 -0.36 4.43
N LEU A 48 -1.97 -0.93 3.22
CA LEU A 48 -0.70 -1.32 2.62
C LEU A 48 -0.19 -0.24 1.68
N GLU A 49 -1.00 0.11 0.69
CA GLU A 49 -0.63 1.13 -0.28
C GLU A 49 -0.11 2.39 0.42
N VAL A 50 -0.82 2.81 1.46
CA VAL A 50 -0.44 4.00 2.22
C VAL A 50 1.01 3.90 2.70
N ALA A 51 1.40 2.70 3.12
CA ALA A 51 2.76 2.46 3.60
C ALA A 51 3.76 2.52 2.46
N TRP A 52 3.34 2.08 1.28
CA TRP A 52 4.21 2.07 0.10
C TRP A 52 4.40 3.49 -0.43
N LYS A 53 3.35 4.30 -0.35
CA LYS A 53 3.41 5.67 -0.82
C LYS A 53 4.16 6.56 0.17
N ALA A 54 3.95 6.31 1.45
CA ALA A 54 4.61 7.08 2.50
C ALA A 54 6.08 6.71 2.61
N LYS A 55 6.53 5.84 1.71
CA LYS A 55 7.92 5.40 1.71
C LYS A 55 8.27 4.68 3.02
N LYS A 56 7.31 3.92 3.54
CA LYS A 56 7.52 3.19 4.79
C LYS A 56 8.35 1.93 4.55
N LYS A 57 8.91 1.39 5.62
CA LYS A 57 9.73 0.18 5.52
C LYS A 57 8.88 -1.07 5.63
N ASP A 58 7.81 -0.99 6.43
CA ASP A 58 6.91 -2.13 6.61
C ASP A 58 5.64 -1.70 7.34
N THR A 59 4.52 -2.30 6.97
CA THR A 59 3.24 -1.98 7.59
C THR A 59 2.60 -3.23 8.18
N VAL A 60 2.16 -3.12 9.44
CA VAL A 60 1.52 -4.23 10.13
C VAL A 60 0.03 -4.31 9.79
N VAL A 61 -0.46 -5.52 9.58
CA VAL A 61 -1.86 -5.73 9.25
C VAL A 61 -2.38 -7.02 9.87
N GLN A 62 -3.67 -7.02 10.22
CA GLN A 62 -4.29 -8.19 10.83
C GLN A 62 -4.65 -9.22 9.77
N ILE A 63 -3.88 -10.31 9.73
CA ILE A 63 -4.11 -11.38 8.77
C ILE A 63 -4.43 -12.70 9.48
N HIS A 64 -5.49 -13.36 9.03
CA HIS A 64 -5.90 -14.63 9.61
C HIS A 64 -6.13 -14.49 11.11
N ASN A 65 -6.53 -13.29 11.54
CA ASN A 65 -6.79 -13.03 12.95
C ASN A 65 -5.47 -12.92 13.73
N GLN A 66 -4.40 -12.58 13.02
CA GLN A 66 -3.09 -12.45 13.65
C GLN A 66 -2.29 -11.32 13.00
N ASP A 67 -1.71 -10.46 13.84
CA ASP A 67 -0.91 -9.34 13.36
C ASP A 67 0.29 -9.83 12.55
N PHE A 68 0.47 -9.26 11.37
CA PHE A 68 1.58 -9.64 10.49
C PHE A 68 2.35 -8.41 10.03
N THR A 69 3.64 -8.59 9.76
CA THR A 69 4.49 -7.50 9.32
C THR A 69 4.71 -7.55 7.81
N VAL A 70 4.08 -6.63 7.09
CA VAL A 70 4.19 -6.57 5.64
C VAL A 70 5.33 -5.64 5.22
N ASP A 71 6.43 -6.23 4.76
CA ASP A 71 7.59 -5.46 4.33
C ASP A 71 7.42 -4.99 2.88
N LEU A 72 7.35 -3.68 2.70
CA LEU A 72 7.18 -3.11 1.37
C LEU A 72 8.48 -3.22 0.56
N SER A 73 9.61 -2.94 1.22
CA SER A 73 10.91 -3.00 0.57
C SER A 73 11.05 -4.29 -0.25
N THR A 74 10.66 -5.40 0.35
CA THR A 74 10.75 -6.69 -0.32
C THR A 74 9.36 -7.18 -0.73
N ASN A 75 8.33 -6.60 -0.14
CA ASN A 75 6.95 -6.97 -0.45
C ASN A 75 6.66 -8.40 0.03
N THR A 76 6.92 -8.65 1.32
CA THR A 76 6.68 -9.97 1.90
C THR A 76 6.18 -9.84 3.34
N ALA A 77 5.13 -10.60 3.64
CA ALA A 77 4.55 -10.57 4.99
C ALA A 77 5.16 -11.67 5.85
N THR A 78 5.26 -11.39 7.15
CA THR A 78 5.82 -12.36 8.09
C THR A 78 5.22 -12.19 9.49
N ALA A 79 5.11 -13.28 10.23
CA ALA A 79 4.56 -13.24 11.57
C ALA A 79 5.35 -14.14 12.51
N PRO A 80 5.33 -13.80 13.81
CA PRO A 80 6.04 -14.57 14.85
C PRO A 80 5.41 -15.94 15.09
N GLN A 81 4.36 -16.25 14.32
CA GLN A 81 3.68 -17.53 14.46
C GLN A 81 4.34 -18.60 13.61
N GLY A 82 4.83 -18.21 12.44
CA GLY A 82 5.49 -19.15 11.56
C GLY A 82 4.86 -19.18 10.18
N GLN A 83 4.45 -18.02 9.69
CA GLN A 83 3.82 -17.92 8.38
C GLN A 83 4.31 -16.69 7.63
N THR A 84 4.52 -16.82 6.32
CA THR A 84 5.00 -15.72 5.51
C THR A 84 4.32 -15.72 4.14
N PHE A 85 4.04 -14.53 3.61
CA PHE A 85 3.40 -14.40 2.31
C PHE A 85 4.09 -13.33 1.47
N THR A 86 3.64 -13.18 0.23
CA THR A 86 4.20 -12.20 -0.68
C THR A 86 3.15 -11.19 -1.13
N VAL A 87 3.41 -9.91 -0.90
CA VAL A 87 2.49 -8.86 -1.30
C VAL A 87 2.89 -8.25 -2.64
N GLN A 88 1.89 -7.98 -3.48
CA GLN A 88 2.13 -7.39 -4.79
C GLN A 88 1.30 -6.13 -4.99
N ARG A 89 1.88 -5.13 -5.65
CA ARG A 89 1.19 -3.88 -5.91
C ARG A 89 0.85 -3.74 -7.39
N LEU A 90 -0.43 -3.57 -7.68
CA LEU A 90 -0.88 -3.41 -9.07
C LEU A 90 -1.61 -2.09 -9.25
N VAL A 91 -1.28 -1.38 -10.34
CA VAL A 91 -1.91 -0.10 -10.62
C VAL A 91 -3.22 -0.30 -11.39
N LYS A 92 -4.32 0.02 -10.73
CA LYS A 92 -5.64 -0.11 -11.34
C LYS A 92 -6.16 1.24 -11.82
N ALA A 93 -7.21 1.20 -12.65
CA ALA A 93 -7.80 2.43 -13.17
C ALA A 93 -9.06 2.12 -13.98
N SER A 94 -10.18 2.71 -13.59
CA SER A 94 -11.44 2.50 -14.28
C SER A 94 -11.32 2.88 -15.76
N GLY A 95 -10.79 4.07 -16.01
CA GLY A 95 -10.62 4.54 -17.39
C GLY A 95 -9.42 3.91 -18.07
N PRO A 96 -9.49 3.79 -19.40
CA PRO A 96 -8.42 3.20 -20.21
C PRO A 96 -7.18 4.09 -20.25
N SER A 97 -6.15 3.71 -19.49
CA SER A 97 -4.92 4.48 -19.44
C SER A 97 -4.08 4.24 -20.69
N SER A 98 -3.09 5.11 -20.91
CA SER A 98 -2.22 4.99 -22.07
C SER A 98 -0.95 4.21 -21.73
N GLY A 99 -0.36 4.53 -20.57
CA GLY A 99 0.85 3.86 -20.15
C GLY A 99 1.70 4.73 -19.25
N GLY A 1 -15.86 22.98 -12.56
CA GLY A 1 -16.07 24.28 -11.95
C GLY A 1 -15.07 24.58 -10.85
N SER A 2 -15.29 25.66 -10.12
CA SER A 2 -14.41 26.06 -9.04
C SER A 2 -15.20 26.37 -7.77
N SER A 3 -15.41 25.35 -6.95
CA SER A 3 -16.16 25.51 -5.71
C SER A 3 -15.34 25.03 -4.52
N GLY A 4 -15.37 25.80 -3.43
CA GLY A 4 -14.62 25.44 -2.24
C GLY A 4 -14.13 26.66 -1.47
N SER A 5 -13.51 26.42 -0.33
CA SER A 5 -12.99 27.50 0.51
C SER A 5 -11.57 27.88 0.08
N SER A 6 -11.44 29.07 -0.49
CA SER A 6 -10.14 29.56 -0.94
C SER A 6 -9.67 30.73 -0.08
N GLY A 7 -8.43 30.65 0.38
CA GLY A 7 -7.87 31.71 1.21
C GLY A 7 -6.79 32.49 0.50
N LYS A 8 -5.95 33.18 1.27
CA LYS A 8 -4.86 33.97 0.70
C LYS A 8 -3.54 33.20 0.76
N SER A 9 -3.60 31.91 0.45
CA SER A 9 -2.40 31.07 0.47
C SER A 9 -1.90 30.82 -0.95
N ILE A 10 -1.10 31.73 -1.46
CA ILE A 10 -0.54 31.61 -2.80
C ILE A 10 0.89 31.09 -2.76
N ARG A 11 1.14 30.14 -1.87
CA ARG A 11 2.48 29.55 -1.73
C ARG A 11 2.58 28.23 -2.49
N LEU A 12 3.70 28.04 -3.19
CA LEU A 12 3.92 26.83 -3.96
C LEU A 12 5.12 26.06 -3.42
N ALA A 13 4.85 25.01 -2.65
CA ALA A 13 5.91 24.19 -2.07
C ALA A 13 5.38 22.81 -1.71
N LYS A 14 6.05 21.78 -2.20
CA LYS A 14 5.65 20.40 -1.93
C LYS A 14 4.17 20.20 -2.18
N GLU A 15 3.68 20.78 -3.27
CA GLU A 15 2.27 20.66 -3.64
C GLU A 15 2.00 19.36 -4.39
N LYS A 16 2.82 19.10 -5.40
CA LYS A 16 2.68 17.89 -6.21
C LYS A 16 2.34 16.68 -5.32
N GLU A 17 2.76 16.76 -4.06
CA GLU A 17 2.51 15.67 -3.12
C GLU A 17 1.09 15.12 -3.30
N SER A 18 0.13 16.01 -3.52
CA SER A 18 -1.25 15.62 -3.69
C SER A 18 -1.36 14.40 -4.61
N GLN A 19 -0.58 14.41 -5.69
CA GLN A 19 -0.59 13.31 -6.65
C GLN A 19 -0.73 11.97 -5.93
N ALA A 20 -0.02 11.83 -4.82
CA ALA A 20 -0.06 10.59 -4.04
C ALA A 20 -1.46 9.98 -4.06
N ASP A 21 -2.47 10.83 -3.88
CA ASP A 21 -3.85 10.37 -3.88
C ASP A 21 -4.31 10.02 -5.29
N TYR A 22 -4.18 10.98 -6.21
CA TYR A 22 -4.60 10.78 -7.59
C TYR A 22 -4.33 9.33 -8.03
N ILE A 23 -3.21 8.78 -7.58
CA ILE A 23 -2.84 7.41 -7.92
C ILE A 23 -3.50 6.42 -6.99
N SER A 24 -3.25 6.56 -5.69
CA SER A 24 -3.83 5.67 -4.69
C SER A 24 -5.30 5.39 -4.99
N THR A 25 -6.02 6.42 -5.40
CA THR A 25 -7.44 6.29 -5.72
C THR A 25 -7.73 4.94 -6.37
N TYR A 26 -6.83 4.50 -7.24
CA TYR A 26 -6.99 3.22 -7.92
C TYR A 26 -5.79 2.32 -7.69
N VAL A 27 -5.96 1.34 -6.79
CA VAL A 27 -4.89 0.41 -6.47
C VAL A 27 -5.45 -0.92 -5.97
N GLU A 28 -4.65 -1.97 -6.08
CA GLU A 28 -5.07 -3.30 -5.63
C GLU A 28 -3.90 -4.06 -5.01
N TRP A 29 -4.01 -4.34 -3.73
CA TRP A 29 -2.96 -5.07 -3.01
C TRP A 29 -3.40 -6.49 -2.70
N GLN A 30 -2.65 -7.46 -3.18
CA GLN A 30 -2.96 -8.87 -2.94
C GLN A 30 -1.77 -9.60 -2.35
N TYR A 31 -2.05 -10.62 -1.54
CA TYR A 31 -0.98 -11.40 -0.91
C TYR A 31 -1.02 -12.85 -1.39
N ILE A 32 0.16 -13.43 -1.58
CA ILE A 32 0.27 -14.81 -2.04
C ILE A 32 0.43 -15.77 -0.87
N ASP A 33 -0.62 -16.53 -0.57
CA ASP A 33 -0.59 -17.48 0.53
C ASP A 33 0.26 -18.70 0.16
N LYS A 34 0.57 -19.51 1.16
CA LYS A 34 1.37 -20.71 0.95
C LYS A 34 1.18 -21.25 -0.46
N ASN A 35 0.01 -21.83 -0.71
CA ASN A 35 -0.30 -22.39 -2.03
C ASN A 35 -1.56 -21.74 -2.61
N ILE A 36 -1.93 -20.59 -2.07
CA ILE A 36 -3.11 -19.89 -2.53
C ILE A 36 -2.81 -18.40 -2.76
N THR A 37 -3.57 -17.77 -3.64
CA THR A 37 -3.38 -16.36 -3.95
C THR A 37 -4.66 -15.57 -3.69
N GLN A 38 -4.73 -14.92 -2.54
CA GLN A 38 -5.89 -14.12 -2.17
C GLN A 38 -5.56 -12.64 -2.15
N CYS A 39 -6.57 -11.81 -1.90
CA CYS A 39 -6.38 -10.36 -1.87
C CYS A 39 -6.80 -9.80 -0.50
N PHE A 40 -6.31 -8.60 -0.19
CA PHE A 40 -6.64 -7.96 1.07
C PHE A 40 -8.01 -7.29 1.01
N ASP A 41 -8.53 -6.91 2.17
CA ASP A 41 -9.83 -6.26 2.24
C ASP A 41 -9.74 -4.80 1.79
N LYS A 42 -10.87 -4.10 1.82
CA LYS A 42 -10.92 -2.70 1.42
C LYS A 42 -10.23 -1.82 2.46
N MET A 43 -10.34 -2.20 3.72
CA MET A 43 -9.72 -1.45 4.81
C MET A 43 -8.20 -1.65 4.82
N THR A 44 -7.78 -2.91 4.67
CA THR A 44 -6.37 -3.23 4.67
C THR A 44 -5.72 -2.84 3.35
N ASN A 45 -6.45 -3.00 2.26
CA ASN A 45 -5.94 -2.66 0.93
C ASN A 45 -5.22 -1.31 0.95
N MET A 46 -5.78 -0.36 1.69
CA MET A 46 -5.18 0.97 1.79
C MET A 46 -4.06 0.98 2.83
N LYS A 47 -4.29 0.30 3.95
CA LYS A 47 -3.29 0.24 5.02
C LYS A 47 -1.91 -0.08 4.45
N LEU A 48 -1.89 -0.67 3.26
CA LEU A 48 -0.63 -1.03 2.61
C LEU A 48 -0.17 0.09 1.68
N GLU A 49 -0.90 0.27 0.58
CA GLU A 49 -0.57 1.30 -0.40
C GLU A 49 -0.13 2.58 0.30
N VAL A 50 -0.75 2.89 1.43
CA VAL A 50 -0.42 4.09 2.19
C VAL A 50 1.04 4.07 2.63
N ALA A 51 1.50 2.92 3.11
CA ALA A 51 2.88 2.77 3.55
C ALA A 51 3.85 2.76 2.38
N TRP A 52 3.41 2.16 1.27
CA TRP A 52 4.23 2.08 0.07
C TRP A 52 4.43 3.46 -0.55
N LYS A 53 3.41 4.30 -0.44
CA LYS A 53 3.48 5.65 -1.00
C LYS A 53 4.16 6.60 -0.02
N ALA A 54 3.98 6.35 1.28
CA ALA A 54 4.58 7.19 2.31
C ALA A 54 6.05 6.83 2.51
N LYS A 55 6.60 6.05 1.58
CA LYS A 55 8.00 5.64 1.65
C LYS A 55 8.29 4.97 2.99
N LYS A 56 7.35 4.14 3.46
CA LYS A 56 7.52 3.44 4.72
C LYS A 56 8.43 2.22 4.55
N LYS A 57 8.75 1.57 5.65
CA LYS A 57 9.60 0.38 5.63
C LYS A 57 8.77 -0.89 5.71
N ASP A 58 7.70 -0.83 6.49
CA ASP A 58 6.82 -2.00 6.65
C ASP A 58 5.53 -1.61 7.39
N THR A 59 4.45 -2.29 7.07
CA THR A 59 3.16 -2.02 7.71
C THR A 59 2.56 -3.28 8.31
N VAL A 60 2.00 -3.15 9.50
CA VAL A 60 1.38 -4.28 10.19
C VAL A 60 -0.09 -4.42 9.82
N VAL A 61 -0.53 -5.65 9.57
CA VAL A 61 -1.92 -5.91 9.21
C VAL A 61 -2.40 -7.23 9.80
N GLN A 62 -3.65 -7.24 10.26
CA GLN A 62 -4.22 -8.44 10.85
C GLN A 62 -4.62 -9.45 9.77
N ILE A 63 -3.82 -10.50 9.64
CA ILE A 63 -4.07 -11.54 8.64
C ILE A 63 -4.37 -12.87 9.31
N HIS A 64 -5.53 -13.44 8.98
CA HIS A 64 -5.94 -14.72 9.55
C HIS A 64 -6.14 -14.61 11.06
N ASN A 65 -6.68 -13.47 11.50
CA ASN A 65 -6.93 -13.24 12.92
C ASN A 65 -5.61 -13.16 13.69
N GLN A 66 -4.56 -12.75 13.00
CA GLN A 66 -3.24 -12.63 13.62
C GLN A 66 -2.44 -11.48 13.00
N ASP A 67 -1.91 -10.62 13.85
CA ASP A 67 -1.13 -9.48 13.39
C ASP A 67 0.12 -9.95 12.63
N PHE A 68 0.36 -9.33 11.48
CA PHE A 68 1.51 -9.69 10.65
C PHE A 68 2.31 -8.45 10.27
N THR A 69 3.52 -8.66 9.79
CA THR A 69 4.40 -7.55 9.40
C THR A 69 4.68 -7.58 7.90
N VAL A 70 4.08 -6.65 7.18
CA VAL A 70 4.26 -6.57 5.73
C VAL A 70 5.39 -5.61 5.37
N ASP A 71 6.44 -6.15 4.76
CA ASP A 71 7.59 -5.34 4.36
C ASP A 71 7.46 -4.90 2.91
N LEU A 72 7.40 -3.58 2.71
CA LEU A 72 7.28 -3.02 1.37
C LEU A 72 8.58 -3.18 0.59
N SER A 73 9.69 -2.95 1.27
CA SER A 73 11.01 -3.08 0.64
C SER A 73 11.10 -4.35 -0.19
N THR A 74 10.82 -5.48 0.43
CA THR A 74 10.86 -6.77 -0.24
C THR A 74 9.48 -7.20 -0.71
N ASN A 75 8.45 -6.69 -0.04
CA ASN A 75 7.07 -7.02 -0.38
C ASN A 75 6.72 -8.43 0.10
N THR A 76 7.04 -8.72 1.36
CA THR A 76 6.76 -10.03 1.93
C THR A 76 6.23 -9.90 3.36
N ALA A 77 5.21 -10.69 3.68
CA ALA A 77 4.62 -10.67 5.01
C ALA A 77 5.20 -11.77 5.89
N THR A 78 5.35 -11.47 7.17
CA THR A 78 5.90 -12.44 8.13
C THR A 78 5.26 -12.27 9.50
N ALA A 79 5.16 -13.37 10.23
CA ALA A 79 4.57 -13.35 11.57
C ALA A 79 5.34 -14.26 12.52
N PRO A 80 5.29 -13.94 13.82
CA PRO A 80 5.97 -14.72 14.86
C PRO A 80 5.33 -16.09 15.07
N GLN A 81 4.33 -16.40 14.27
CA GLN A 81 3.63 -17.67 14.38
C GLN A 81 4.32 -18.73 13.52
N GLY A 82 4.82 -18.32 12.37
CA GLY A 82 5.49 -19.26 11.47
C GLY A 82 4.87 -19.29 10.09
N GLN A 83 4.41 -18.12 9.62
CA GLN A 83 3.80 -18.02 8.31
C GLN A 83 4.29 -16.77 7.57
N THR A 84 4.52 -16.92 6.27
CA THR A 84 4.98 -15.81 5.44
C THR A 84 4.30 -15.79 4.08
N PHE A 85 4.06 -14.59 3.56
CA PHE A 85 3.41 -14.44 2.27
C PHE A 85 4.11 -13.39 1.42
N THR A 86 3.67 -13.24 0.18
CA THR A 86 4.25 -12.26 -0.73
C THR A 86 3.22 -11.23 -1.17
N VAL A 87 3.53 -9.96 -0.95
CA VAL A 87 2.62 -8.87 -1.32
C VAL A 87 3.03 -8.27 -2.66
N GLN A 88 2.03 -7.99 -3.49
CA GLN A 88 2.27 -7.40 -4.81
C GLN A 88 1.35 -6.21 -5.05
N ARG A 89 1.89 -5.18 -5.71
CA ARG A 89 1.11 -3.99 -6.00
C ARG A 89 0.61 -4.00 -7.45
N LEU A 90 -0.67 -3.71 -7.64
CA LEU A 90 -1.26 -3.70 -8.97
C LEU A 90 -2.15 -2.48 -9.16
N VAL A 91 -2.22 -1.98 -10.38
CA VAL A 91 -3.04 -0.82 -10.69
C VAL A 91 -4.33 -1.22 -11.39
N LYS A 92 -5.39 -0.45 -11.16
CA LYS A 92 -6.69 -0.73 -11.77
C LYS A 92 -7.15 0.45 -12.62
N ALA A 93 -6.24 1.01 -13.40
CA ALA A 93 -6.56 2.15 -14.26
C ALA A 93 -7.53 1.73 -15.37
N SER A 94 -8.77 2.20 -15.26
CA SER A 94 -9.80 1.88 -16.25
C SER A 94 -9.32 2.22 -17.66
N GLY A 95 -8.99 1.20 -18.44
CA GLY A 95 -8.53 1.42 -19.79
C GLY A 95 -9.49 0.87 -20.83
N PRO A 96 -8.95 0.39 -21.96
CA PRO A 96 -9.74 -0.16 -23.06
C PRO A 96 -10.38 -1.50 -22.69
N SER A 97 -10.17 -1.92 -21.45
CA SER A 97 -10.72 -3.19 -20.96
C SER A 97 -11.72 -2.96 -19.84
N SER A 98 -12.97 -2.71 -20.22
CA SER A 98 -14.03 -2.47 -19.23
C SER A 98 -14.19 -3.67 -18.30
N GLY A 99 -14.03 -3.41 -17.00
CA GLY A 99 -14.16 -4.47 -16.02
C GLY A 99 -13.98 -3.97 -14.61
N GLY A 1 -6.27 43.46 15.74
CA GLY A 1 -7.64 43.34 15.29
C GLY A 1 -7.93 42.00 14.66
N SER A 2 -7.61 40.92 15.38
CA SER A 2 -7.82 39.58 14.88
C SER A 2 -7.04 39.33 13.61
N SER A 3 -5.79 39.78 13.59
CA SER A 3 -4.92 39.62 12.43
C SER A 3 -4.15 38.30 12.50
N GLY A 4 -3.52 37.92 11.39
CA GLY A 4 -2.75 36.69 11.36
C GLY A 4 -1.28 36.92 11.67
N SER A 5 -0.61 35.87 12.12
CA SER A 5 0.80 35.95 12.46
C SER A 5 1.63 36.35 11.26
N SER A 6 1.35 35.70 10.12
CA SER A 6 2.08 35.98 8.89
C SER A 6 1.48 35.21 7.72
N GLY A 7 1.12 35.93 6.66
CA GLY A 7 0.53 35.30 5.49
C GLY A 7 1.56 34.58 4.65
N LYS A 8 2.00 33.42 5.14
CA LYS A 8 2.99 32.62 4.43
C LYS A 8 2.59 31.14 4.43
N SER A 9 1.94 30.70 5.50
CA SER A 9 1.51 29.31 5.61
C SER A 9 0.43 28.99 4.58
N ILE A 10 -0.37 30.01 4.24
CA ILE A 10 -1.43 29.84 3.26
C ILE A 10 -0.90 29.98 1.84
N ARG A 11 0.40 29.84 1.68
CA ARG A 11 1.03 29.95 0.37
C ARG A 11 1.13 28.59 -0.31
N LEU A 12 1.46 28.59 -1.60
CA LEU A 12 1.58 27.36 -2.36
C LEU A 12 2.70 26.49 -1.81
N ALA A 13 2.39 25.23 -1.52
CA ALA A 13 3.36 24.30 -0.98
C ALA A 13 3.01 22.86 -1.33
N LYS A 14 4.02 22.07 -1.69
CA LYS A 14 3.80 20.68 -2.06
C LYS A 14 2.45 20.49 -2.74
N GLU A 15 2.19 21.32 -3.74
CA GLU A 15 0.93 21.24 -4.48
C GLU A 15 0.89 19.99 -5.36
N LYS A 16 2.03 19.64 -5.93
CA LYS A 16 2.13 18.46 -6.79
C LYS A 16 1.70 17.21 -6.03
N GLU A 17 1.83 17.24 -4.71
CA GLU A 17 1.45 16.10 -3.88
C GLU A 17 0.20 15.42 -4.43
N SER A 18 -0.70 16.22 -4.99
CA SER A 18 -1.95 15.69 -5.54
C SER A 18 -1.71 14.36 -6.25
N GLN A 19 -0.63 14.30 -7.02
CA GLN A 19 -0.30 13.08 -7.76
C GLN A 19 -0.23 11.88 -6.82
N ALA A 20 0.44 12.07 -5.69
CA ALA A 20 0.59 10.99 -4.70
C ALA A 20 -0.76 10.30 -4.46
N ASP A 21 -1.73 11.05 -3.97
CA ASP A 21 -3.05 10.50 -3.69
C ASP A 21 -3.75 10.09 -4.98
N TYR A 22 -3.78 11.00 -5.96
CA TYR A 22 -4.41 10.73 -7.24
C TYR A 22 -4.10 9.31 -7.72
N ILE A 23 -2.91 8.82 -7.38
CA ILE A 23 -2.49 7.48 -7.76
C ILE A 23 -3.05 6.43 -6.80
N SER A 24 -3.07 6.78 -5.52
CA SER A 24 -3.57 5.86 -4.49
C SER A 24 -5.07 5.62 -4.67
N THR A 25 -5.80 6.68 -4.99
CA THR A 25 -7.24 6.59 -5.19
C THR A 25 -7.63 5.24 -5.80
N TYR A 26 -6.83 4.78 -6.76
CA TYR A 26 -7.08 3.51 -7.41
C TYR A 26 -5.86 2.59 -7.34
N VAL A 27 -5.92 1.61 -6.45
CA VAL A 27 -4.82 0.67 -6.27
C VAL A 27 -5.32 -0.66 -5.72
N GLU A 28 -4.62 -1.74 -6.05
CA GLU A 28 -4.99 -3.07 -5.57
C GLU A 28 -3.81 -3.77 -4.92
N TRP A 29 -4.03 -4.28 -3.72
CA TRP A 29 -2.98 -4.97 -2.98
C TRP A 29 -3.39 -6.41 -2.66
N GLN A 30 -2.64 -7.37 -3.17
CA GLN A 30 -2.92 -8.78 -2.93
C GLN A 30 -1.72 -9.48 -2.30
N TYR A 31 -1.99 -10.57 -1.59
CA TYR A 31 -0.93 -11.34 -0.93
C TYR A 31 -0.97 -12.79 -1.37
N ILE A 32 0.22 -13.39 -1.49
CA ILE A 32 0.33 -14.78 -1.91
C ILE A 32 0.51 -15.70 -0.71
N ASP A 33 -0.53 -16.47 -0.41
CA ASP A 33 -0.48 -17.40 0.73
C ASP A 33 0.37 -18.62 0.39
N LYS A 34 0.69 -19.41 1.42
CA LYS A 34 1.51 -20.60 1.24
C LYS A 34 1.33 -21.18 -0.16
N ASN A 35 0.16 -21.77 -0.41
CA ASN A 35 -0.13 -22.35 -1.71
C ASN A 35 -1.40 -21.76 -2.31
N ILE A 36 -1.79 -20.58 -1.80
CA ILE A 36 -2.98 -19.90 -2.28
C ILE A 36 -2.69 -18.43 -2.55
N THR A 37 -3.47 -17.84 -3.45
CA THR A 37 -3.31 -16.44 -3.81
C THR A 37 -4.60 -15.66 -3.59
N GLN A 38 -4.65 -14.88 -2.52
CA GLN A 38 -5.82 -14.09 -2.19
C GLN A 38 -5.48 -12.60 -2.14
N CYS A 39 -6.48 -11.78 -1.85
CA CYS A 39 -6.29 -10.33 -1.78
C CYS A 39 -6.82 -9.79 -0.46
N PHE A 40 -6.33 -8.60 -0.07
CA PHE A 40 -6.76 -7.97 1.17
C PHE A 40 -8.12 -7.30 1.00
N ASP A 41 -8.74 -6.93 2.11
CA ASP A 41 -10.04 -6.27 2.09
C ASP A 41 -9.91 -4.82 1.66
N LYS A 42 -11.03 -4.10 1.64
CA LYS A 42 -11.02 -2.69 1.24
C LYS A 42 -10.42 -1.83 2.35
N MET A 43 -10.50 -2.30 3.58
CA MET A 43 -9.95 -1.57 4.72
C MET A 43 -8.44 -1.76 4.82
N THR A 44 -7.99 -2.97 4.53
CA THR A 44 -6.56 -3.28 4.59
C THR A 44 -5.86 -2.87 3.30
N ASN A 45 -6.53 -3.07 2.17
CA ASN A 45 -5.97 -2.71 0.88
C ASN A 45 -5.19 -1.40 0.95
N MET A 46 -5.75 -0.44 1.68
CA MET A 46 -5.11 0.86 1.85
C MET A 46 -3.98 0.79 2.86
N LYS A 47 -4.21 0.07 3.95
CA LYS A 47 -3.21 -0.08 4.99
C LYS A 47 -1.84 -0.40 4.40
N LEU A 48 -1.84 -0.94 3.18
CA LEU A 48 -0.60 -1.29 2.50
C LEU A 48 -0.17 -0.17 1.54
N GLU A 49 -1.06 0.19 0.62
CA GLU A 49 -0.77 1.23 -0.34
C GLU A 49 -0.25 2.49 0.35
N VAL A 50 -0.83 2.80 1.51
CA VAL A 50 -0.43 3.97 2.28
C VAL A 50 1.03 3.86 2.72
N ALA A 51 1.39 2.72 3.28
CA ALA A 51 2.76 2.50 3.74
C ALA A 51 3.74 2.50 2.58
N TRP A 52 3.28 2.06 1.41
CA TRP A 52 4.13 2.01 0.22
C TRP A 52 4.32 3.42 -0.35
N LYS A 53 3.25 4.21 -0.33
CA LYS A 53 3.30 5.57 -0.85
C LYS A 53 4.12 6.47 0.06
N ALA A 54 4.01 6.24 1.37
CA ALA A 54 4.73 7.03 2.35
C ALA A 54 6.18 6.58 2.45
N LYS A 55 6.60 5.73 1.51
CA LYS A 55 7.97 5.22 1.49
C LYS A 55 8.34 4.60 2.83
N LYS A 56 7.39 3.88 3.43
CA LYS A 56 7.62 3.23 4.71
C LYS A 56 8.46 1.96 4.55
N LYS A 57 9.03 1.49 5.65
CA LYS A 57 9.85 0.29 5.63
C LYS A 57 8.98 -0.97 5.70
N ASP A 58 7.92 -0.90 6.50
CA ASP A 58 7.02 -2.02 6.66
C ASP A 58 5.73 -1.60 7.36
N THR A 59 4.65 -2.31 7.08
CA THR A 59 3.35 -1.99 7.68
C THR A 59 2.69 -3.24 8.24
N VAL A 60 2.22 -3.16 9.48
CA VAL A 60 1.55 -4.29 10.12
C VAL A 60 0.07 -4.33 9.78
N VAL A 61 -0.42 -5.50 9.43
CA VAL A 61 -1.84 -5.67 9.08
C VAL A 61 -2.40 -6.96 9.69
N GLN A 62 -3.70 -6.96 9.95
CA GLN A 62 -4.37 -8.12 10.52
C GLN A 62 -4.69 -9.15 9.44
N ILE A 63 -3.93 -10.24 9.42
CA ILE A 63 -4.14 -11.31 8.44
C ILE A 63 -4.51 -12.62 9.12
N HIS A 64 -5.71 -13.10 8.84
CA HIS A 64 -6.19 -14.35 9.42
C HIS A 64 -6.37 -14.22 10.93
N ASN A 65 -6.89 -13.08 11.36
CA ASN A 65 -7.12 -12.82 12.78
C ASN A 65 -5.80 -12.76 13.54
N GLN A 66 -4.73 -12.43 12.82
CA GLN A 66 -3.40 -12.34 13.43
C GLN A 66 -2.57 -11.25 12.77
N ASP A 67 -2.03 -10.36 13.59
CA ASP A 67 -1.21 -9.26 13.09
C ASP A 67 0.03 -9.79 12.38
N PHE A 68 0.31 -9.24 11.20
CA PHE A 68 1.46 -9.67 10.42
C PHE A 68 2.30 -8.46 9.99
N THR A 69 3.60 -8.68 9.82
CA THR A 69 4.51 -7.62 9.42
C THR A 69 4.79 -7.67 7.92
N VAL A 70 4.22 -6.73 7.18
CA VAL A 70 4.41 -6.67 5.73
C VAL A 70 5.52 -5.69 5.37
N ASP A 71 6.59 -6.23 4.78
CA ASP A 71 7.73 -5.40 4.37
C ASP A 71 7.59 -4.96 2.92
N LEU A 72 7.59 -3.65 2.70
CA LEU A 72 7.46 -3.10 1.36
C LEU A 72 8.76 -3.30 0.57
N SER A 73 9.89 -3.08 1.23
CA SER A 73 11.19 -3.23 0.59
C SER A 73 11.23 -4.48 -0.27
N THR A 74 10.87 -5.62 0.33
CA THR A 74 10.87 -6.89 -0.39
C THR A 74 9.44 -7.29 -0.79
N ASN A 75 8.46 -6.71 -0.12
CA ASN A 75 7.06 -7.00 -0.40
C ASN A 75 6.70 -8.41 0.07
N THR A 76 6.99 -8.70 1.33
CA THR A 76 6.70 -10.01 1.90
C THR A 76 6.21 -9.90 3.34
N ALA A 77 5.15 -10.62 3.66
CA ALA A 77 4.58 -10.59 5.00
C ALA A 77 5.18 -11.71 5.86
N THR A 78 5.28 -11.44 7.17
CA THR A 78 5.83 -12.42 8.10
C THR A 78 5.24 -12.24 9.49
N ALA A 79 5.07 -13.35 10.20
CA ALA A 79 4.50 -13.32 11.56
C ALA A 79 5.30 -14.22 12.49
N PRO A 80 5.27 -13.89 13.79
CA PRO A 80 5.98 -14.66 14.82
C PRO A 80 5.35 -16.02 15.05
N GLN A 81 4.32 -16.35 14.26
CA GLN A 81 3.64 -17.62 14.39
C GLN A 81 4.30 -18.69 13.53
N GLY A 82 4.73 -18.30 12.33
CA GLY A 82 5.38 -19.23 11.43
C GLY A 82 4.75 -19.23 10.05
N GLN A 83 4.26 -18.07 9.61
CA GLN A 83 3.63 -17.95 8.31
C GLN A 83 4.12 -16.72 7.58
N THR A 84 4.43 -16.87 6.30
CA THR A 84 4.91 -15.76 5.49
C THR A 84 4.22 -15.73 4.12
N PHE A 85 3.99 -14.53 3.61
CA PHE A 85 3.33 -14.36 2.31
C PHE A 85 4.05 -13.29 1.48
N THR A 86 3.59 -13.13 0.24
CA THR A 86 4.18 -12.14 -0.65
C THR A 86 3.13 -11.13 -1.12
N VAL A 87 3.40 -9.84 -0.88
CA VAL A 87 2.49 -8.79 -1.28
C VAL A 87 2.91 -8.18 -2.61
N GLN A 88 1.94 -7.98 -3.49
CA GLN A 88 2.20 -7.39 -4.81
C GLN A 88 1.32 -6.18 -5.06
N ARG A 89 1.87 -5.17 -5.72
CA ARG A 89 1.12 -3.96 -6.02
C ARG A 89 0.60 -3.98 -7.45
N LEU A 90 -0.71 -3.81 -7.60
CA LEU A 90 -1.34 -3.83 -8.92
C LEU A 90 -2.29 -2.65 -9.07
N VAL A 91 -2.05 -1.82 -10.09
CA VAL A 91 -2.89 -0.66 -10.35
C VAL A 91 -4.19 -1.06 -11.05
N LYS A 92 -5.30 -0.53 -10.57
CA LYS A 92 -6.61 -0.83 -11.15
C LYS A 92 -7.17 0.39 -11.88
N ALA A 93 -6.75 0.57 -13.12
CA ALA A 93 -7.22 1.69 -13.92
C ALA A 93 -8.38 1.28 -14.82
N SER A 94 -9.60 1.47 -14.32
CA SER A 94 -10.80 1.11 -15.08
C SER A 94 -11.38 2.33 -15.77
N GLY A 95 -11.21 2.39 -17.09
CA GLY A 95 -11.72 3.51 -17.86
C GLY A 95 -13.09 3.23 -18.45
N PRO A 96 -13.46 3.97 -19.50
CA PRO A 96 -14.75 3.82 -20.17
C PRO A 96 -14.85 2.52 -20.95
N SER A 97 -13.84 2.25 -21.77
CA SER A 97 -13.80 1.03 -22.58
C SER A 97 -12.47 0.31 -22.42
N SER A 98 -12.50 -1.01 -22.51
CA SER A 98 -11.30 -1.82 -22.38
C SER A 98 -11.38 -3.08 -23.24
N GLY A 99 -10.23 -3.70 -23.50
CA GLY A 99 -10.21 -4.90 -24.31
C GLY A 99 -9.49 -4.69 -25.63
N GLY A 1 1.91 37.38 -32.79
CA GLY A 1 1.96 36.92 -31.42
C GLY A 1 0.74 37.36 -30.62
N SER A 2 0.58 36.78 -29.43
CA SER A 2 -0.55 37.12 -28.57
C SER A 2 -0.32 36.59 -27.15
N SER A 3 -0.52 37.46 -26.17
CA SER A 3 -0.33 37.09 -24.77
C SER A 3 -1.05 38.06 -23.85
N GLY A 4 -1.66 37.53 -22.79
CA GLY A 4 -2.36 38.38 -21.84
C GLY A 4 -1.52 38.74 -20.65
N SER A 5 -2.18 38.94 -19.50
CA SER A 5 -1.47 39.30 -18.28
C SER A 5 -2.19 38.74 -17.05
N SER A 6 -1.43 38.10 -16.18
CA SER A 6 -1.99 37.50 -14.97
C SER A 6 -0.90 37.24 -13.94
N GLY A 7 -1.30 37.04 -12.68
CA GLY A 7 -0.35 36.78 -11.62
C GLY A 7 -0.07 35.29 -11.46
N LYS A 8 0.59 34.94 -10.36
CA LYS A 8 0.93 33.55 -10.08
C LYS A 8 1.56 33.41 -8.70
N SER A 9 1.51 32.19 -8.16
CA SER A 9 2.09 31.93 -6.84
C SER A 9 3.60 32.12 -6.85
N ILE A 10 4.13 32.66 -5.77
CA ILE A 10 5.57 32.90 -5.65
C ILE A 10 6.34 31.59 -5.58
N ARG A 11 5.91 30.70 -4.69
CA ARG A 11 6.55 29.41 -4.52
C ARG A 11 5.54 28.33 -4.14
N LEU A 12 5.79 27.11 -4.59
CA LEU A 12 4.89 25.99 -4.30
C LEU A 12 5.57 24.99 -3.36
N ALA A 13 4.76 24.15 -2.73
CA ALA A 13 5.28 23.13 -1.81
C ALA A 13 5.15 21.74 -2.43
N LYS A 14 6.12 21.39 -3.27
CA LYS A 14 6.12 20.08 -3.91
C LYS A 14 4.72 19.68 -4.36
N GLU A 15 4.04 20.61 -5.04
CA GLU A 15 2.69 20.37 -5.52
C GLU A 15 2.57 18.98 -6.14
N LYS A 16 3.69 18.48 -6.67
CA LYS A 16 3.72 17.17 -7.30
C LYS A 16 2.95 16.15 -6.46
N GLU A 17 2.92 16.36 -5.15
CA GLU A 17 2.21 15.47 -4.24
C GLU A 17 0.88 15.02 -4.84
N SER A 18 0.28 15.89 -5.64
CA SER A 18 -1.00 15.59 -6.28
C SER A 18 -0.95 14.21 -6.96
N GLN A 19 0.14 13.95 -7.67
CA GLN A 19 0.30 12.68 -8.37
C GLN A 19 0.03 11.51 -7.43
N ALA A 20 0.82 11.41 -6.37
CA ALA A 20 0.67 10.33 -5.40
C ALA A 20 -0.80 9.96 -5.23
N ASP A 21 -1.64 10.95 -4.97
CA ASP A 21 -3.07 10.72 -4.78
C ASP A 21 -3.70 10.20 -6.07
N TYR A 22 -3.57 10.98 -7.14
CA TYR A 22 -4.14 10.60 -8.43
C TYR A 22 -4.06 9.09 -8.63
N ILE A 23 -2.95 8.50 -8.23
CA ILE A 23 -2.73 7.06 -8.36
C ILE A 23 -3.40 6.30 -7.22
N SER A 24 -3.08 6.69 -5.98
CA SER A 24 -3.64 6.05 -4.81
C SER A 24 -5.15 5.86 -4.97
N THR A 25 -5.82 6.87 -5.48
CA THR A 25 -7.26 6.82 -5.69
C THR A 25 -7.70 5.44 -6.16
N TYR A 26 -6.91 4.85 -7.06
CA TYR A 26 -7.21 3.53 -7.59
C TYR A 26 -6.01 2.59 -7.47
N VAL A 27 -6.05 1.70 -6.49
CA VAL A 27 -4.97 0.75 -6.27
C VAL A 27 -5.47 -0.51 -5.59
N GLU A 28 -4.75 -1.62 -5.80
CA GLU A 28 -5.13 -2.89 -5.20
C GLU A 28 -3.92 -3.59 -4.60
N TRP A 29 -4.15 -4.34 -3.52
CA TRP A 29 -3.07 -5.05 -2.84
C TRP A 29 -3.47 -6.49 -2.57
N GLN A 30 -2.70 -7.44 -3.09
CA GLN A 30 -2.97 -8.86 -2.89
C GLN A 30 -1.77 -9.57 -2.30
N TYR A 31 -2.02 -10.66 -1.59
CA TYR A 31 -0.95 -11.43 -0.96
C TYR A 31 -0.97 -12.88 -1.45
N ILE A 32 0.22 -13.49 -1.54
CA ILE A 32 0.33 -14.87 -1.99
C ILE A 32 0.50 -15.82 -0.80
N ASP A 33 -0.53 -16.59 -0.52
CA ASP A 33 -0.49 -17.54 0.59
C ASP A 33 0.37 -18.75 0.24
N LYS A 34 0.69 -19.56 1.25
CA LYS A 34 1.51 -20.74 1.05
C LYS A 34 1.33 -21.29 -0.36
N ASN A 35 0.17 -21.88 -0.63
CA ASN A 35 -0.12 -22.44 -1.94
C ASN A 35 -1.39 -21.82 -2.52
N ILE A 36 -1.79 -20.67 -2.00
CA ILE A 36 -2.98 -19.98 -2.47
C ILE A 36 -2.69 -18.50 -2.71
N THR A 37 -3.47 -17.89 -3.61
CA THR A 37 -3.31 -16.48 -3.93
C THR A 37 -4.59 -15.70 -3.67
N GLN A 38 -4.64 -15.02 -2.53
CA GLN A 38 -5.80 -14.24 -2.15
C GLN A 38 -5.48 -12.75 -2.16
N CYS A 39 -6.50 -11.92 -1.92
CA CYS A 39 -6.33 -10.47 -1.91
C CYS A 39 -6.77 -9.90 -0.56
N PHE A 40 -6.34 -8.67 -0.29
CA PHE A 40 -6.69 -8.00 0.96
C PHE A 40 -8.03 -7.29 0.84
N ASP A 41 -8.63 -6.97 1.99
CA ASP A 41 -9.92 -6.29 2.01
C ASP A 41 -9.77 -4.83 1.57
N LYS A 42 -10.90 -4.14 1.44
CA LYS A 42 -10.90 -2.75 1.03
C LYS A 42 -10.35 -1.86 2.12
N MET A 43 -10.44 -2.32 3.37
CA MET A 43 -9.95 -1.56 4.51
C MET A 43 -8.45 -1.77 4.69
N THR A 44 -7.96 -2.93 4.27
CA THR A 44 -6.54 -3.25 4.39
C THR A 44 -5.77 -2.79 3.16
N ASN A 45 -6.32 -3.04 1.98
CA ASN A 45 -5.69 -2.66 0.73
C ASN A 45 -5.02 -1.29 0.87
N MET A 46 -5.70 -0.37 1.55
CA MET A 46 -5.16 0.97 1.76
C MET A 46 -4.03 0.95 2.78
N LYS A 47 -4.19 0.13 3.81
CA LYS A 47 -3.18 0.02 4.86
C LYS A 47 -1.82 -0.33 4.27
N LEU A 48 -1.82 -1.01 3.13
CA LEU A 48 -0.59 -1.41 2.46
C LEU A 48 -0.10 -0.31 1.54
N GLU A 49 -0.99 0.21 0.70
CA GLU A 49 -0.63 1.27 -0.23
C GLU A 49 -0.10 2.49 0.51
N VAL A 50 -0.80 2.88 1.57
CA VAL A 50 -0.39 4.04 2.37
C VAL A 50 1.08 3.93 2.78
N ALA A 51 1.47 2.75 3.23
CA ALA A 51 2.85 2.51 3.65
C ALA A 51 3.80 2.54 2.47
N TRP A 52 3.33 2.07 1.33
CA TRP A 52 4.14 2.04 0.11
C TRP A 52 4.27 3.44 -0.48
N LYS A 53 3.26 4.27 -0.27
CA LYS A 53 3.28 5.64 -0.78
C LYS A 53 4.07 6.56 0.14
N ALA A 54 3.99 6.29 1.44
CA ALA A 54 4.71 7.10 2.42
C ALA A 54 6.17 6.69 2.52
N LYS A 55 6.62 5.89 1.54
CA LYS A 55 8.00 5.42 1.52
C LYS A 55 8.38 4.77 2.84
N LYS A 56 7.45 4.00 3.41
CA LYS A 56 7.68 3.32 4.67
C LYS A 56 8.53 2.07 4.45
N LYS A 57 8.97 1.47 5.56
CA LYS A 57 9.79 0.26 5.50
C LYS A 57 8.92 -0.99 5.58
N ASP A 58 7.88 -0.92 6.38
CA ASP A 58 6.97 -2.04 6.56
C ASP A 58 5.69 -1.60 7.27
N THR A 59 4.60 -2.33 7.03
CA THR A 59 3.31 -2.01 7.64
C THR A 59 2.66 -3.25 8.23
N VAL A 60 2.13 -3.12 9.44
CA VAL A 60 1.47 -4.23 10.11
C VAL A 60 -0.02 -4.29 9.77
N VAL A 61 -0.50 -5.49 9.47
CA VAL A 61 -1.90 -5.69 9.13
C VAL A 61 -2.45 -6.97 9.77
N GLN A 62 -3.76 -7.00 9.97
CA GLN A 62 -4.41 -8.16 10.57
C GLN A 62 -4.73 -9.21 9.51
N ILE A 63 -3.94 -10.27 9.47
CA ILE A 63 -4.14 -11.34 8.50
C ILE A 63 -4.48 -12.65 9.20
N HIS A 64 -5.70 -13.14 8.97
CA HIS A 64 -6.15 -14.38 9.57
C HIS A 64 -6.31 -14.24 11.09
N ASN A 65 -6.86 -13.09 11.51
CA ASN A 65 -7.06 -12.82 12.93
C ASN A 65 -5.73 -12.77 13.67
N GLN A 66 -4.67 -12.43 12.95
CA GLN A 66 -3.34 -12.34 13.55
C GLN A 66 -2.52 -11.23 12.88
N ASP A 67 -1.97 -10.34 13.71
CA ASP A 67 -1.16 -9.24 13.20
C ASP A 67 0.07 -9.76 12.47
N PHE A 68 0.33 -9.21 11.29
CA PHE A 68 1.48 -9.62 10.48
C PHE A 68 2.29 -8.40 10.04
N THR A 69 3.60 -8.61 9.86
CA THR A 69 4.49 -7.54 9.44
C THR A 69 4.76 -7.60 7.94
N VAL A 70 4.16 -6.68 7.19
CA VAL A 70 4.35 -6.63 5.74
C VAL A 70 5.49 -5.70 5.37
N ASP A 71 6.55 -6.26 4.78
CA ASP A 71 7.70 -5.47 4.37
C ASP A 71 7.56 -5.03 2.91
N LEU A 72 7.55 -3.72 2.69
CA LEU A 72 7.42 -3.17 1.36
C LEU A 72 8.71 -3.36 0.56
N SER A 73 9.85 -3.15 1.23
CA SER A 73 11.15 -3.29 0.59
C SER A 73 11.19 -4.55 -0.27
N THR A 74 10.89 -5.69 0.34
CA THR A 74 10.90 -6.97 -0.37
C THR A 74 9.49 -7.37 -0.79
N ASN A 75 8.50 -6.78 -0.14
CA ASN A 75 7.10 -7.07 -0.45
C ASN A 75 6.72 -8.47 0.02
N THR A 76 6.95 -8.74 1.30
CA THR A 76 6.64 -10.04 1.88
C THR A 76 6.16 -9.90 3.32
N ALA A 77 5.11 -10.64 3.66
CA ALA A 77 4.54 -10.60 5.01
C ALA A 77 5.15 -11.69 5.88
N THR A 78 5.30 -11.39 7.17
CA THR A 78 5.87 -12.35 8.11
C THR A 78 5.26 -12.17 9.50
N ALA A 79 5.18 -13.27 10.25
CA ALA A 79 4.62 -13.24 11.59
C ALA A 79 5.41 -14.14 12.53
N PRO A 80 5.38 -13.80 13.83
CA PRO A 80 6.09 -14.57 14.86
C PRO A 80 5.48 -15.94 15.09
N GLN A 81 4.45 -16.27 14.31
CA GLN A 81 3.78 -17.56 14.43
C GLN A 81 4.45 -18.61 13.55
N GLY A 82 4.88 -18.19 12.37
CA GLY A 82 5.53 -19.12 11.45
C GLY A 82 4.89 -19.14 10.08
N GLN A 83 4.40 -17.98 9.65
CA GLN A 83 3.75 -17.87 8.35
C GLN A 83 4.24 -16.65 7.60
N THR A 84 4.51 -16.82 6.30
CA THR A 84 5.00 -15.72 5.47
C THR A 84 4.32 -15.73 4.10
N PHE A 85 4.06 -14.55 3.57
CA PHE A 85 3.42 -14.42 2.26
C PHE A 85 4.10 -13.34 1.43
N THR A 86 3.67 -13.22 0.17
CA THR A 86 4.23 -12.23 -0.74
C THR A 86 3.18 -11.21 -1.15
N VAL A 87 3.48 -9.93 -0.91
CA VAL A 87 2.56 -8.86 -1.26
C VAL A 87 2.93 -8.22 -2.59
N GLN A 88 1.93 -8.00 -3.44
CA GLN A 88 2.15 -7.40 -4.76
C GLN A 88 1.19 -6.24 -4.99
N ARG A 89 1.73 -5.13 -5.48
CA ARG A 89 0.93 -3.94 -5.75
C ARG A 89 0.51 -3.90 -7.22
N LEU A 90 -0.79 -3.78 -7.46
CA LEU A 90 -1.32 -3.72 -8.81
C LEU A 90 -1.96 -2.36 -9.10
N VAL A 91 -2.16 -2.06 -10.37
CA VAL A 91 -2.78 -0.81 -10.77
C VAL A 91 -4.08 -1.04 -11.52
N LYS A 92 -5.21 -0.77 -10.86
CA LYS A 92 -6.52 -0.95 -11.47
C LYS A 92 -7.10 0.39 -11.91
N ALA A 93 -7.30 0.53 -13.22
CA ALA A 93 -7.85 1.76 -13.76
C ALA A 93 -9.04 1.47 -14.69
N SER A 94 -10.06 2.31 -14.61
CA SER A 94 -11.26 2.13 -15.42
C SER A 94 -10.89 1.90 -16.88
N GLY A 95 -10.11 2.81 -17.44
CA GLY A 95 -9.69 2.69 -18.82
C GLY A 95 -8.84 3.86 -19.28
N PRO A 96 -9.43 4.75 -20.10
CA PRO A 96 -8.74 5.93 -20.61
C PRO A 96 -8.45 6.96 -19.53
N SER A 97 -7.65 7.96 -19.87
CA SER A 97 -7.30 9.02 -18.92
C SER A 97 -8.55 9.68 -18.35
N SER A 98 -8.46 10.12 -17.11
CA SER A 98 -9.58 10.76 -16.44
C SER A 98 -9.15 12.07 -15.77
N GLY A 99 -10.13 12.90 -15.41
CA GLY A 99 -9.82 14.16 -14.77
C GLY A 99 -10.32 15.35 -15.57
N GLY A 1 8.78 26.66 19.41
CA GLY A 1 9.66 26.64 20.55
C GLY A 1 9.65 25.31 21.29
N SER A 2 9.95 25.35 22.58
CA SER A 2 9.98 24.14 23.38
C SER A 2 8.77 24.09 24.33
N SER A 3 8.17 22.90 24.45
CA SER A 3 7.02 22.73 25.31
C SER A 3 6.14 23.97 25.32
N GLY A 4 5.95 24.56 24.15
CA GLY A 4 5.13 25.76 24.04
C GLY A 4 3.67 25.45 23.83
N SER A 5 3.30 25.15 22.59
CA SER A 5 1.92 24.83 22.26
C SER A 5 1.29 23.93 23.32
N SER A 6 -0.02 24.05 23.50
CA SER A 6 -0.73 23.25 24.49
C SER A 6 -0.51 21.77 24.23
N GLY A 7 -0.76 21.34 22.99
CA GLY A 7 -0.58 19.94 22.64
C GLY A 7 0.34 19.76 21.45
N LYS A 8 0.11 18.69 20.69
CA LYS A 8 0.93 18.40 19.51
C LYS A 8 0.08 18.41 18.25
N SER A 9 -0.84 19.37 18.16
CA SER A 9 -1.71 19.49 17.00
C SER A 9 -0.93 19.98 15.78
N ILE A 10 -0.57 19.04 14.90
CA ILE A 10 0.18 19.38 13.70
C ILE A 10 -0.11 18.39 12.57
N ARG A 11 -0.24 18.90 11.36
CA ARG A 11 -0.52 18.06 10.20
C ARG A 11 0.49 18.33 9.08
N LEU A 12 1.50 17.47 8.98
CA LEU A 12 2.52 17.60 7.96
C LEU A 12 2.04 17.03 6.62
N ALA A 13 2.80 17.31 5.57
CA ALA A 13 2.45 16.81 4.24
C ALA A 13 3.70 16.61 3.39
N LYS A 14 3.50 16.13 2.16
CA LYS A 14 4.61 15.89 1.25
C LYS A 14 4.32 16.47 -0.14
N GLU A 15 5.22 17.31 -0.63
CA GLU A 15 5.05 17.92 -1.93
C GLU A 15 4.48 16.93 -2.94
N LYS A 16 5.08 15.75 -2.99
CA LYS A 16 4.64 14.70 -3.91
C LYS A 16 3.23 14.23 -3.55
N GLU A 17 2.90 14.28 -2.27
CA GLU A 17 1.59 13.85 -1.81
C GLU A 17 0.50 14.25 -2.80
N SER A 18 0.72 15.37 -3.49
CA SER A 18 -0.25 15.85 -4.47
C SER A 18 -0.69 14.73 -5.39
N GLN A 19 0.28 14.01 -5.95
CA GLN A 19 -0.01 12.90 -6.86
C GLN A 19 -0.31 11.62 -6.08
N ALA A 20 0.44 11.40 -5.01
CA ALA A 20 0.25 10.21 -4.18
C ALA A 20 -1.23 9.83 -4.10
N ASP A 21 -2.04 10.75 -3.58
CA ASP A 21 -3.48 10.51 -3.45
C ASP A 21 -4.12 10.26 -4.81
N TYR A 22 -3.75 11.08 -5.79
CA TYR A 22 -4.29 10.95 -7.13
C TYR A 22 -4.26 9.50 -7.60
N ILE A 23 -3.13 8.84 -7.39
CA ILE A 23 -2.97 7.44 -7.78
C ILE A 23 -3.61 6.51 -6.76
N SER A 24 -3.33 6.75 -5.48
CA SER A 24 -3.87 5.92 -4.41
C SER A 24 -5.36 5.67 -4.63
N THR A 25 -6.10 6.72 -4.96
CA THR A 25 -7.53 6.63 -5.20
C THR A 25 -7.89 5.29 -5.84
N TYR A 26 -6.98 4.77 -6.66
CA TYR A 26 -7.20 3.49 -7.34
C TYR A 26 -5.95 2.61 -7.25
N VAL A 27 -6.03 1.59 -6.39
CA VAL A 27 -4.92 0.66 -6.22
C VAL A 27 -5.42 -0.70 -5.74
N GLU A 28 -4.59 -1.72 -5.97
CA GLU A 28 -4.96 -3.08 -5.56
C GLU A 28 -3.77 -3.78 -4.89
N TRP A 29 -4.04 -4.42 -3.76
CA TRP A 29 -3.00 -5.12 -3.01
C TRP A 29 -3.43 -6.55 -2.71
N GLN A 30 -2.65 -7.51 -3.21
CA GLN A 30 -2.94 -8.93 -3.00
C GLN A 30 -1.75 -9.64 -2.38
N TYR A 31 -2.03 -10.65 -1.56
CA TYR A 31 -0.98 -11.41 -0.90
C TYR A 31 -0.99 -12.87 -1.35
N ILE A 32 0.19 -13.45 -1.49
CA ILE A 32 0.31 -14.83 -1.92
C ILE A 32 0.47 -15.77 -0.72
N ASP A 33 -0.57 -16.52 -0.41
CA ASP A 33 -0.55 -17.45 0.71
C ASP A 33 0.30 -18.67 0.38
N LYS A 34 0.62 -19.46 1.40
CA LYS A 34 1.42 -20.67 1.22
C LYS A 34 1.23 -21.25 -0.18
N ASN A 35 0.07 -21.84 -0.42
CA ASN A 35 -0.24 -22.44 -1.71
C ASN A 35 -1.50 -21.81 -2.31
N ILE A 36 -1.88 -20.64 -1.79
CA ILE A 36 -3.06 -19.94 -2.29
C ILE A 36 -2.76 -18.47 -2.55
N THR A 37 -3.50 -17.88 -3.48
CA THR A 37 -3.31 -16.47 -3.83
C THR A 37 -4.59 -15.68 -3.59
N GLN A 38 -4.65 -15.01 -2.45
CA GLN A 38 -5.81 -14.21 -2.10
C GLN A 38 -5.46 -12.72 -2.02
N CYS A 39 -6.45 -11.89 -1.73
CA CYS A 39 -6.23 -10.45 -1.63
C CYS A 39 -6.71 -9.93 -0.28
N PHE A 40 -6.22 -8.75 0.09
CA PHE A 40 -6.59 -8.14 1.37
C PHE A 40 -8.00 -7.55 1.31
N ASP A 41 -8.45 -6.98 2.42
CA ASP A 41 -9.78 -6.39 2.49
C ASP A 41 -9.76 -4.96 1.97
N LYS A 42 -10.95 -4.39 1.79
CA LYS A 42 -11.08 -3.02 1.29
C LYS A 42 -10.53 -2.02 2.31
N MET A 43 -10.35 -2.48 3.54
CA MET A 43 -9.82 -1.63 4.61
C MET A 43 -8.31 -1.75 4.70
N THR A 44 -7.81 -2.97 4.53
CA THR A 44 -6.37 -3.22 4.59
C THR A 44 -5.67 -2.78 3.31
N ASN A 45 -6.29 -3.11 2.17
CA ASN A 45 -5.73 -2.76 0.88
C ASN A 45 -5.08 -1.38 0.91
N MET A 46 -5.72 -0.46 1.62
CA MET A 46 -5.20 0.91 1.74
C MET A 46 -4.10 0.98 2.78
N LYS A 47 -4.26 0.22 3.87
CA LYS A 47 -3.27 0.20 4.94
C LYS A 47 -1.89 -0.14 4.39
N LEU A 48 -1.85 -0.75 3.22
CA LEU A 48 -0.59 -1.13 2.58
C LEU A 48 -0.12 -0.04 1.63
N GLU A 49 -0.94 0.27 0.62
CA GLU A 49 -0.59 1.28 -0.36
C GLU A 49 -0.11 2.56 0.33
N VAL A 50 -0.79 2.94 1.41
CA VAL A 50 -0.42 4.14 2.15
C VAL A 50 1.01 4.06 2.66
N ALA A 51 1.41 2.86 3.08
CA ALA A 51 2.76 2.64 3.60
C ALA A 51 3.78 2.57 2.46
N TRP A 52 3.34 2.10 1.30
CA TRP A 52 4.21 1.99 0.13
C TRP A 52 4.44 3.36 -0.50
N LYS A 53 3.44 4.22 -0.41
CA LYS A 53 3.54 5.56 -0.98
C LYS A 53 4.16 6.53 0.02
N ALA A 54 3.92 6.28 1.31
CA ALA A 54 4.46 7.12 2.37
C ALA A 54 5.94 6.84 2.58
N LYS A 55 6.53 6.04 1.71
CA LYS A 55 7.95 5.69 1.81
C LYS A 55 8.24 5.00 3.14
N LYS A 56 7.35 4.11 3.54
CA LYS A 56 7.52 3.37 4.80
C LYS A 56 8.37 2.13 4.59
N LYS A 57 8.85 1.55 5.68
CA LYS A 57 9.68 0.35 5.62
C LYS A 57 8.81 -0.91 5.65
N ASP A 58 7.75 -0.87 6.45
CA ASP A 58 6.85 -2.01 6.56
C ASP A 58 5.57 -1.61 7.29
N THR A 59 4.48 -2.34 7.01
CA THR A 59 3.19 -2.05 7.64
C THR A 59 2.57 -3.32 8.20
N VAL A 60 2.09 -3.25 9.43
CA VAL A 60 1.46 -4.40 10.08
C VAL A 60 -0.03 -4.44 9.79
N VAL A 61 -0.52 -5.63 9.44
CA VAL A 61 -1.94 -5.81 9.13
C VAL A 61 -2.48 -7.09 9.75
N GLN A 62 -3.78 -7.13 10.00
CA GLN A 62 -4.42 -8.30 10.59
C GLN A 62 -4.72 -9.35 9.53
N ILE A 63 -3.92 -10.41 9.51
CA ILE A 63 -4.11 -11.48 8.55
C ILE A 63 -4.42 -12.80 9.25
N HIS A 64 -5.58 -13.37 8.94
CA HIS A 64 -6.00 -14.63 9.55
C HIS A 64 -6.19 -14.48 11.05
N ASN A 65 -6.74 -13.35 11.46
CA ASN A 65 -6.97 -13.08 12.88
C ASN A 65 -5.65 -13.00 13.64
N GLN A 66 -4.59 -12.62 12.94
CA GLN A 66 -3.27 -12.52 13.56
C GLN A 66 -2.46 -11.40 12.91
N ASP A 67 -1.91 -10.52 13.74
CA ASP A 67 -1.11 -9.40 13.25
C ASP A 67 0.12 -9.90 12.50
N PHE A 68 0.37 -9.32 11.33
CA PHE A 68 1.52 -9.71 10.51
C PHE A 68 2.31 -8.49 10.07
N THR A 69 3.61 -8.68 9.86
CA THR A 69 4.48 -7.59 9.45
C THR A 69 4.75 -7.65 7.94
N VAL A 70 4.16 -6.71 7.21
CA VAL A 70 4.33 -6.64 5.76
C VAL A 70 5.45 -5.68 5.38
N ASP A 71 6.54 -6.23 4.85
CA ASP A 71 7.68 -5.41 4.44
C ASP A 71 7.54 -4.98 2.98
N LEU A 72 7.50 -3.67 2.76
CA LEU A 72 7.36 -3.12 1.41
C LEU A 72 8.66 -3.29 0.63
N SER A 73 9.78 -3.06 1.30
CA SER A 73 11.09 -3.18 0.67
C SER A 73 11.15 -4.42 -0.22
N THR A 74 10.77 -5.57 0.35
CA THR A 74 10.78 -6.83 -0.39
C THR A 74 9.37 -7.24 -0.80
N ASN A 75 8.37 -6.68 -0.12
CA ASN A 75 6.98 -6.98 -0.42
C ASN A 75 6.62 -8.40 0.06
N THR A 76 6.90 -8.68 1.32
CA THR A 76 6.60 -9.99 1.89
C THR A 76 6.12 -9.86 3.33
N ALA A 77 5.08 -10.60 3.67
CA ALA A 77 4.52 -10.58 5.02
C ALA A 77 5.11 -11.70 5.88
N THR A 78 5.26 -11.43 7.17
CA THR A 78 5.82 -12.40 8.09
C THR A 78 5.16 -12.29 9.47
N ALA A 79 5.23 -13.38 10.23
CA ALA A 79 4.64 -13.41 11.57
C ALA A 79 5.44 -14.30 12.50
N PRO A 80 5.39 -13.99 13.80
CA PRO A 80 6.11 -14.77 14.83
C PRO A 80 5.51 -16.15 15.03
N GLN A 81 4.51 -16.49 14.23
CA GLN A 81 3.85 -17.79 14.32
C GLN A 81 4.55 -18.81 13.43
N GLY A 82 4.96 -18.37 12.24
CA GLY A 82 5.62 -19.26 11.31
C GLY A 82 4.97 -19.26 9.94
N GLN A 83 4.47 -18.10 9.53
CA GLN A 83 3.81 -17.97 8.23
C GLN A 83 4.29 -16.71 7.50
N THR A 84 4.59 -16.86 6.22
CA THR A 84 5.07 -15.75 5.41
C THR A 84 4.39 -15.73 4.05
N PHE A 85 4.02 -14.53 3.59
CA PHE A 85 3.36 -14.38 2.30
C PHE A 85 4.05 -13.30 1.47
N THR A 86 3.60 -13.14 0.22
CA THR A 86 4.17 -12.16 -0.69
C THR A 86 3.11 -11.15 -1.13
N VAL A 87 3.38 -9.87 -0.90
CA VAL A 87 2.46 -8.81 -1.27
C VAL A 87 2.86 -8.19 -2.61
N GLN A 88 1.86 -7.95 -3.46
CA GLN A 88 2.11 -7.35 -4.77
C GLN A 88 1.24 -6.12 -4.98
N ARG A 89 1.79 -5.12 -5.65
CA ARG A 89 1.07 -3.87 -5.92
C ARG A 89 0.59 -3.82 -7.37
N LEU A 90 -0.70 -3.54 -7.55
CA LEU A 90 -1.28 -3.47 -8.89
C LEU A 90 -2.13 -2.21 -9.04
N VAL A 91 -1.90 -1.47 -10.12
CA VAL A 91 -2.65 -0.24 -10.37
C VAL A 91 -3.97 -0.54 -11.08
N LYS A 92 -5.02 0.16 -10.66
CA LYS A 92 -6.34 -0.02 -11.24
C LYS A 92 -6.83 1.25 -11.91
N ALA A 93 -7.53 1.10 -13.03
CA ALA A 93 -8.05 2.24 -13.76
C ALA A 93 -9.54 2.46 -13.45
N SER A 94 -9.82 3.37 -12.54
CA SER A 94 -11.19 3.67 -12.14
C SER A 94 -11.88 4.54 -13.20
N GLY A 95 -13.01 4.06 -13.70
CA GLY A 95 -13.75 4.79 -14.72
C GLY A 95 -14.75 3.93 -15.45
N PRO A 96 -14.25 2.91 -16.17
CA PRO A 96 -15.08 2.00 -16.95
C PRO A 96 -15.90 1.07 -16.05
N SER A 97 -16.60 0.12 -16.67
CA SER A 97 -17.43 -0.82 -15.93
C SER A 97 -16.62 -2.07 -15.56
N SER A 98 -16.14 -2.77 -16.59
CA SER A 98 -15.36 -3.99 -16.38
C SER A 98 -14.51 -4.31 -17.60
N GLY A 99 -13.20 -4.23 -17.43
CA GLY A 99 -12.29 -4.51 -18.53
C GLY A 99 -11.92 -5.98 -18.61
N GLY A 1 4.16 26.61 -21.22
CA GLY A 1 4.95 25.83 -20.29
C GLY A 1 5.21 26.57 -18.99
N SER A 2 4.85 25.95 -17.87
CA SER A 2 5.06 26.55 -16.57
C SER A 2 5.84 25.63 -15.65
N SER A 3 6.62 26.22 -14.74
CA SER A 3 7.43 25.44 -13.81
C SER A 3 6.54 24.70 -12.81
N GLY A 4 7.08 23.63 -12.23
CA GLY A 4 6.33 22.85 -11.27
C GLY A 4 7.16 21.74 -10.65
N SER A 5 6.50 20.66 -10.25
CA SER A 5 7.19 19.52 -9.63
C SER A 5 7.93 18.71 -10.68
N SER A 6 9.26 18.81 -10.66
CA SER A 6 10.10 18.09 -11.62
C SER A 6 9.85 16.59 -11.52
N GLY A 7 9.88 16.06 -10.30
CA GLY A 7 9.66 14.64 -10.10
C GLY A 7 10.56 14.06 -9.02
N LYS A 8 10.61 14.74 -7.88
CA LYS A 8 11.44 14.28 -6.77
C LYS A 8 10.60 14.07 -5.51
N SER A 9 11.22 13.50 -4.49
CA SER A 9 10.52 13.24 -3.22
C SER A 9 9.80 14.49 -2.73
N ILE A 10 8.87 14.31 -1.80
CA ILE A 10 8.11 15.42 -1.26
C ILE A 10 8.97 16.23 -0.28
N ARG A 11 9.68 17.22 -0.81
CA ARG A 11 10.53 18.06 0.00
C ARG A 11 9.74 18.70 1.14
N LEU A 12 8.67 19.40 0.79
CA LEU A 12 7.81 20.06 1.78
C LEU A 12 6.34 19.96 1.39
N ALA A 13 5.47 20.39 2.29
CA ALA A 13 4.04 20.35 2.05
C ALA A 13 3.68 21.18 0.82
N LYS A 14 2.47 20.96 0.29
CA LYS A 14 2.00 21.68 -0.88
C LYS A 14 0.55 21.33 -1.19
N GLU A 15 -0.08 22.14 -2.03
CA GLU A 15 -1.48 21.91 -2.41
C GLU A 15 -1.57 20.85 -3.52
N LYS A 16 -0.60 20.86 -4.43
CA LYS A 16 -0.57 19.91 -5.52
C LYS A 16 -0.79 18.49 -5.03
N GLU A 17 -0.48 18.26 -3.75
CA GLU A 17 -0.65 16.95 -3.15
C GLU A 17 -1.96 16.30 -3.61
N SER A 18 -2.96 17.12 -3.85
CA SER A 18 -4.27 16.64 -4.30
C SER A 18 -4.10 15.52 -5.31
N GLN A 19 -3.12 15.65 -6.20
CA GLN A 19 -2.86 14.65 -7.22
C GLN A 19 -2.38 13.34 -6.58
N ALA A 20 -1.46 13.45 -5.63
CA ALA A 20 -0.93 12.28 -4.95
C ALA A 20 -2.04 11.34 -4.50
N ASP A 21 -3.10 11.93 -3.92
CA ASP A 21 -4.24 11.14 -3.45
C ASP A 21 -5.00 10.53 -4.62
N TYR A 22 -5.11 11.28 -5.70
CA TYR A 22 -5.82 10.82 -6.89
C TYR A 22 -5.19 9.54 -7.44
N ILE A 23 -3.95 9.29 -7.05
CA ILE A 23 -3.23 8.10 -7.49
C ILE A 23 -3.55 6.90 -6.61
N SER A 24 -3.29 7.04 -5.31
CA SER A 24 -3.55 5.96 -4.36
C SER A 24 -5.04 5.62 -4.32
N THR A 25 -5.87 6.64 -4.39
CA THR A 25 -7.31 6.46 -4.36
C THR A 25 -7.71 5.16 -5.05
N TYR A 26 -6.98 4.81 -6.10
CA TYR A 26 -7.26 3.58 -6.85
C TYR A 26 -6.03 2.67 -6.89
N VAL A 27 -6.05 1.63 -6.07
CA VAL A 27 -4.94 0.68 -6.01
C VAL A 27 -5.41 -0.68 -5.53
N GLU A 28 -4.64 -1.72 -5.86
CA GLU A 28 -4.97 -3.07 -5.46
C GLU A 28 -3.78 -3.76 -4.79
N TRP A 29 -4.04 -4.43 -3.68
CA TRP A 29 -3.00 -5.13 -2.94
C TRP A 29 -3.42 -6.56 -2.62
N GLN A 30 -2.67 -7.53 -3.14
CA GLN A 30 -2.96 -8.94 -2.90
C GLN A 30 -1.78 -9.64 -2.26
N TYR A 31 -2.06 -10.69 -1.50
CA TYR A 31 -1.01 -11.46 -0.84
C TYR A 31 -1.01 -12.91 -1.30
N ILE A 32 0.17 -13.47 -1.52
CA ILE A 32 0.30 -14.85 -1.95
C ILE A 32 0.48 -15.79 -0.77
N ASP A 33 -0.56 -16.54 -0.45
CA ASP A 33 -0.51 -17.49 0.65
C ASP A 33 0.33 -18.70 0.30
N LYS A 34 0.65 -19.51 1.30
CA LYS A 34 1.45 -20.71 1.10
C LYS A 34 1.25 -21.26 -0.30
N ASN A 35 0.09 -21.86 -0.54
CA ASN A 35 -0.23 -22.43 -1.83
C ASN A 35 -1.50 -21.81 -2.41
N ILE A 36 -1.88 -20.66 -1.88
CA ILE A 36 -3.08 -19.96 -2.34
C ILE A 36 -2.79 -18.48 -2.59
N THR A 37 -3.50 -17.91 -3.56
CA THR A 37 -3.32 -16.51 -3.91
C THR A 37 -4.61 -15.72 -3.67
N GLN A 38 -4.68 -15.05 -2.53
CA GLN A 38 -5.86 -14.25 -2.19
C GLN A 38 -5.54 -12.77 -2.22
N CYS A 39 -6.55 -11.94 -1.97
CA CYS A 39 -6.37 -10.49 -1.97
C CYS A 39 -6.85 -9.89 -0.65
N PHE A 40 -6.37 -8.69 -0.34
CA PHE A 40 -6.75 -8.01 0.89
C PHE A 40 -8.10 -7.32 0.75
N ASP A 41 -8.72 -6.99 1.87
CA ASP A 41 -10.01 -6.32 1.87
C ASP A 41 -9.88 -4.88 1.37
N LYS A 42 -11.01 -4.18 1.27
CA LYS A 42 -11.01 -2.80 0.80
C LYS A 42 -10.42 -1.87 1.85
N MET A 43 -10.53 -2.26 3.12
CA MET A 43 -10.00 -1.46 4.22
C MET A 43 -8.50 -1.66 4.36
N THR A 44 -8.07 -2.91 4.29
CA THR A 44 -6.66 -3.25 4.41
C THR A 44 -5.88 -2.84 3.16
N ASN A 45 -6.52 -3.01 2.00
CA ASN A 45 -5.89 -2.67 0.73
C ASN A 45 -5.14 -1.35 0.83
N MET A 46 -5.78 -0.35 1.43
CA MET A 46 -5.17 0.97 1.58
C MET A 46 -4.12 0.94 2.70
N LYS A 47 -4.41 0.20 3.76
CA LYS A 47 -3.50 0.08 4.89
C LYS A 47 -2.09 -0.25 4.42
N LEU A 48 -2.00 -0.85 3.23
CA LEU A 48 -0.71 -1.22 2.65
C LEU A 48 -0.20 -0.15 1.70
N GLU A 49 -1.06 0.26 0.77
CA GLU A 49 -0.69 1.29 -0.20
C GLU A 49 -0.20 2.55 0.49
N VAL A 50 -0.80 2.87 1.63
CA VAL A 50 -0.42 4.05 2.40
C VAL A 50 1.05 3.97 2.84
N ALA A 51 1.45 2.80 3.30
CA ALA A 51 2.83 2.59 3.75
C ALA A 51 3.80 2.65 2.57
N TRP A 52 3.34 2.20 1.41
CA TRP A 52 4.17 2.20 0.21
C TRP A 52 4.34 3.61 -0.33
N LYS A 53 3.33 4.44 -0.12
CA LYS A 53 3.36 5.82 -0.60
C LYS A 53 4.08 6.72 0.41
N ALA A 54 3.97 6.37 1.69
CA ALA A 54 4.60 7.15 2.75
C ALA A 54 6.09 6.83 2.84
N LYS A 55 6.60 6.10 1.85
CA LYS A 55 8.01 5.73 1.83
C LYS A 55 8.39 4.95 3.08
N LYS A 56 7.47 4.11 3.55
CA LYS A 56 7.71 3.31 4.74
C LYS A 56 8.52 2.06 4.40
N LYS A 57 9.02 1.37 5.43
CA LYS A 57 9.81 0.17 5.23
C LYS A 57 8.93 -1.08 5.35
N ASP A 58 7.93 -1.01 6.22
CA ASP A 58 7.02 -2.14 6.42
C ASP A 58 5.77 -1.69 7.17
N THR A 59 4.66 -2.36 6.90
CA THR A 59 3.39 -2.03 7.55
C THR A 59 2.76 -3.28 8.18
N VAL A 60 2.18 -3.10 9.36
CA VAL A 60 1.54 -4.20 10.07
C VAL A 60 0.04 -4.26 9.76
N VAL A 61 -0.44 -5.47 9.47
CA VAL A 61 -1.85 -5.66 9.15
C VAL A 61 -2.38 -6.95 9.78
N GLN A 62 -3.67 -6.96 10.08
CA GLN A 62 -4.31 -8.12 10.69
C GLN A 62 -4.64 -9.18 9.63
N ILE A 63 -3.89 -10.26 9.62
CA ILE A 63 -4.10 -11.34 8.65
C ILE A 63 -4.43 -12.65 9.36
N HIS A 64 -5.57 -13.24 9.00
CA HIS A 64 -5.99 -14.50 9.61
C HIS A 64 -6.23 -14.34 11.11
N ASN A 65 -6.65 -13.14 11.50
CA ASN A 65 -6.91 -12.85 12.91
C ASN A 65 -5.60 -12.79 13.70
N GLN A 66 -4.52 -12.43 13.03
CA GLN A 66 -3.22 -12.33 13.67
C GLN A 66 -2.39 -11.21 13.04
N ASP A 67 -1.77 -10.39 13.89
CA ASP A 67 -0.95 -9.28 13.41
C ASP A 67 0.24 -9.79 12.60
N PHE A 68 0.43 -9.21 11.42
CA PHE A 68 1.53 -9.62 10.55
C PHE A 68 2.33 -8.40 10.09
N THR A 69 3.61 -8.61 9.79
CA THR A 69 4.48 -7.54 9.35
C THR A 69 4.75 -7.63 7.85
N VAL A 70 4.18 -6.69 7.09
CA VAL A 70 4.36 -6.67 5.64
C VAL A 70 5.49 -5.74 5.25
N ASP A 71 6.59 -6.33 4.75
CA ASP A 71 7.74 -5.54 4.32
C ASP A 71 7.62 -5.12 2.87
N LEU A 72 7.53 -3.81 2.64
CA LEU A 72 7.41 -3.27 1.30
C LEU A 72 8.70 -3.45 0.50
N SER A 73 9.82 -3.21 1.18
CA SER A 73 11.13 -3.35 0.54
C SER A 73 11.19 -4.62 -0.31
N THR A 74 10.84 -5.75 0.31
CA THR A 74 10.85 -7.02 -0.39
C THR A 74 9.44 -7.46 -0.78
N ASN A 75 8.45 -6.82 -0.18
CA ASN A 75 7.05 -7.14 -0.48
C ASN A 75 6.69 -8.54 0.02
N THR A 76 6.95 -8.80 1.30
CA THR A 76 6.66 -10.09 1.88
C THR A 76 6.16 -9.95 3.32
N ALA A 77 5.10 -10.68 3.65
CA ALA A 77 4.53 -10.63 5.00
C ALA A 77 5.13 -11.72 5.89
N THR A 78 5.25 -11.42 7.18
CA THR A 78 5.81 -12.38 8.13
C THR A 78 5.19 -12.20 9.51
N ALA A 79 5.05 -13.30 10.24
CA ALA A 79 4.48 -13.26 11.58
C ALA A 79 5.25 -14.16 12.54
N PRO A 80 5.22 -13.82 13.83
CA PRO A 80 5.91 -14.59 14.87
C PRO A 80 5.27 -15.95 15.11
N GLN A 81 4.24 -16.27 14.33
CA GLN A 81 3.54 -17.54 14.45
C GLN A 81 4.21 -18.62 13.61
N GLY A 82 4.72 -18.22 12.44
CA GLY A 82 5.38 -19.16 11.57
C GLY A 82 4.77 -19.19 10.18
N GLN A 83 4.33 -18.03 9.70
CA GLN A 83 3.71 -17.93 8.39
C GLN A 83 4.23 -16.70 7.64
N THR A 84 4.44 -16.86 6.33
CA THR A 84 4.93 -15.76 5.50
C THR A 84 4.25 -15.76 4.14
N PHE A 85 4.01 -14.56 3.60
CA PHE A 85 3.36 -14.42 2.31
C PHE A 85 4.06 -13.36 1.47
N THR A 86 3.62 -13.21 0.22
CA THR A 86 4.20 -12.23 -0.69
C THR A 86 3.17 -11.21 -1.14
N VAL A 87 3.46 -9.93 -0.91
CA VAL A 87 2.56 -8.85 -1.31
C VAL A 87 2.95 -8.26 -2.66
N GLN A 88 1.96 -8.01 -3.50
CA GLN A 88 2.19 -7.44 -4.82
C GLN A 88 1.32 -6.21 -5.05
N ARG A 89 1.89 -5.18 -5.67
CA ARG A 89 1.16 -3.96 -5.95
C ARG A 89 0.67 -3.93 -7.40
N LEU A 90 -0.61 -3.65 -7.58
CA LEU A 90 -1.20 -3.59 -8.91
C LEU A 90 -2.09 -2.36 -9.07
N VAL A 91 -1.83 -1.59 -10.12
CA VAL A 91 -2.61 -0.38 -10.39
C VAL A 91 -3.91 -0.71 -11.12
N LYS A 92 -5.03 -0.40 -10.49
CA LYS A 92 -6.34 -0.66 -11.08
C LYS A 92 -6.87 0.58 -11.78
N ALA A 93 -6.42 0.80 -13.02
CA ALA A 93 -6.85 1.95 -13.81
C ALA A 93 -7.79 1.53 -14.92
N SER A 94 -9.06 1.36 -14.59
CA SER A 94 -10.06 0.95 -15.57
C SER A 94 -10.72 2.16 -16.23
N GLY A 95 -10.89 2.11 -17.54
CA GLY A 95 -11.50 3.21 -18.25
C GLY A 95 -11.36 3.08 -19.76
N PRO A 96 -12.12 2.15 -20.35
CA PRO A 96 -12.10 1.91 -21.80
C PRO A 96 -12.69 3.06 -22.60
N SER A 97 -13.69 3.72 -22.01
CA SER A 97 -14.35 4.85 -22.67
C SER A 97 -14.48 6.03 -21.73
N SER A 98 -15.01 7.13 -22.24
CA SER A 98 -15.18 8.34 -21.44
C SER A 98 -16.66 8.71 -21.32
N GLY A 99 -17.33 8.83 -22.46
CA GLY A 99 -18.74 9.18 -22.45
C GLY A 99 -19.64 7.97 -22.62
N GLY A 1 17.19 -3.57 -2.44
CA GLY A 1 18.64 -3.51 -2.47
C GLY A 1 19.16 -2.17 -2.91
N SER A 2 20.33 -1.78 -2.42
CA SER A 2 20.94 -0.50 -2.75
C SER A 2 19.88 0.60 -2.78
N SER A 3 18.99 0.57 -1.80
CA SER A 3 17.92 1.58 -1.71
C SER A 3 18.17 2.53 -0.55
N GLY A 4 17.61 3.73 -0.64
CA GLY A 4 17.79 4.72 0.41
C GLY A 4 16.85 4.49 1.57
N SER A 5 17.41 4.14 2.73
CA SER A 5 16.61 3.89 3.92
C SER A 5 17.11 4.73 5.09
N SER A 6 18.43 4.90 5.17
CA SER A 6 19.03 5.67 6.24
C SER A 6 18.26 5.49 7.55
N GLY A 7 17.88 4.26 7.85
CA GLY A 7 17.14 3.97 9.06
C GLY A 7 15.65 4.26 8.91
N LYS A 8 15.12 5.07 9.82
CA LYS A 8 13.70 5.42 9.78
C LYS A 8 13.50 6.85 9.31
N SER A 9 13.32 7.03 8.02
CA SER A 9 13.12 8.36 7.45
C SER A 9 11.80 8.97 7.92
N ILE A 10 11.90 10.13 8.56
CA ILE A 10 10.71 10.81 9.06
C ILE A 10 10.34 11.99 8.17
N ARG A 11 9.08 12.01 7.73
CA ARG A 11 8.60 13.08 6.86
C ARG A 11 8.76 14.44 7.54
N LEU A 12 8.92 15.48 6.73
CA LEU A 12 9.10 16.83 7.26
C LEU A 12 7.79 17.62 7.15
N ALA A 13 7.27 17.74 5.93
CA ALA A 13 6.03 18.47 5.70
C ALA A 13 4.93 17.52 5.23
N LYS A 14 5.29 16.57 4.38
CA LYS A 14 4.33 15.60 3.85
C LYS A 14 3.32 16.29 2.93
N GLU A 15 3.82 17.18 2.08
CA GLU A 15 2.96 17.90 1.14
C GLU A 15 2.70 17.07 -0.10
N LYS A 16 3.77 16.48 -0.64
CA LYS A 16 3.65 15.66 -1.84
C LYS A 16 2.42 14.78 -1.80
N GLU A 17 1.99 14.43 -0.59
CA GLU A 17 0.81 13.59 -0.40
C GLU A 17 -0.28 13.95 -1.40
N SER A 18 -0.39 15.24 -1.71
CA SER A 18 -1.39 15.71 -2.67
C SER A 18 -1.41 14.83 -3.91
N GLN A 19 -0.24 14.54 -4.44
CA GLN A 19 -0.13 13.70 -5.63
C GLN A 19 -0.51 12.25 -5.32
N ALA A 20 0.09 11.70 -4.27
CA ALA A 20 -0.18 10.33 -3.87
C ALA A 20 -1.67 10.02 -3.96
N ASP A 21 -2.46 10.68 -3.11
CA ASP A 21 -3.90 10.47 -3.08
C ASP A 21 -4.46 10.46 -4.50
N TYR A 22 -4.04 11.42 -5.31
CA TYR A 22 -4.52 11.52 -6.68
C TYR A 22 -4.40 10.18 -7.40
N ILE A 23 -3.36 9.43 -7.06
CA ILE A 23 -3.13 8.12 -7.67
C ILE A 23 -3.72 7.01 -6.82
N SER A 24 -3.26 6.90 -5.58
CA SER A 24 -3.74 5.87 -4.66
C SER A 24 -5.21 5.58 -4.91
N THR A 25 -5.97 6.61 -5.27
CA THR A 25 -7.39 6.46 -5.54
C THR A 25 -7.70 5.09 -6.12
N TYR A 26 -6.86 4.63 -7.04
CA TYR A 26 -7.05 3.33 -7.67
C TYR A 26 -5.82 2.45 -7.48
N VAL A 27 -5.91 1.51 -6.56
CA VAL A 27 -4.81 0.59 -6.28
C VAL A 27 -5.31 -0.73 -5.71
N GLU A 28 -4.55 -1.79 -5.96
CA GLU A 28 -4.93 -3.12 -5.47
C GLU A 28 -3.75 -3.79 -4.76
N TRP A 29 -4.04 -4.42 -3.64
CA TRP A 29 -3.01 -5.10 -2.85
C TRP A 29 -3.43 -6.52 -2.51
N GLN A 30 -2.73 -7.49 -3.10
CA GLN A 30 -3.03 -8.91 -2.85
C GLN A 30 -1.83 -9.63 -2.26
N TYR A 31 -2.10 -10.67 -1.49
CA TYR A 31 -1.03 -11.45 -0.87
C TYR A 31 -1.05 -12.89 -1.36
N ILE A 32 0.14 -13.45 -1.58
CA ILE A 32 0.26 -14.82 -2.06
C ILE A 32 0.48 -15.79 -0.89
N ASP A 33 -0.56 -16.55 -0.56
CA ASP A 33 -0.47 -17.52 0.52
C ASP A 33 0.35 -18.73 0.12
N LYS A 34 0.71 -19.56 1.10
CA LYS A 34 1.50 -20.75 0.84
C LYS A 34 1.26 -21.27 -0.58
N ASN A 35 0.10 -21.88 -0.79
CA ASN A 35 -0.25 -22.43 -2.10
C ASN A 35 -1.53 -21.79 -2.62
N ILE A 36 -1.91 -20.65 -2.04
CA ILE A 36 -3.12 -19.96 -2.45
C ILE A 36 -2.84 -18.47 -2.66
N THR A 37 -3.56 -17.86 -3.61
CA THR A 37 -3.40 -16.45 -3.91
C THR A 37 -4.68 -15.67 -3.62
N GLN A 38 -4.71 -15.00 -2.48
CA GLN A 38 -5.87 -14.22 -2.09
C GLN A 38 -5.54 -12.73 -2.03
N CYS A 39 -6.56 -11.90 -1.82
CA CYS A 39 -6.38 -10.46 -1.75
C CYS A 39 -6.86 -9.92 -0.41
N PHE A 40 -6.36 -8.75 -0.04
CA PHE A 40 -6.73 -8.12 1.23
C PHE A 40 -8.10 -7.46 1.11
N ASP A 41 -8.56 -6.89 2.22
CA ASP A 41 -9.86 -6.21 2.26
C ASP A 41 -9.75 -4.80 1.71
N LYS A 42 -10.89 -4.10 1.68
CA LYS A 42 -10.92 -2.73 1.17
C LYS A 42 -10.22 -1.78 2.14
N MET A 43 -10.34 -2.06 3.44
CA MET A 43 -9.72 -1.23 4.46
C MET A 43 -8.24 -1.52 4.57
N THR A 44 -7.88 -2.80 4.51
CA THR A 44 -6.49 -3.21 4.60
C THR A 44 -5.74 -2.96 3.30
N ASN A 45 -6.42 -3.23 2.18
CA ASN A 45 -5.83 -3.03 0.87
C ASN A 45 -5.11 -1.68 0.79
N MET A 46 -5.74 -0.65 1.36
CA MET A 46 -5.16 0.69 1.36
C MET A 46 -4.07 0.81 2.42
N LYS A 47 -4.34 0.25 3.60
CA LYS A 47 -3.39 0.30 4.70
C LYS A 47 -1.98 -0.03 4.22
N LEU A 48 -1.89 -0.77 3.13
CA LEU A 48 -0.60 -1.16 2.56
C LEU A 48 -0.09 -0.10 1.60
N GLU A 49 -0.94 0.30 0.66
CA GLU A 49 -0.57 1.31 -0.33
C GLU A 49 -0.09 2.58 0.36
N VAL A 50 -0.82 3.03 1.38
CA VAL A 50 -0.47 4.23 2.12
C VAL A 50 0.97 4.15 2.63
N ALA A 51 1.40 2.94 2.97
CA ALA A 51 2.76 2.74 3.47
C ALA A 51 3.77 2.70 2.33
N TRP A 52 3.33 2.22 1.17
CA TRP A 52 4.20 2.15 0.00
C TRP A 52 4.46 3.53 -0.58
N LYS A 53 3.50 4.43 -0.41
CA LYS A 53 3.63 5.79 -0.91
C LYS A 53 4.29 6.70 0.12
N ALA A 54 4.08 6.38 1.40
CA ALA A 54 4.65 7.17 2.48
C ALA A 54 6.11 6.81 2.71
N LYS A 55 6.69 6.08 1.77
CA LYS A 55 8.08 5.66 1.85
C LYS A 55 8.35 4.93 3.16
N LYS A 56 7.41 4.07 3.56
CA LYS A 56 7.55 3.30 4.79
C LYS A 56 8.45 2.10 4.58
N LYS A 57 8.81 1.44 5.67
CA LYS A 57 9.68 0.27 5.62
C LYS A 57 8.87 -1.01 5.75
N ASP A 58 7.78 -0.96 6.51
CA ASP A 58 6.92 -2.11 6.71
C ASP A 58 5.67 -1.73 7.51
N THR A 59 4.54 -2.30 7.13
CA THR A 59 3.27 -2.01 7.80
C THR A 59 2.66 -3.28 8.38
N VAL A 60 2.10 -3.17 9.58
CA VAL A 60 1.48 -4.31 10.25
C VAL A 60 -0.01 -4.39 9.93
N VAL A 61 -0.49 -5.60 9.67
CA VAL A 61 -1.90 -5.81 9.35
C VAL A 61 -2.40 -7.13 9.94
N GLN A 62 -3.69 -7.19 10.21
CA GLN A 62 -4.31 -8.39 10.78
C GLN A 62 -4.61 -9.41 9.68
N ILE A 63 -3.84 -10.49 9.65
CA ILE A 63 -4.03 -11.54 8.67
C ILE A 63 -4.33 -12.88 9.33
N HIS A 64 -5.56 -13.35 9.18
CA HIS A 64 -5.98 -14.62 9.77
C HIS A 64 -6.11 -14.49 11.28
N ASN A 65 -6.66 -13.37 11.73
CA ASN A 65 -6.85 -13.14 13.16
C ASN A 65 -5.50 -13.09 13.89
N GLN A 66 -4.46 -12.68 13.17
CA GLN A 66 -3.12 -12.59 13.74
C GLN A 66 -2.34 -11.44 13.12
N ASP A 67 -1.71 -10.63 13.96
CA ASP A 67 -0.93 -9.49 13.51
C ASP A 67 0.26 -9.96 12.66
N PHE A 68 0.43 -9.36 11.49
CA PHE A 68 1.52 -9.71 10.60
C PHE A 68 2.28 -8.47 10.15
N THR A 69 3.56 -8.65 9.81
CA THR A 69 4.39 -7.54 9.37
C THR A 69 4.64 -7.61 7.87
N VAL A 70 4.04 -6.67 7.14
CA VAL A 70 4.20 -6.62 5.68
C VAL A 70 5.34 -5.67 5.29
N ASP A 71 6.43 -6.25 4.80
CA ASP A 71 7.58 -5.46 4.37
C ASP A 71 7.43 -5.01 2.93
N LEU A 72 7.42 -3.70 2.73
CA LEU A 72 7.27 -3.13 1.39
C LEU A 72 8.57 -3.31 0.59
N SER A 73 9.70 -3.09 1.24
CA SER A 73 11.00 -3.23 0.60
C SER A 73 11.04 -4.47 -0.28
N THR A 74 10.73 -5.62 0.32
CA THR A 74 10.74 -6.88 -0.41
C THR A 74 9.32 -7.29 -0.82
N ASN A 75 8.33 -6.71 -0.16
CA ASN A 75 6.94 -7.01 -0.44
C ASN A 75 6.57 -8.42 0.02
N THR A 76 6.89 -8.71 1.28
CA THR A 76 6.60 -10.02 1.85
C THR A 76 6.12 -9.90 3.29
N ALA A 77 5.07 -10.64 3.63
CA ALA A 77 4.51 -10.61 4.99
C ALA A 77 5.13 -11.71 5.85
N THR A 78 5.29 -11.41 7.14
CA THR A 78 5.86 -12.37 8.07
C THR A 78 5.25 -12.22 9.47
N ALA A 79 5.15 -13.32 10.18
CA ALA A 79 4.58 -13.31 11.53
C ALA A 79 5.38 -14.21 12.46
N PRO A 80 5.35 -13.89 13.76
CA PRO A 80 6.07 -14.66 14.80
C PRO A 80 5.46 -16.03 15.02
N GLN A 81 4.43 -16.35 14.24
CA GLN A 81 3.76 -17.65 14.35
C GLN A 81 4.44 -18.70 13.49
N GLY A 82 4.91 -18.28 12.32
CA GLY A 82 5.57 -19.20 11.41
C GLY A 82 4.94 -19.23 10.03
N GLN A 83 4.49 -18.07 9.58
CA GLN A 83 3.85 -17.95 8.27
C GLN A 83 4.34 -16.71 7.53
N THR A 84 4.58 -16.85 6.23
CA THR A 84 5.06 -15.75 5.41
C THR A 84 4.39 -15.75 4.04
N PHE A 85 4.05 -14.56 3.55
CA PHE A 85 3.41 -14.43 2.25
C PHE A 85 4.08 -13.34 1.42
N THR A 86 3.65 -13.21 0.16
CA THR A 86 4.20 -12.21 -0.73
C THR A 86 3.14 -11.20 -1.17
N VAL A 87 3.40 -9.92 -0.92
CA VAL A 87 2.47 -8.87 -1.30
C VAL A 87 2.85 -8.24 -2.63
N GLN A 88 1.85 -8.00 -3.47
CA GLN A 88 2.08 -7.40 -4.78
C GLN A 88 1.22 -6.15 -4.98
N ARG A 89 1.81 -5.12 -5.57
CA ARG A 89 1.09 -3.87 -5.81
C ARG A 89 0.74 -3.72 -7.29
N LEU A 90 -0.54 -3.49 -7.56
CA LEU A 90 -1.01 -3.34 -8.93
C LEU A 90 -1.73 -2.00 -9.11
N VAL A 91 -1.46 -1.33 -10.24
CA VAL A 91 -2.09 -0.05 -10.52
C VAL A 91 -3.38 -0.23 -11.32
N LYS A 92 -4.51 -0.09 -10.63
CA LYS A 92 -5.81 -0.24 -11.27
C LYS A 92 -6.28 1.08 -11.89
N ALA A 93 -7.25 1.00 -12.78
CA ALA A 93 -7.78 2.19 -13.43
C ALA A 93 -6.77 2.79 -14.41
N SER A 94 -6.09 1.92 -15.13
CA SER A 94 -5.08 2.35 -16.11
C SER A 94 -4.54 1.17 -16.89
N GLY A 95 -4.51 1.31 -18.21
CA GLY A 95 -4.01 0.24 -19.06
C GLY A 95 -3.84 0.68 -20.50
N PRO A 96 -2.77 0.19 -21.15
CA PRO A 96 -2.47 0.52 -22.55
C PRO A 96 -3.47 -0.11 -23.52
N SER A 97 -3.63 0.52 -24.67
CA SER A 97 -4.55 0.04 -25.69
C SER A 97 -5.92 -0.25 -25.08
N SER A 98 -6.38 0.65 -24.22
CA SER A 98 -7.68 0.49 -23.57
C SER A 98 -8.62 1.64 -23.92
N GLY A 99 -9.27 1.52 -25.07
CA GLY A 99 -10.19 2.56 -25.51
C GLY A 99 -11.25 2.86 -24.48
N GLY A 1 -14.51 37.10 -16.82
CA GLY A 1 -14.37 38.36 -17.53
C GLY A 1 -12.94 38.84 -17.58
N SER A 2 -12.52 39.59 -16.57
CA SER A 2 -11.16 40.10 -16.52
C SER A 2 -10.67 40.21 -15.08
N SER A 3 -9.46 39.73 -14.83
CA SER A 3 -8.87 39.76 -13.49
C SER A 3 -7.69 40.72 -13.45
N GLY A 4 -7.97 41.98 -13.17
CA GLY A 4 -6.92 42.98 -13.10
C GLY A 4 -5.63 42.43 -12.51
N SER A 5 -5.53 42.47 -11.18
CA SER A 5 -4.33 41.97 -10.49
C SER A 5 -4.72 41.21 -9.23
N SER A 6 -3.87 40.27 -8.82
CA SER A 6 -4.12 39.47 -7.63
C SER A 6 -2.86 38.71 -7.22
N GLY A 7 -2.84 38.25 -5.97
CA GLY A 7 -1.70 37.52 -5.47
C GLY A 7 -2.09 36.47 -4.43
N LYS A 8 -1.54 35.27 -4.57
CA LYS A 8 -1.83 34.18 -3.64
C LYS A 8 -0.63 33.91 -2.73
N SER A 9 -0.88 33.21 -1.63
CA SER A 9 0.17 32.88 -0.68
C SER A 9 0.77 31.51 -0.98
N ILE A 10 1.99 31.28 -0.50
CA ILE A 10 2.66 30.01 -0.71
C ILE A 10 2.22 28.97 0.31
N ARG A 11 2.17 27.72 -0.11
CA ARG A 11 1.76 26.62 0.78
C ARG A 11 2.96 25.80 1.21
N LEU A 12 2.78 24.98 2.24
CA LEU A 12 3.85 24.13 2.75
C LEU A 12 3.63 22.68 2.36
N ALA A 13 3.20 22.47 1.12
CA ALA A 13 2.95 21.11 0.62
C ALA A 13 3.57 20.92 -0.76
N LYS A 14 3.87 19.68 -1.10
CA LYS A 14 4.46 19.36 -2.39
C LYS A 14 3.40 19.32 -3.49
N GLU A 15 3.71 19.93 -4.62
CA GLU A 15 2.78 19.96 -5.75
C GLU A 15 2.60 18.57 -6.35
N LYS A 16 3.70 17.82 -6.41
CA LYS A 16 3.67 16.47 -6.96
C LYS A 16 2.46 15.69 -6.44
N GLU A 17 2.04 16.02 -5.21
CA GLU A 17 0.90 15.35 -4.60
C GLU A 17 -0.20 15.07 -5.63
N SER A 18 -0.25 15.91 -6.66
CA SER A 18 -1.24 15.76 -7.72
C SER A 18 -1.32 14.30 -8.18
N GLN A 19 -0.17 13.69 -8.39
CA GLN A 19 -0.10 12.31 -8.84
C GLN A 19 -0.41 11.35 -7.69
N ALA A 20 0.14 11.65 -6.52
CA ALA A 20 -0.08 10.81 -5.34
C ALA A 20 -1.47 10.21 -5.33
N ASP A 21 -2.48 11.08 -5.24
CA ASP A 21 -3.87 10.64 -5.22
C ASP A 21 -4.24 9.97 -6.54
N TYR A 22 -4.00 10.67 -7.65
CA TYR A 22 -4.31 10.15 -8.97
C TYR A 22 -4.05 8.64 -9.03
N ILE A 23 -3.07 8.19 -8.26
CA ILE A 23 -2.73 6.77 -8.23
C ILE A 23 -3.59 6.02 -7.23
N SER A 24 -3.42 6.35 -5.95
CA SER A 24 -4.19 5.69 -4.89
C SER A 24 -5.60 5.36 -5.37
N THR A 25 -6.21 6.30 -6.07
CA THR A 25 -7.57 6.11 -6.58
C THR A 25 -7.80 4.65 -6.96
N TYR A 26 -6.93 4.12 -7.83
CA TYR A 26 -7.06 2.73 -8.27
C TYR A 26 -5.83 1.92 -7.86
N VAL A 27 -6.01 1.11 -6.81
CA VAL A 27 -4.92 0.28 -6.31
C VAL A 27 -5.47 -0.95 -5.58
N GLU A 28 -4.95 -2.11 -5.96
CA GLU A 28 -5.39 -3.37 -5.35
C GLU A 28 -4.20 -4.16 -4.81
N TRP A 29 -4.13 -4.29 -3.49
CA TRP A 29 -3.04 -5.02 -2.86
C TRP A 29 -3.45 -6.45 -2.53
N GLN A 30 -2.69 -7.41 -3.02
CA GLN A 30 -2.98 -8.82 -2.78
C GLN A 30 -1.78 -9.53 -2.17
N TYR A 31 -2.05 -10.62 -1.46
CA TYR A 31 -0.99 -11.39 -0.81
C TYR A 31 -0.99 -12.83 -1.29
N ILE A 32 0.20 -13.40 -1.49
CA ILE A 32 0.33 -14.78 -1.95
C ILE A 32 0.46 -15.74 -0.77
N ASP A 33 -0.58 -16.52 -0.53
CA ASP A 33 -0.57 -17.48 0.57
C ASP A 33 0.32 -18.68 0.24
N LYS A 34 0.61 -19.49 1.24
CA LYS A 34 1.45 -20.67 1.06
C LYS A 34 1.28 -21.24 -0.35
N ASN A 35 0.13 -21.82 -0.61
CA ASN A 35 -0.15 -22.40 -1.92
C ASN A 35 -1.40 -21.77 -2.54
N ILE A 36 -1.81 -20.63 -2.00
CA ILE A 36 -2.98 -19.93 -2.51
C ILE A 36 -2.69 -18.45 -2.73
N THR A 37 -3.44 -17.83 -3.63
CA THR A 37 -3.26 -16.41 -3.94
C THR A 37 -4.55 -15.63 -3.68
N GLN A 38 -4.61 -14.98 -2.53
CA GLN A 38 -5.78 -14.19 -2.16
C GLN A 38 -5.46 -12.70 -2.18
N CYS A 39 -6.48 -11.88 -1.91
CA CYS A 39 -6.31 -10.44 -1.90
C CYS A 39 -6.68 -9.85 -0.55
N PHE A 40 -6.24 -8.62 -0.30
CA PHE A 40 -6.53 -7.95 0.96
C PHE A 40 -7.93 -7.35 0.96
N ASP A 41 -8.35 -6.83 2.10
CA ASP A 41 -9.67 -6.23 2.23
C ASP A 41 -9.66 -4.79 1.73
N LYS A 42 -10.83 -4.14 1.79
CA LYS A 42 -10.96 -2.76 1.33
C LYS A 42 -10.24 -1.81 2.28
N MET A 43 -10.25 -2.13 3.56
CA MET A 43 -9.60 -1.30 4.57
C MET A 43 -8.09 -1.57 4.59
N THR A 44 -7.71 -2.83 4.45
CA THR A 44 -6.30 -3.21 4.45
C THR A 44 -5.63 -2.82 3.13
N ASN A 45 -6.38 -2.91 2.04
CA ASN A 45 -5.85 -2.56 0.72
C ASN A 45 -5.10 -1.23 0.77
N MET A 46 -5.70 -0.25 1.43
CA MET A 46 -5.09 1.07 1.55
C MET A 46 -3.98 1.06 2.60
N LYS A 47 -4.21 0.34 3.69
CA LYS A 47 -3.23 0.25 4.77
C LYS A 47 -1.85 -0.10 4.22
N LEU A 48 -1.82 -0.76 3.07
CA LEU A 48 -0.56 -1.15 2.44
C LEU A 48 -0.09 -0.08 1.46
N GLU A 49 -0.93 0.24 0.48
CA GLU A 49 -0.59 1.25 -0.51
C GLU A 49 -0.10 2.52 0.16
N VAL A 50 -0.70 2.87 1.28
CA VAL A 50 -0.32 4.06 2.02
C VAL A 50 1.11 3.98 2.51
N ALA A 51 1.44 2.87 3.18
CA ALA A 51 2.79 2.66 3.70
C ALA A 51 3.82 2.65 2.57
N TRP A 52 3.40 2.17 1.40
CA TRP A 52 4.29 2.11 0.26
C TRP A 52 4.56 3.50 -0.31
N LYS A 53 3.55 4.35 -0.26
CA LYS A 53 3.69 5.72 -0.77
C LYS A 53 4.37 6.62 0.27
N ALA A 54 4.11 6.32 1.54
CA ALA A 54 4.69 7.11 2.64
C ALA A 54 6.17 6.77 2.82
N LYS A 55 6.69 5.92 1.94
CA LYS A 55 8.09 5.50 2.00
C LYS A 55 8.38 4.76 3.30
N LYS A 56 7.45 3.90 3.71
CA LYS A 56 7.62 3.12 4.93
C LYS A 56 8.51 1.92 4.70
N LYS A 57 8.83 1.21 5.77
CA LYS A 57 9.68 0.03 5.68
C LYS A 57 8.87 -1.25 5.81
N ASP A 58 7.76 -1.16 6.55
CA ASP A 58 6.88 -2.32 6.74
C ASP A 58 5.60 -1.91 7.46
N THR A 59 4.47 -2.45 7.00
CA THR A 59 3.18 -2.14 7.59
C THR A 59 2.55 -3.38 8.22
N VAL A 60 2.05 -3.23 9.44
CA VAL A 60 1.43 -4.34 10.15
C VAL A 60 -0.06 -4.42 9.82
N VAL A 61 -0.53 -5.64 9.55
CA VAL A 61 -1.94 -5.86 9.23
C VAL A 61 -2.44 -7.18 9.81
N GLN A 62 -3.73 -7.22 10.15
CA GLN A 62 -4.33 -8.41 10.73
C GLN A 62 -4.64 -9.43 9.64
N ILE A 63 -3.80 -10.46 9.54
CA ILE A 63 -4.00 -11.51 8.55
C ILE A 63 -4.28 -12.84 9.21
N HIS A 64 -5.37 -13.48 8.81
CA HIS A 64 -5.75 -14.78 9.37
C HIS A 64 -6.03 -14.66 10.87
N ASN A 65 -6.57 -13.53 11.28
CA ASN A 65 -6.89 -13.29 12.68
C ASN A 65 -5.61 -13.21 13.52
N GLN A 66 -4.52 -12.79 12.88
CA GLN A 66 -3.24 -12.67 13.56
C GLN A 66 -2.42 -11.51 12.99
N ASP A 67 -1.85 -10.70 13.88
CA ASP A 67 -1.04 -9.56 13.47
C ASP A 67 0.18 -10.02 12.66
N PHE A 68 0.37 -9.39 11.50
CA PHE A 68 1.50 -9.73 10.64
C PHE A 68 2.28 -8.49 10.24
N THR A 69 3.48 -8.68 9.72
CA THR A 69 4.34 -7.57 9.31
C THR A 69 4.58 -7.61 7.80
N VAL A 70 3.99 -6.65 7.08
CA VAL A 70 4.13 -6.58 5.64
C VAL A 70 5.33 -5.69 5.26
N ASP A 71 6.41 -6.32 4.85
CA ASP A 71 7.61 -5.58 4.45
C ASP A 71 7.50 -5.08 3.02
N LEU A 72 7.56 -3.76 2.86
CA LEU A 72 7.46 -3.14 1.54
C LEU A 72 8.80 -3.22 0.80
N SER A 73 9.89 -3.02 1.53
CA SER A 73 11.21 -3.07 0.94
C SER A 73 11.35 -4.27 0.00
N THR A 74 10.66 -5.35 0.33
CA THR A 74 10.70 -6.57 -0.49
C THR A 74 9.30 -7.02 -0.85
N ASN A 75 8.29 -6.46 -0.17
CA ASN A 75 6.91 -6.82 -0.43
C ASN A 75 6.61 -8.24 0.05
N THR A 76 6.91 -8.51 1.32
CA THR A 76 6.68 -9.83 1.89
C THR A 76 6.18 -9.72 3.32
N ALA A 77 5.16 -10.52 3.65
CA ALA A 77 4.59 -10.52 4.99
C ALA A 77 5.21 -11.61 5.86
N THR A 78 5.29 -11.36 7.15
CA THR A 78 5.86 -12.33 8.10
C THR A 78 5.24 -12.19 9.48
N ALA A 79 5.15 -13.30 10.19
CA ALA A 79 4.58 -13.30 11.53
C ALA A 79 5.37 -14.21 12.46
N PRO A 80 5.34 -13.89 13.77
CA PRO A 80 6.05 -14.68 14.79
C PRO A 80 5.43 -16.05 15.00
N GLN A 81 4.39 -16.35 14.24
CA GLN A 81 3.72 -17.64 14.34
C GLN A 81 4.40 -18.69 13.48
N GLY A 82 4.91 -18.27 12.32
CA GLY A 82 5.59 -19.19 11.43
C GLY A 82 4.97 -19.21 10.05
N GLN A 83 4.47 -18.06 9.61
CA GLN A 83 3.84 -17.96 8.29
C GLN A 83 4.33 -16.71 7.57
N THR A 84 4.65 -16.87 6.28
CA THR A 84 5.13 -15.76 5.47
C THR A 84 4.43 -15.73 4.11
N PHE A 85 4.14 -14.52 3.63
CA PHE A 85 3.47 -14.35 2.34
C PHE A 85 4.16 -13.26 1.52
N THR A 86 3.69 -13.09 0.29
CA THR A 86 4.26 -12.08 -0.60
C THR A 86 3.17 -11.12 -1.10
N VAL A 87 3.40 -9.82 -0.91
CA VAL A 87 2.45 -8.81 -1.34
C VAL A 87 2.88 -8.18 -2.66
N GLN A 88 1.91 -7.93 -3.54
CA GLN A 88 2.19 -7.33 -4.84
C GLN A 88 1.24 -6.17 -5.13
N ARG A 89 1.79 -5.07 -5.62
CA ARG A 89 0.98 -3.89 -5.94
C ARG A 89 0.45 -3.95 -7.36
N LEU A 90 -0.85 -3.72 -7.52
CA LEU A 90 -1.48 -3.75 -8.83
C LEU A 90 -2.43 -2.57 -9.01
N VAL A 91 -2.46 -2.02 -10.21
CA VAL A 91 -3.33 -0.88 -10.52
C VAL A 91 -4.57 -1.33 -11.27
N LYS A 92 -5.74 -0.92 -10.78
CA LYS A 92 -7.00 -1.27 -11.41
C LYS A 92 -7.33 -0.31 -12.56
N ALA A 93 -6.85 -0.64 -13.76
CA ALA A 93 -7.10 0.19 -14.92
C ALA A 93 -7.73 -0.62 -16.05
N SER A 94 -8.44 0.07 -16.94
CA SER A 94 -9.10 -0.59 -18.06
C SER A 94 -8.51 -0.13 -19.39
N GLY A 95 -7.81 -1.04 -20.06
CA GLY A 95 -7.20 -0.71 -21.34
C GLY A 95 -7.51 -1.72 -22.42
N PRO A 96 -6.60 -2.70 -22.60
CA PRO A 96 -6.76 -3.76 -23.60
C PRO A 96 -7.88 -4.73 -23.24
N SER A 97 -8.49 -5.32 -24.25
CA SER A 97 -9.58 -6.28 -24.04
C SER A 97 -9.12 -7.70 -24.38
N SER A 98 -8.45 -7.85 -25.52
CA SER A 98 -7.97 -9.16 -25.95
C SER A 98 -7.15 -9.83 -24.85
N GLY A 99 -7.44 -11.09 -24.59
CA GLY A 99 -6.72 -11.83 -23.57
C GLY A 99 -5.23 -11.85 -23.82
N GLY A 1 -15.22 20.72 -11.51
CA GLY A 1 -15.10 22.11 -11.10
C GLY A 1 -15.13 23.07 -12.28
N SER A 2 -15.70 24.25 -12.07
CA SER A 2 -15.80 25.25 -13.11
C SER A 2 -14.89 26.44 -12.83
N SER A 3 -14.92 26.91 -11.58
CA SER A 3 -14.10 28.04 -11.16
C SER A 3 -13.61 27.86 -9.73
N GLY A 4 -12.28 27.89 -9.57
CA GLY A 4 -11.69 27.72 -8.25
C GLY A 4 -10.23 27.37 -8.31
N SER A 5 -9.39 28.33 -8.68
CA SER A 5 -7.96 28.12 -8.78
C SER A 5 -7.20 29.43 -8.61
N SER A 6 -6.08 29.37 -7.88
CA SER A 6 -5.27 30.55 -7.64
C SER A 6 -4.08 30.59 -8.59
N GLY A 7 -3.97 31.69 -9.34
CA GLY A 7 -2.87 31.84 -10.28
C GLY A 7 -1.53 31.51 -9.67
N LYS A 8 -1.14 32.27 -8.65
CA LYS A 8 0.13 32.06 -7.97
C LYS A 8 -0.04 31.15 -6.76
N SER A 9 1.08 30.67 -6.22
CA SER A 9 1.05 29.79 -5.06
C SER A 9 2.46 29.48 -4.58
N ILE A 10 2.58 29.13 -3.30
CA ILE A 10 3.88 28.81 -2.72
C ILE A 10 4.50 27.58 -3.38
N ARG A 11 5.83 27.54 -3.43
CA ARG A 11 6.54 26.43 -4.04
C ARG A 11 7.08 25.48 -2.97
N LEU A 12 7.65 26.04 -1.92
CA LEU A 12 8.21 25.25 -0.83
C LEU A 12 7.09 24.70 0.06
N ALA A 13 6.58 23.53 -0.31
CA ALA A 13 5.51 22.89 0.46
C ALA A 13 5.34 21.44 0.04
N LYS A 14 4.33 20.78 0.62
CA LYS A 14 4.06 19.38 0.30
C LYS A 14 2.81 19.26 -0.57
N GLU A 15 2.62 20.24 -1.45
CA GLU A 15 1.46 20.23 -2.34
C GLU A 15 1.46 19.00 -3.24
N LYS A 16 2.62 18.70 -3.82
CA LYS A 16 2.76 17.55 -4.71
C LYS A 16 2.02 16.34 -4.14
N GLU A 17 1.89 16.30 -2.82
CA GLU A 17 1.21 15.19 -2.15
C GLU A 17 -0.04 14.77 -2.93
N SER A 18 -0.70 15.76 -3.55
CA SER A 18 -1.90 15.49 -4.33
C SER A 18 -1.68 14.33 -5.30
N GLN A 19 -0.54 14.36 -6.00
CA GLN A 19 -0.22 13.31 -6.96
C GLN A 19 -0.24 11.94 -6.30
N ALA A 20 0.38 11.84 -5.13
CA ALA A 20 0.42 10.58 -4.39
C ALA A 20 -0.98 10.00 -4.21
N ASP A 21 -1.85 10.77 -3.54
CA ASP A 21 -3.22 10.34 -3.29
C ASP A 21 -3.96 10.10 -4.60
N TYR A 22 -3.99 11.14 -5.45
CA TYR A 22 -4.68 11.04 -6.73
C TYR A 22 -4.53 9.65 -7.33
N ILE A 23 -3.36 9.04 -7.12
CA ILE A 23 -3.10 7.70 -7.64
C ILE A 23 -3.57 6.63 -6.65
N SER A 24 -3.15 6.75 -5.40
CA SER A 24 -3.52 5.80 -4.36
C SER A 24 -5.02 5.53 -4.40
N THR A 25 -5.80 6.59 -4.56
CA THR A 25 -7.25 6.47 -4.61
C THR A 25 -7.68 5.16 -5.28
N TYR A 26 -6.90 4.73 -6.26
CA TYR A 26 -7.19 3.50 -6.98
C TYR A 26 -5.99 2.55 -6.98
N VAL A 27 -6.04 1.53 -6.13
CA VAL A 27 -4.95 0.56 -6.03
C VAL A 27 -5.47 -0.79 -5.55
N GLU A 28 -4.71 -1.84 -5.86
CA GLU A 28 -5.09 -3.19 -5.47
C GLU A 28 -3.90 -3.94 -4.89
N TRP A 29 -4.05 -4.42 -3.66
CA TRP A 29 -2.98 -5.15 -2.98
C TRP A 29 -3.42 -6.58 -2.66
N GLN A 30 -2.62 -7.55 -3.09
CA GLN A 30 -2.94 -8.96 -2.85
C GLN A 30 -1.75 -9.68 -2.22
N TYR A 31 -2.03 -10.75 -1.50
CA TYR A 31 -0.99 -11.53 -0.84
C TYR A 31 -1.01 -12.98 -1.31
N ILE A 32 0.18 -13.53 -1.55
CA ILE A 32 0.30 -14.91 -2.00
C ILE A 32 0.43 -15.87 -0.82
N ASP A 33 -0.63 -16.62 -0.56
CA ASP A 33 -0.65 -17.58 0.53
C ASP A 33 0.20 -18.80 0.20
N LYS A 34 0.47 -19.62 1.21
CA LYS A 34 1.28 -20.82 1.01
C LYS A 34 1.13 -21.36 -0.41
N ASN A 35 -0.03 -21.96 -0.69
CA ASN A 35 -0.29 -22.50 -2.02
C ASN A 35 -1.53 -21.86 -2.63
N ILE A 36 -1.94 -20.72 -2.08
CA ILE A 36 -3.11 -20.01 -2.58
C ILE A 36 -2.81 -18.52 -2.77
N THR A 37 -3.46 -17.91 -3.75
CA THR A 37 -3.27 -16.50 -4.04
C THR A 37 -4.55 -15.71 -3.81
N GLN A 38 -4.65 -15.05 -2.67
CA GLN A 38 -5.82 -14.26 -2.34
C GLN A 38 -5.49 -12.78 -2.31
N CYS A 39 -6.52 -11.94 -2.17
CA CYS A 39 -6.34 -10.50 -2.12
C CYS A 39 -6.78 -9.93 -0.78
N PHE A 40 -6.43 -8.67 -0.53
CA PHE A 40 -6.79 -8.01 0.72
C PHE A 40 -8.13 -7.30 0.59
N ASP A 41 -8.67 -6.86 1.72
CA ASP A 41 -9.95 -6.17 1.74
C ASP A 41 -9.77 -4.69 1.37
N LYS A 42 -10.89 -3.98 1.21
CA LYS A 42 -10.84 -2.57 0.87
C LYS A 42 -10.34 -1.73 2.04
N MET A 43 -10.41 -2.31 3.23
CA MET A 43 -9.95 -1.62 4.44
C MET A 43 -8.45 -1.81 4.63
N THR A 44 -7.93 -2.94 4.18
CA THR A 44 -6.51 -3.24 4.31
C THR A 44 -5.73 -2.72 3.12
N ASN A 45 -6.22 -3.01 1.91
CA ASN A 45 -5.57 -2.56 0.70
C ASN A 45 -4.92 -1.19 0.88
N MET A 46 -5.60 -0.34 1.65
CA MET A 46 -5.09 1.01 1.91
C MET A 46 -3.96 0.97 2.94
N LYS A 47 -4.17 0.22 4.02
CA LYS A 47 -3.18 0.09 5.08
C LYS A 47 -1.81 -0.24 4.50
N LEU A 48 -1.80 -0.81 3.30
CA LEU A 48 -0.56 -1.18 2.64
C LEU A 48 -0.07 -0.05 1.73
N GLU A 49 -0.84 0.23 0.69
CA GLU A 49 -0.49 1.28 -0.26
C GLU A 49 0.00 2.53 0.47
N VAL A 50 -0.67 2.87 1.57
CA VAL A 50 -0.31 4.04 2.36
C VAL A 50 1.16 3.97 2.80
N ALA A 51 1.59 2.76 3.17
CA ALA A 51 2.96 2.56 3.61
C ALA A 51 3.94 2.57 2.43
N TRP A 52 3.46 2.13 1.27
CA TRP A 52 4.28 2.09 0.07
C TRP A 52 4.46 3.49 -0.51
N LYS A 53 3.45 4.34 -0.32
CA LYS A 53 3.50 5.71 -0.82
C LYS A 53 4.11 6.64 0.22
N ALA A 54 4.00 6.27 1.49
CA ALA A 54 4.53 7.08 2.57
C ALA A 54 6.02 6.76 2.80
N LYS A 55 6.62 6.08 1.84
CA LYS A 55 8.04 5.73 1.93
C LYS A 55 8.33 4.99 3.23
N LYS A 56 7.41 4.13 3.64
CA LYS A 56 7.57 3.36 4.88
C LYS A 56 8.39 2.10 4.62
N LYS A 57 8.87 1.50 5.69
CA LYS A 57 9.67 0.28 5.60
C LYS A 57 8.77 -0.96 5.62
N ASP A 58 7.70 -0.89 6.39
CA ASP A 58 6.76 -2.00 6.51
C ASP A 58 5.51 -1.58 7.27
N THR A 59 4.40 -2.27 6.99
CA THR A 59 3.13 -1.96 7.64
C THR A 59 2.51 -3.21 8.24
N VAL A 60 2.04 -3.11 9.48
CA VAL A 60 1.42 -4.23 10.16
C VAL A 60 -0.06 -4.34 9.83
N VAL A 61 -0.52 -5.55 9.56
CA VAL A 61 -1.92 -5.78 9.21
C VAL A 61 -2.43 -7.08 9.82
N GLN A 62 -3.70 -7.11 10.18
CA GLN A 62 -4.31 -8.30 10.77
C GLN A 62 -4.62 -9.34 9.70
N ILE A 63 -3.85 -10.42 9.70
CA ILE A 63 -4.05 -11.50 8.72
C ILE A 63 -4.33 -12.82 9.42
N HIS A 64 -5.46 -13.45 9.07
CA HIS A 64 -5.83 -14.73 9.66
C HIS A 64 -6.05 -14.59 11.17
N ASN A 65 -6.57 -13.43 11.57
CA ASN A 65 -6.83 -13.17 12.98
C ASN A 65 -5.54 -13.08 13.78
N GLN A 66 -4.46 -12.68 13.10
CA GLN A 66 -3.16 -12.55 13.73
C GLN A 66 -2.37 -11.39 13.12
N ASP A 67 -1.77 -10.56 13.97
CA ASP A 67 -0.99 -9.43 13.51
C ASP A 67 0.22 -9.90 12.70
N PHE A 68 0.41 -9.29 11.53
CA PHE A 68 1.51 -9.64 10.65
C PHE A 68 2.29 -8.40 10.23
N THR A 69 3.55 -8.60 9.84
CA THR A 69 4.40 -7.49 9.42
C THR A 69 4.65 -7.55 7.91
N VAL A 70 4.05 -6.62 7.18
CA VAL A 70 4.21 -6.57 5.72
C VAL A 70 5.36 -5.64 5.34
N ASP A 71 6.43 -6.22 4.81
CA ASP A 71 7.60 -5.45 4.39
C ASP A 71 7.46 -5.00 2.94
N LEU A 72 7.56 -3.70 2.70
CA LEU A 72 7.44 -3.15 1.36
C LEU A 72 8.77 -3.29 0.61
N SER A 73 9.87 -3.23 1.35
CA SER A 73 11.19 -3.35 0.75
C SER A 73 11.25 -4.51 -0.24
N THR A 74 10.64 -5.62 0.14
CA THR A 74 10.61 -6.80 -0.72
C THR A 74 9.19 -7.22 -1.04
N ASN A 75 8.23 -6.64 -0.33
CA ASN A 75 6.82 -6.95 -0.54
C ASN A 75 6.49 -8.35 -0.04
N THR A 76 6.81 -8.62 1.22
CA THR A 76 6.55 -9.91 1.82
C THR A 76 6.09 -9.78 3.27
N ALA A 77 5.07 -10.54 3.64
CA ALA A 77 4.53 -10.50 4.99
C ALA A 77 5.14 -11.60 5.85
N THR A 78 5.28 -11.33 7.15
CA THR A 78 5.86 -12.29 8.08
C THR A 78 5.24 -12.15 9.47
N ALA A 79 5.16 -13.26 10.19
CA ALA A 79 4.61 -13.24 11.54
C ALA A 79 5.41 -14.14 12.47
N PRO A 80 5.38 -13.82 13.78
CA PRO A 80 6.11 -14.59 14.80
C PRO A 80 5.50 -15.96 15.03
N GLN A 81 4.46 -16.29 14.26
CA GLN A 81 3.80 -17.57 14.38
C GLN A 81 4.48 -18.62 13.52
N GLY A 82 4.96 -18.21 12.35
CA GLY A 82 5.63 -19.13 11.45
C GLY A 82 5.01 -19.16 10.07
N GLN A 83 4.50 -18.02 9.63
CA GLN A 83 3.86 -17.92 8.32
C GLN A 83 4.31 -16.66 7.59
N THR A 84 4.62 -16.80 6.31
CA THR A 84 5.06 -15.67 5.50
C THR A 84 4.39 -15.69 4.13
N PHE A 85 4.05 -14.50 3.62
CA PHE A 85 3.41 -14.39 2.33
C PHE A 85 4.08 -13.29 1.49
N THR A 86 3.64 -13.15 0.24
CA THR A 86 4.19 -12.15 -0.66
C THR A 86 3.10 -11.19 -1.14
N VAL A 87 3.33 -9.89 -0.94
CA VAL A 87 2.39 -8.87 -1.35
C VAL A 87 2.76 -8.29 -2.70
N GLN A 88 1.75 -8.06 -3.55
CA GLN A 88 1.98 -7.50 -4.87
C GLN A 88 1.13 -6.25 -5.09
N ARG A 89 1.73 -5.24 -5.71
CA ARG A 89 1.03 -3.98 -5.98
C ARG A 89 0.51 -3.94 -7.41
N LEU A 90 -0.79 -3.69 -7.56
CA LEU A 90 -1.41 -3.62 -8.87
C LEU A 90 -2.33 -2.42 -8.98
N VAL A 91 -2.18 -1.66 -10.06
CA VAL A 91 -3.00 -0.47 -10.28
C VAL A 91 -4.28 -0.82 -11.02
N LYS A 92 -5.37 -0.17 -10.64
CA LYS A 92 -6.67 -0.41 -11.27
C LYS A 92 -7.33 0.89 -11.68
N ALA A 93 -7.64 1.03 -12.96
CA ALA A 93 -8.29 2.23 -13.48
C ALA A 93 -8.89 1.98 -14.86
N SER A 94 -10.11 2.48 -15.06
CA SER A 94 -10.80 2.30 -16.33
C SER A 94 -9.88 2.62 -17.50
N GLY A 95 -9.44 1.59 -18.21
CA GLY A 95 -8.56 1.78 -19.34
C GLY A 95 -9.02 1.02 -20.58
N PRO A 96 -8.13 0.92 -21.57
CA PRO A 96 -8.43 0.22 -22.82
C PRO A 96 -8.52 -1.29 -22.63
N SER A 97 -7.52 -1.86 -21.96
CA SER A 97 -7.49 -3.30 -21.71
C SER A 97 -8.55 -3.69 -20.68
N SER A 98 -9.29 -4.75 -20.98
CA SER A 98 -10.33 -5.24 -20.08
C SER A 98 -9.74 -5.77 -18.78
N GLY A 99 -9.92 -5.03 -17.69
CA GLY A 99 -9.39 -5.45 -16.41
C GLY A 99 -8.30 -4.53 -15.90
N GLY A 1 16.72 9.79 -19.24
CA GLY A 1 18.07 9.80 -18.73
C GLY A 1 18.15 10.24 -17.28
N SER A 2 18.44 9.30 -16.38
CA SER A 2 18.54 9.61 -14.96
C SER A 2 19.44 8.61 -14.25
N SER A 3 20.10 9.07 -13.19
CA SER A 3 21.01 8.21 -12.43
C SER A 3 20.86 8.49 -10.93
N GLY A 4 21.31 7.53 -10.12
CA GLY A 4 21.23 7.68 -8.68
C GLY A 4 22.30 8.59 -8.13
N SER A 5 23.55 8.34 -8.53
CA SER A 5 24.66 9.14 -8.07
C SER A 5 24.52 9.47 -6.59
N SER A 6 24.10 8.48 -5.80
CA SER A 6 23.93 8.67 -4.37
C SER A 6 23.39 10.06 -4.07
N GLY A 7 22.41 10.50 -4.85
CA GLY A 7 21.83 11.82 -4.65
C GLY A 7 20.41 11.75 -4.12
N LYS A 8 20.05 12.70 -3.27
CA LYS A 8 18.71 12.75 -2.69
C LYS A 8 18.38 14.15 -2.21
N SER A 9 17.08 14.44 -2.08
CA SER A 9 16.63 15.75 -1.64
C SER A 9 15.79 15.63 -0.38
N ILE A 10 15.90 16.64 0.50
CA ILE A 10 15.15 16.65 1.75
C ILE A 10 13.79 15.98 1.58
N ARG A 11 13.40 15.18 2.57
CA ARG A 11 12.12 14.49 2.53
C ARG A 11 11.00 15.38 3.07
N LEU A 12 10.30 16.06 2.16
CA LEU A 12 9.21 16.95 2.55
C LEU A 12 8.10 16.93 1.51
N ALA A 13 6.85 16.90 1.97
CA ALA A 13 5.70 16.87 1.08
C ALA A 13 5.84 17.93 -0.01
N LYS A 14 4.94 17.88 -1.00
CA LYS A 14 4.96 18.82 -2.10
C LYS A 14 3.66 18.75 -2.90
N GLU A 15 3.31 19.86 -3.54
CA GLU A 15 2.09 19.92 -4.35
C GLU A 15 1.90 18.63 -5.15
N LYS A 16 3.01 17.98 -5.47
CA LYS A 16 2.96 16.74 -6.24
C LYS A 16 1.83 15.84 -5.75
N GLU A 17 1.46 16.00 -4.48
CA GLU A 17 0.39 15.21 -3.90
C GLU A 17 -0.73 14.96 -4.91
N SER A 18 -1.01 15.97 -5.72
CA SER A 18 -2.05 15.88 -6.73
C SER A 18 -1.94 14.56 -7.50
N GLN A 19 -0.73 14.25 -7.95
CA GLN A 19 -0.48 13.03 -8.71
C GLN A 19 -0.48 11.81 -7.79
N ALA A 20 0.29 11.90 -6.70
CA ALA A 20 0.39 10.80 -5.75
C ALA A 20 -1.00 10.25 -5.41
N ASP A 21 -1.87 11.11 -4.92
CA ASP A 21 -3.23 10.71 -4.55
C ASP A 21 -3.97 10.16 -5.77
N TYR A 22 -3.92 10.89 -6.88
CA TYR A 22 -4.59 10.48 -8.10
C TYR A 22 -4.38 8.98 -8.37
N ILE A 23 -3.14 8.53 -8.17
CA ILE A 23 -2.81 7.12 -8.37
C ILE A 23 -3.41 6.25 -7.29
N SER A 24 -3.00 6.49 -6.04
CA SER A 24 -3.50 5.72 -4.92
C SER A 24 -4.99 5.43 -5.07
N THR A 25 -5.75 6.47 -5.40
CA THR A 25 -7.20 6.34 -5.57
C THR A 25 -7.56 4.96 -6.12
N TYR A 26 -6.81 4.52 -7.12
CA TYR A 26 -7.04 3.22 -7.74
C TYR A 26 -5.85 2.29 -7.55
N VAL A 27 -5.97 1.36 -6.62
CA VAL A 27 -4.90 0.40 -6.34
C VAL A 27 -5.46 -0.91 -5.80
N GLU A 28 -4.73 -1.99 -6.02
CA GLU A 28 -5.15 -3.31 -5.57
C GLU A 28 -3.97 -4.08 -4.95
N TRP A 29 -4.07 -4.35 -3.66
CA TRP A 29 -3.01 -5.09 -2.95
C TRP A 29 -3.46 -6.51 -2.64
N GLN A 30 -2.67 -7.48 -3.11
CA GLN A 30 -2.98 -8.88 -2.88
C GLN A 30 -1.78 -9.62 -2.30
N TYR A 31 -2.05 -10.65 -1.50
CA TYR A 31 -0.99 -11.44 -0.89
C TYR A 31 -1.00 -12.88 -1.39
N ILE A 32 0.18 -13.46 -1.54
CA ILE A 32 0.29 -14.84 -2.02
C ILE A 32 0.51 -15.80 -0.85
N ASP A 33 -0.53 -16.54 -0.50
CA ASP A 33 -0.44 -17.51 0.59
C ASP A 33 0.37 -18.73 0.18
N LYS A 34 0.73 -19.56 1.16
CA LYS A 34 1.51 -20.76 0.91
C LYS A 34 1.24 -21.29 -0.50
N ASN A 35 0.07 -21.87 -0.69
CA ASN A 35 -0.31 -22.43 -1.99
C ASN A 35 -1.59 -21.78 -2.50
N ILE A 36 -1.94 -20.64 -1.94
CA ILE A 36 -3.15 -19.92 -2.33
C ILE A 36 -2.85 -18.44 -2.58
N THR A 37 -3.56 -17.86 -3.54
CA THR A 37 -3.38 -16.44 -3.87
C THR A 37 -4.65 -15.65 -3.63
N GLN A 38 -4.71 -14.99 -2.47
CA GLN A 38 -5.88 -14.20 -2.11
C GLN A 38 -5.54 -12.71 -2.10
N CYS A 39 -6.54 -11.88 -1.81
CA CYS A 39 -6.35 -10.44 -1.77
C CYS A 39 -6.71 -9.88 -0.40
N PHE A 40 -6.29 -8.64 -0.14
CA PHE A 40 -6.58 -7.99 1.13
C PHE A 40 -7.95 -7.33 1.12
N ASP A 41 -8.47 -7.03 2.30
CA ASP A 41 -9.78 -6.39 2.42
C ASP A 41 -9.74 -4.97 1.88
N LYS A 42 -10.90 -4.29 1.92
CA LYS A 42 -11.00 -2.92 1.43
C LYS A 42 -10.31 -1.96 2.38
N MET A 43 -10.42 -2.24 3.68
CA MET A 43 -9.81 -1.39 4.70
C MET A 43 -8.30 -1.60 4.74
N THR A 44 -7.87 -2.84 4.59
CA THR A 44 -6.45 -3.17 4.62
C THR A 44 -5.76 -2.78 3.32
N ASN A 45 -6.46 -2.97 2.20
CA ASN A 45 -5.91 -2.63 0.90
C ASN A 45 -5.14 -1.32 0.95
N MET A 46 -5.75 -0.31 1.55
CA MET A 46 -5.12 1.00 1.69
C MET A 46 -4.01 0.97 2.72
N LYS A 47 -4.25 0.26 3.82
CA LYS A 47 -3.28 0.16 4.90
C LYS A 47 -1.89 -0.20 4.34
N LEU A 48 -1.88 -0.79 3.15
CA LEU A 48 -0.62 -1.18 2.50
C LEU A 48 -0.13 -0.07 1.58
N GLU A 49 -0.95 0.32 0.62
CA GLU A 49 -0.60 1.36 -0.33
C GLU A 49 -0.08 2.60 0.40
N VAL A 50 -0.72 2.94 1.51
CA VAL A 50 -0.33 4.11 2.30
C VAL A 50 1.12 3.98 2.77
N ALA A 51 1.54 2.76 3.07
CA ALA A 51 2.89 2.51 3.52
C ALA A 51 3.88 2.53 2.36
N TRP A 52 3.40 2.14 1.18
CA TRP A 52 4.24 2.11 -0.01
C TRP A 52 4.45 3.51 -0.56
N LYS A 53 3.43 4.37 -0.40
CA LYS A 53 3.50 5.73 -0.88
C LYS A 53 4.17 6.65 0.15
N ALA A 54 3.99 6.32 1.42
CA ALA A 54 4.58 7.09 2.51
C ALA A 54 6.05 6.73 2.70
N LYS A 55 6.62 6.04 1.72
CA LYS A 55 8.02 5.63 1.79
C LYS A 55 8.31 4.91 3.11
N LYS A 56 7.36 4.10 3.56
CA LYS A 56 7.52 3.35 4.81
C LYS A 56 8.35 2.10 4.58
N LYS A 57 8.84 1.51 5.67
CA LYS A 57 9.66 0.31 5.59
C LYS A 57 8.78 -0.93 5.63
N ASP A 58 7.70 -0.86 6.39
CA ASP A 58 6.77 -1.99 6.51
C ASP A 58 5.53 -1.59 7.29
N THR A 59 4.42 -2.27 7.02
CA THR A 59 3.15 -1.98 7.70
C THR A 59 2.54 -3.25 8.27
N VAL A 60 2.05 -3.15 9.51
CA VAL A 60 1.43 -4.29 10.17
C VAL A 60 -0.06 -4.40 9.84
N VAL A 61 -0.53 -5.62 9.62
CA VAL A 61 -1.93 -5.85 9.28
C VAL A 61 -2.43 -7.15 9.90
N GLN A 62 -3.74 -7.22 10.15
CA GLN A 62 -4.34 -8.41 10.73
C GLN A 62 -4.65 -9.44 9.66
N ILE A 63 -3.83 -10.49 9.60
CA ILE A 63 -4.02 -11.55 8.62
C ILE A 63 -4.29 -12.89 9.31
N HIS A 64 -5.42 -13.50 8.97
CA HIS A 64 -5.80 -14.78 9.55
C HIS A 64 -6.02 -14.66 11.04
N ASN A 65 -6.58 -13.53 11.46
CA ASN A 65 -6.85 -13.29 12.88
C ASN A 65 -5.55 -13.20 13.67
N GLN A 66 -4.49 -12.77 12.99
CA GLN A 66 -3.18 -12.65 13.63
C GLN A 66 -2.39 -11.49 13.01
N ASP A 67 -1.81 -10.65 13.87
CA ASP A 67 -1.03 -9.51 13.42
C ASP A 67 0.18 -9.97 12.62
N PHE A 68 0.38 -9.35 11.45
CA PHE A 68 1.50 -9.70 10.58
C PHE A 68 2.27 -8.45 10.17
N THR A 69 3.54 -8.64 9.81
CA THR A 69 4.39 -7.53 9.40
C THR A 69 4.63 -7.56 7.90
N VAL A 70 4.03 -6.62 7.18
CA VAL A 70 4.18 -6.54 5.73
C VAL A 70 5.34 -5.61 5.35
N ASP A 71 6.39 -6.18 4.77
CA ASP A 71 7.55 -5.40 4.36
C ASP A 71 7.42 -4.96 2.90
N LEU A 72 7.43 -3.65 2.69
CA LEU A 72 7.31 -3.11 1.34
C LEU A 72 8.61 -3.28 0.56
N SER A 73 9.73 -3.05 1.24
CA SER A 73 11.04 -3.19 0.61
C SER A 73 11.11 -4.46 -0.23
N THR A 74 10.82 -5.60 0.40
CA THR A 74 10.86 -6.89 -0.29
C THR A 74 9.45 -7.30 -0.74
N ASN A 75 8.44 -6.72 -0.11
CA ASN A 75 7.06 -7.03 -0.44
C ASN A 75 6.69 -8.44 0.03
N THR A 76 6.98 -8.73 1.29
CA THR A 76 6.68 -10.04 1.87
C THR A 76 6.18 -9.91 3.30
N ALA A 77 5.13 -10.66 3.62
CA ALA A 77 4.55 -10.63 4.96
C ALA A 77 5.16 -11.71 5.84
N THR A 78 5.31 -11.41 7.13
CA THR A 78 5.87 -12.36 8.08
C THR A 78 5.24 -12.20 9.46
N ALA A 79 5.17 -13.30 10.20
CA ALA A 79 4.59 -13.29 11.54
C ALA A 79 5.37 -14.19 12.49
N PRO A 80 5.32 -13.87 13.79
CA PRO A 80 6.02 -14.64 14.81
C PRO A 80 5.40 -16.01 15.04
N GLN A 81 4.38 -16.33 14.24
CA GLN A 81 3.70 -17.62 14.35
C GLN A 81 4.38 -18.68 13.49
N GLY A 82 4.88 -18.25 12.33
CA GLY A 82 5.55 -19.17 11.44
C GLY A 82 4.94 -19.20 10.05
N GLN A 83 4.44 -18.05 9.60
CA GLN A 83 3.81 -17.95 8.30
C GLN A 83 4.31 -16.71 7.56
N THR A 84 4.55 -16.85 6.26
CA THR A 84 5.03 -15.76 5.43
C THR A 84 4.36 -15.75 4.07
N PHE A 85 4.07 -14.56 3.55
CA PHE A 85 3.43 -14.43 2.25
C PHE A 85 4.13 -13.35 1.41
N THR A 86 3.68 -13.21 0.16
CA THR A 86 4.25 -12.21 -0.73
C THR A 86 3.21 -11.20 -1.18
N VAL A 87 3.49 -9.92 -0.94
CA VAL A 87 2.57 -8.85 -1.32
C VAL A 87 2.96 -8.24 -2.66
N GLN A 88 1.97 -8.01 -3.51
CA GLN A 88 2.19 -7.43 -4.82
C GLN A 88 1.31 -6.20 -5.05
N ARG A 89 1.88 -5.16 -5.62
CA ARG A 89 1.15 -3.92 -5.88
C ARG A 89 0.73 -3.85 -7.35
N LEU A 90 -0.55 -3.59 -7.57
CA LEU A 90 -1.09 -3.50 -8.93
C LEU A 90 -1.90 -2.22 -9.10
N VAL A 91 -1.78 -1.61 -10.28
CA VAL A 91 -2.51 -0.38 -10.58
C VAL A 91 -3.69 -0.66 -11.50
N LYS A 92 -4.90 -0.36 -11.00
CA LYS A 92 -6.11 -0.57 -11.78
C LYS A 92 -6.31 0.56 -12.79
N ALA A 93 -5.62 0.46 -13.93
CA ALA A 93 -5.73 1.47 -14.97
C ALA A 93 -6.75 1.05 -16.04
N SER A 94 -7.98 1.54 -15.90
CA SER A 94 -9.05 1.22 -16.84
C SER A 94 -8.83 1.94 -18.17
N GLY A 95 -8.70 1.18 -19.24
CA GLY A 95 -8.51 1.76 -20.55
C GLY A 95 -9.19 0.99 -21.65
N PRO A 96 -9.37 1.63 -22.82
CA PRO A 96 -10.01 1.00 -23.97
C PRO A 96 -9.16 -0.10 -24.59
N SER A 97 -9.72 -0.78 -25.59
CA SER A 97 -9.01 -1.85 -26.28
C SER A 97 -8.17 -2.66 -25.28
N SER A 98 -8.74 -2.94 -24.11
CA SER A 98 -8.05 -3.69 -23.08
C SER A 98 -8.96 -4.77 -22.50
N GLY A 99 -8.35 -5.80 -21.92
CA GLY A 99 -9.12 -6.88 -21.33
C GLY A 99 -8.25 -7.84 -20.53
N GLY A 1 -1.17 9.94 25.84
CA GLY A 1 -0.28 10.65 24.93
C GLY A 1 -0.40 12.16 25.05
N SER A 2 0.41 12.87 24.28
CA SER A 2 0.39 14.33 24.31
C SER A 2 0.15 14.89 22.91
N SER A 3 0.96 14.45 21.95
CA SER A 3 0.84 14.92 20.58
C SER A 3 1.21 16.39 20.46
N GLY A 4 2.28 16.78 21.15
CA GLY A 4 2.71 18.16 21.12
C GLY A 4 3.53 18.48 19.89
N SER A 5 3.14 19.54 19.18
CA SER A 5 3.83 19.95 17.96
C SER A 5 5.00 20.87 18.29
N SER A 6 5.73 20.55 19.34
CA SER A 6 6.87 21.36 19.76
C SER A 6 8.05 21.19 18.81
N GLY A 7 8.31 19.94 18.43
CA GLY A 7 9.41 19.66 17.52
C GLY A 7 8.98 19.70 16.07
N LYS A 8 9.66 18.91 15.24
CA LYS A 8 9.34 18.86 13.81
C LYS A 8 8.60 17.57 13.47
N SER A 9 7.82 17.62 12.39
CA SER A 9 7.05 16.45 11.95
C SER A 9 6.87 16.46 10.45
N ILE A 10 6.55 15.29 9.89
CA ILE A 10 6.35 15.17 8.45
C ILE A 10 4.87 15.14 8.10
N ARG A 11 4.26 16.31 8.06
CA ARG A 11 2.84 16.43 7.74
C ARG A 11 2.62 16.47 6.23
N LEU A 12 3.54 17.12 5.52
CA LEU A 12 3.46 17.22 4.06
C LEU A 12 4.83 17.04 3.43
N ALA A 13 4.83 16.59 2.17
CA ALA A 13 6.07 16.38 1.45
C ALA A 13 6.34 17.53 0.47
N LYS A 14 5.48 17.67 -0.52
CA LYS A 14 5.61 18.73 -1.52
C LYS A 14 4.36 18.82 -2.39
N GLU A 15 4.33 19.82 -3.26
CA GLU A 15 3.19 20.02 -4.15
C GLU A 15 2.90 18.76 -4.95
N LYS A 16 3.96 18.12 -5.44
CA LYS A 16 3.82 16.90 -6.23
C LYS A 16 2.79 15.96 -5.61
N GLU A 17 2.63 16.06 -4.30
CA GLU A 17 1.67 15.22 -3.58
C GLU A 17 0.39 15.03 -4.39
N SER A 18 -0.03 16.11 -5.06
CA SER A 18 -1.24 16.08 -5.87
C SER A 18 -1.31 14.80 -6.70
N GLN A 19 -0.18 14.46 -7.33
CA GLN A 19 -0.11 13.26 -8.15
C GLN A 19 -0.15 12.00 -7.30
N ALA A 20 0.75 11.93 -6.32
CA ALA A 20 0.81 10.78 -5.43
C ALA A 20 -0.57 10.20 -5.17
N ASP A 21 -1.49 11.06 -4.76
CA ASP A 21 -2.86 10.63 -4.48
C ASP A 21 -3.57 10.21 -5.76
N TYR A 22 -3.51 11.05 -6.77
CA TYR A 22 -4.15 10.76 -8.05
C TYR A 22 -4.01 9.28 -8.41
N ILE A 23 -2.86 8.71 -8.09
CA ILE A 23 -2.60 7.30 -8.36
C ILE A 23 -3.18 6.42 -7.27
N SER A 24 -2.78 6.67 -6.03
CA SER A 24 -3.27 5.89 -4.89
C SER A 24 -4.78 5.69 -4.97
N THR A 25 -5.49 6.74 -5.35
CA THR A 25 -6.94 6.67 -5.46
C THR A 25 -7.40 5.30 -5.93
N TYR A 26 -6.65 4.72 -6.88
CA TYR A 26 -6.98 3.40 -7.41
C TYR A 26 -5.79 2.46 -7.30
N VAL A 27 -5.86 1.55 -6.34
CA VAL A 27 -4.79 0.58 -6.13
C VAL A 27 -5.32 -0.70 -5.49
N GLU A 28 -4.76 -1.84 -5.89
CA GLU A 28 -5.17 -3.12 -5.35
C GLU A 28 -3.98 -3.91 -4.82
N TRP A 29 -4.06 -4.32 -3.57
CA TRP A 29 -2.97 -5.09 -2.94
C TRP A 29 -3.41 -6.51 -2.66
N GLN A 30 -2.61 -7.47 -3.13
CA GLN A 30 -2.91 -8.88 -2.94
C GLN A 30 -1.73 -9.62 -2.34
N TYR A 31 -2.01 -10.65 -1.55
CA TYR A 31 -0.97 -11.44 -0.91
C TYR A 31 -1.00 -12.89 -1.37
N ILE A 32 0.18 -13.47 -1.58
CA ILE A 32 0.27 -14.85 -2.02
C ILE A 32 0.44 -15.80 -0.83
N ASP A 33 -0.61 -16.57 -0.55
CA ASP A 33 -0.58 -17.51 0.56
C ASP A 33 0.28 -18.72 0.22
N LYS A 34 0.59 -19.53 1.23
CA LYS A 34 1.41 -20.71 1.04
C LYS A 34 1.25 -21.26 -0.38
N ASN A 35 0.09 -21.84 -0.67
CA ASN A 35 -0.18 -22.40 -1.98
C ASN A 35 -1.44 -21.79 -2.59
N ILE A 36 -1.85 -20.64 -2.05
CA ILE A 36 -3.04 -19.95 -2.54
C ILE A 36 -2.76 -18.47 -2.77
N THR A 37 -3.53 -17.86 -3.66
CA THR A 37 -3.37 -16.45 -3.97
C THR A 37 -4.66 -15.68 -3.70
N GLN A 38 -4.67 -14.93 -2.59
CA GLN A 38 -5.84 -14.15 -2.21
C GLN A 38 -5.50 -12.66 -2.15
N CYS A 39 -6.52 -11.84 -1.95
CA CYS A 39 -6.33 -10.39 -1.87
C CYS A 39 -6.89 -9.84 -0.56
N PHE A 40 -6.37 -8.70 -0.14
CA PHE A 40 -6.81 -8.06 1.10
C PHE A 40 -8.17 -7.40 0.90
N ASP A 41 -8.73 -6.87 1.99
CA ASP A 41 -10.03 -6.21 1.94
C ASP A 41 -9.89 -4.78 1.44
N LYS A 42 -11.02 -4.09 1.32
CA LYS A 42 -11.03 -2.71 0.85
C LYS A 42 -10.40 -1.78 1.89
N MET A 43 -10.52 -2.15 3.16
CA MET A 43 -9.97 -1.35 4.24
C MET A 43 -8.46 -1.57 4.36
N THR A 44 -8.05 -2.84 4.42
CA THR A 44 -6.64 -3.19 4.53
C THR A 44 -5.90 -2.88 3.23
N ASN A 45 -6.55 -3.15 2.11
CA ASN A 45 -5.94 -2.91 0.80
C ASN A 45 -5.17 -1.59 0.79
N MET A 46 -5.76 -0.56 1.39
CA MET A 46 -5.13 0.75 1.44
C MET A 46 -4.05 0.78 2.52
N LYS A 47 -4.32 0.13 3.64
CA LYS A 47 -3.38 0.08 4.75
C LYS A 47 -1.98 -0.29 4.26
N LEU A 48 -1.92 -0.92 3.08
CA LEU A 48 -0.65 -1.33 2.50
C LEU A 48 -0.10 -0.24 1.58
N GLU A 49 -0.95 0.25 0.68
CA GLU A 49 -0.55 1.29 -0.25
C GLU A 49 -0.01 2.51 0.48
N VAL A 50 -0.64 2.85 1.60
CA VAL A 50 -0.22 3.99 2.41
C VAL A 50 1.24 3.87 2.82
N ALA A 51 1.64 2.67 3.21
CA ALA A 51 3.02 2.41 3.64
C ALA A 51 3.97 2.51 2.45
N TRP A 52 3.50 2.12 1.28
CA TRP A 52 4.31 2.16 0.08
C TRP A 52 4.47 3.59 -0.43
N LYS A 53 3.39 4.37 -0.35
CA LYS A 53 3.40 5.75 -0.79
C LYS A 53 4.22 6.63 0.16
N ALA A 54 4.10 6.34 1.46
CA ALA A 54 4.83 7.09 2.47
C ALA A 54 6.29 6.61 2.58
N LYS A 55 6.71 5.83 1.59
CA LYS A 55 8.07 5.30 1.57
C LYS A 55 8.42 4.65 2.91
N LYS A 56 7.45 3.96 3.49
CA LYS A 56 7.65 3.29 4.77
C LYS A 56 8.51 2.03 4.59
N LYS A 57 8.96 1.47 5.71
CA LYS A 57 9.78 0.27 5.67
C LYS A 57 8.92 -0.99 5.73
N ASP A 58 7.85 -0.93 6.52
CA ASP A 58 6.94 -2.06 6.67
C ASP A 58 5.67 -1.65 7.40
N THR A 59 4.56 -2.28 7.03
CA THR A 59 3.27 -1.97 7.65
C THR A 59 2.63 -3.23 8.22
N VAL A 60 2.16 -3.14 9.46
CA VAL A 60 1.52 -4.27 10.13
C VAL A 60 0.03 -4.32 9.80
N VAL A 61 -0.48 -5.53 9.59
CA VAL A 61 -1.89 -5.72 9.27
C VAL A 61 -2.41 -7.03 9.85
N GLN A 62 -3.70 -7.05 10.18
CA GLN A 62 -4.31 -8.24 10.75
C GLN A 62 -4.60 -9.27 9.66
N ILE A 63 -3.77 -10.31 9.61
CA ILE A 63 -3.93 -11.37 8.62
C ILE A 63 -4.23 -12.71 9.29
N HIS A 64 -5.33 -13.34 8.89
CA HIS A 64 -5.71 -14.63 9.45
C HIS A 64 -5.99 -14.51 10.94
N ASN A 65 -6.56 -13.38 11.35
CA ASN A 65 -6.87 -13.15 12.75
C ASN A 65 -5.60 -13.05 13.58
N GLN A 66 -4.51 -12.64 12.95
CA GLN A 66 -3.23 -12.50 13.63
C GLN A 66 -2.42 -11.36 13.04
N ASP A 67 -1.82 -10.56 13.91
CA ASP A 67 -1.01 -9.42 13.47
C ASP A 67 0.19 -9.89 12.66
N PHE A 68 0.40 -9.29 11.50
CA PHE A 68 1.50 -9.65 10.62
C PHE A 68 2.29 -8.41 10.20
N THR A 69 3.56 -8.60 9.84
CA THR A 69 4.41 -7.51 9.42
C THR A 69 4.66 -7.56 7.92
N VAL A 70 4.09 -6.59 7.20
CA VAL A 70 4.25 -6.52 5.75
C VAL A 70 5.42 -5.61 5.37
N ASP A 71 6.47 -6.21 4.83
CA ASP A 71 7.65 -5.45 4.42
C ASP A 71 7.55 -5.02 2.96
N LEU A 72 7.62 -3.72 2.73
CA LEU A 72 7.53 -3.19 1.37
C LEU A 72 8.84 -3.37 0.63
N SER A 73 9.95 -3.22 1.35
CA SER A 73 11.27 -3.37 0.76
C SER A 73 11.31 -4.53 -0.23
N THR A 74 10.72 -5.65 0.16
CA THR A 74 10.67 -6.83 -0.69
C THR A 74 9.24 -7.22 -1.01
N ASN A 75 8.29 -6.67 -0.26
CA ASN A 75 6.88 -6.97 -0.47
C ASN A 75 6.54 -8.37 0.01
N THR A 76 6.86 -8.65 1.27
CA THR A 76 6.59 -9.96 1.87
C THR A 76 6.11 -9.82 3.30
N ALA A 77 5.08 -10.58 3.65
CA ALA A 77 4.53 -10.54 5.00
C ALA A 77 5.12 -11.65 5.86
N THR A 78 5.27 -11.36 7.15
CA THR A 78 5.83 -12.34 8.08
C THR A 78 5.23 -12.17 9.47
N ALA A 79 5.12 -13.28 10.20
CA ALA A 79 4.56 -13.27 11.54
C ALA A 79 5.36 -14.16 12.48
N PRO A 80 5.33 -13.84 13.79
CA PRO A 80 6.05 -14.60 14.81
C PRO A 80 5.43 -15.98 15.04
N GLN A 81 4.40 -16.30 14.26
CA GLN A 81 3.73 -17.58 14.38
C GLN A 81 4.41 -18.65 13.52
N GLY A 82 4.87 -18.24 12.34
CA GLY A 82 5.54 -19.17 11.45
C GLY A 82 4.92 -19.19 10.07
N GLN A 83 4.45 -18.03 9.62
CA GLN A 83 3.83 -17.92 8.31
C GLN A 83 4.31 -16.67 7.57
N THR A 84 4.58 -16.82 6.28
CA THR A 84 5.06 -15.71 5.47
C THR A 84 4.40 -15.70 4.09
N PHE A 85 4.04 -14.52 3.61
CA PHE A 85 3.40 -14.39 2.31
C PHE A 85 4.08 -13.30 1.48
N THR A 86 3.65 -13.17 0.22
CA THR A 86 4.23 -12.18 -0.68
C THR A 86 3.16 -11.20 -1.16
N VAL A 87 3.40 -9.91 -0.94
CA VAL A 87 2.47 -8.88 -1.34
C VAL A 87 2.87 -8.27 -2.69
N GLN A 88 1.88 -7.94 -3.50
CA GLN A 88 2.13 -7.34 -4.81
C GLN A 88 1.24 -6.12 -5.04
N ARG A 89 1.81 -5.11 -5.67
CA ARG A 89 1.06 -3.88 -5.95
C ARG A 89 0.58 -3.84 -7.40
N LEU A 90 -0.71 -3.61 -7.58
CA LEU A 90 -1.30 -3.56 -8.91
C LEU A 90 -2.25 -2.38 -9.04
N VAL A 91 -2.10 -1.61 -10.13
CA VAL A 91 -2.94 -0.45 -10.37
C VAL A 91 -4.17 -0.83 -11.18
N LYS A 92 -5.34 -0.46 -10.67
CA LYS A 92 -6.60 -0.75 -11.34
C LYS A 92 -7.05 0.42 -12.20
N ALA A 93 -6.95 0.26 -13.52
CA ALA A 93 -7.35 1.30 -14.45
C ALA A 93 -8.66 0.96 -15.13
N SER A 94 -8.68 -0.16 -15.85
CA SER A 94 -9.88 -0.60 -16.55
C SER A 94 -10.71 -1.52 -15.68
N GLY A 95 -11.78 -0.98 -15.10
CA GLY A 95 -12.65 -1.76 -14.24
C GLY A 95 -14.10 -1.74 -14.70
N PRO A 96 -14.78 -0.62 -14.45
CA PRO A 96 -16.18 -0.45 -14.82
C PRO A 96 -16.37 -0.33 -16.33
N SER A 97 -15.26 -0.42 -17.07
CA SER A 97 -15.30 -0.31 -18.52
C SER A 97 -14.38 -1.36 -19.17
N SER A 98 -14.88 -1.99 -20.22
CA SER A 98 -14.13 -3.02 -20.92
C SER A 98 -12.74 -2.51 -21.30
N GLY A 99 -11.86 -3.41 -21.71
CA GLY A 99 -10.51 -3.03 -22.10
C GLY A 99 -10.38 -2.84 -23.59
N GLY A 1 0.15 4.30 30.69
CA GLY A 1 1.16 3.91 29.73
C GLY A 1 0.61 3.08 28.61
N SER A 2 1.40 2.90 27.55
CA SER A 2 0.98 2.12 26.39
C SER A 2 0.91 0.64 26.74
N SER A 3 -0.22 0.01 26.38
CA SER A 3 -0.42 -1.41 26.65
C SER A 3 0.76 -2.24 26.15
N GLY A 4 1.21 -1.94 24.93
CA GLY A 4 2.33 -2.65 24.35
C GLY A 4 2.84 -2.02 23.08
N SER A 5 1.93 -1.80 22.12
CA SER A 5 2.30 -1.19 20.85
C SER A 5 1.07 -0.65 20.13
N SER A 6 1.21 0.55 19.57
CA SER A 6 0.10 1.20 18.87
C SER A 6 0.62 2.16 17.81
N GLY A 7 0.00 2.14 16.64
CA GLY A 7 0.41 3.02 15.56
C GLY A 7 0.79 4.40 16.05
N LYS A 8 1.93 4.91 15.57
CA LYS A 8 2.40 6.22 15.97
C LYS A 8 2.68 7.10 14.75
N SER A 9 3.19 6.48 13.70
CA SER A 9 3.51 7.20 12.46
C SER A 9 2.37 8.12 12.07
N ILE A 10 2.65 9.42 12.03
CA ILE A 10 1.66 10.42 11.67
C ILE A 10 2.26 11.51 10.81
N ARG A 11 1.43 12.13 9.97
CA ARG A 11 1.88 13.20 9.09
C ARG A 11 0.75 14.19 8.82
N LEU A 12 1.11 15.33 8.22
CA LEU A 12 0.13 16.36 7.91
C LEU A 12 -0.07 16.50 6.40
N ALA A 13 -1.29 16.81 6.00
CA ALA A 13 -1.61 16.98 4.59
C ALA A 13 -0.58 17.87 3.89
N LYS A 14 -0.69 17.97 2.57
CA LYS A 14 0.23 18.79 1.79
C LYS A 14 -0.32 19.03 0.39
N GLU A 15 0.16 20.09 -0.25
CA GLU A 15 -0.28 20.44 -1.60
C GLU A 15 -0.18 19.24 -2.52
N LYS A 16 0.92 18.51 -2.43
CA LYS A 16 1.14 17.33 -3.27
C LYS A 16 0.00 16.32 -3.09
N GLU A 17 -0.60 16.31 -1.90
CA GLU A 17 -1.70 15.41 -1.61
C GLU A 17 -2.62 15.25 -2.82
N SER A 18 -2.73 16.31 -3.62
CA SER A 18 -3.57 16.29 -4.81
C SER A 18 -3.31 15.04 -5.63
N GLN A 19 -2.03 14.74 -5.85
CA GLN A 19 -1.65 13.57 -6.64
C GLN A 19 -1.89 12.29 -5.85
N ALA A 20 -1.64 12.34 -4.54
CA ALA A 20 -1.85 11.18 -3.68
C ALA A 20 -3.13 10.44 -4.04
N ASP A 21 -4.25 11.13 -3.96
CA ASP A 21 -5.54 10.54 -4.28
C ASP A 21 -5.64 10.20 -5.77
N TYR A 22 -5.08 11.07 -6.60
CA TYR A 22 -5.10 10.88 -8.04
C TYR A 22 -4.67 9.46 -8.40
N ILE A 23 -3.70 8.93 -7.66
CA ILE A 23 -3.21 7.59 -7.91
C ILE A 23 -3.88 6.58 -6.97
N SER A 24 -3.87 6.88 -5.69
CA SER A 24 -4.47 5.99 -4.69
C SER A 24 -5.88 5.59 -5.12
N THR A 25 -6.65 6.55 -5.61
CA THR A 25 -8.01 6.28 -6.06
C THR A 25 -8.14 4.89 -6.65
N TYR A 26 -7.06 4.43 -7.29
CA TYR A 26 -7.05 3.11 -7.91
C TYR A 26 -5.82 2.32 -7.49
N VAL A 27 -6.03 1.34 -6.61
CA VAL A 27 -4.95 0.51 -6.12
C VAL A 27 -5.47 -0.86 -5.66
N GLU A 28 -4.71 -1.91 -5.96
CA GLU A 28 -5.10 -3.26 -5.58
C GLU A 28 -3.92 -4.00 -4.96
N TRP A 29 -4.06 -4.38 -3.69
CA TRP A 29 -3.01 -5.10 -2.99
C TRP A 29 -3.43 -6.54 -2.71
N GLN A 30 -2.64 -7.48 -3.22
CA GLN A 30 -2.93 -8.90 -3.02
C GLN A 30 -1.74 -9.62 -2.39
N TYR A 31 -2.02 -10.64 -1.60
CA TYR A 31 -0.98 -11.41 -0.94
C TYR A 31 -0.99 -12.87 -1.40
N ILE A 32 0.20 -13.47 -1.48
CA ILE A 32 0.31 -14.86 -1.91
C ILE A 32 0.47 -15.79 -0.71
N ASP A 33 -0.58 -16.52 -0.39
CA ASP A 33 -0.56 -17.46 0.74
C ASP A 33 0.27 -18.69 0.40
N LYS A 34 0.58 -19.50 1.41
CA LYS A 34 1.36 -20.71 1.22
C LYS A 34 1.17 -21.26 -0.19
N ASN A 35 0.01 -21.86 -0.44
CA ASN A 35 -0.29 -22.42 -1.75
C ASN A 35 -1.56 -21.80 -2.33
N ILE A 36 -1.93 -20.64 -1.82
CA ILE A 36 -3.12 -19.93 -2.28
C ILE A 36 -2.82 -18.46 -2.54
N THR A 37 -3.49 -17.89 -3.54
CA THR A 37 -3.30 -16.48 -3.89
C THR A 37 -4.58 -15.69 -3.68
N GLN A 38 -4.67 -15.02 -2.54
CA GLN A 38 -5.85 -14.22 -2.22
C GLN A 38 -5.50 -12.73 -2.19
N CYS A 39 -6.50 -11.90 -1.92
CA CYS A 39 -6.30 -10.46 -1.86
C CYS A 39 -6.74 -9.90 -0.51
N PHE A 40 -6.18 -8.76 -0.14
CA PHE A 40 -6.50 -8.12 1.13
C PHE A 40 -7.91 -7.53 1.11
N ASP A 41 -8.36 -7.03 2.25
CA ASP A 41 -9.69 -6.44 2.35
C ASP A 41 -9.69 -5.01 1.84
N LYS A 42 -10.86 -4.37 1.87
CA LYS A 42 -11.00 -2.99 1.40
C LYS A 42 -10.30 -2.03 2.36
N MET A 43 -10.34 -2.34 3.65
CA MET A 43 -9.71 -1.50 4.66
C MET A 43 -8.19 -1.69 4.64
N THR A 44 -7.76 -2.95 4.63
CA THR A 44 -6.34 -3.26 4.62
C THR A 44 -5.70 -2.87 3.29
N ASN A 45 -6.43 -3.08 2.20
CA ASN A 45 -5.93 -2.76 0.87
C ASN A 45 -5.18 -1.42 0.88
N MET A 46 -5.78 -0.42 1.52
CA MET A 46 -5.17 0.89 1.60
C MET A 46 -4.06 0.92 2.66
N LYS A 47 -4.29 0.21 3.76
CA LYS A 47 -3.32 0.15 4.84
C LYS A 47 -1.92 -0.18 4.30
N LEU A 48 -1.88 -0.89 3.19
CA LEU A 48 -0.62 -1.28 2.57
C LEU A 48 -0.11 -0.18 1.64
N GLU A 49 -0.97 0.24 0.71
CA GLU A 49 -0.60 1.28 -0.24
C GLU A 49 -0.07 2.52 0.49
N VAL A 50 -0.75 2.91 1.56
CA VAL A 50 -0.34 4.07 2.33
C VAL A 50 1.12 3.97 2.74
N ALA A 51 1.51 2.81 3.25
CA ALA A 51 2.88 2.57 3.68
C ALA A 51 3.85 2.63 2.49
N TRP A 52 3.35 2.26 1.32
CA TRP A 52 4.17 2.26 0.12
C TRP A 52 4.41 3.68 -0.37
N LYS A 53 3.39 4.54 -0.25
CA LYS A 53 3.50 5.92 -0.68
C LYS A 53 4.23 6.76 0.37
N ALA A 54 4.08 6.37 1.64
CA ALA A 54 4.73 7.08 2.73
C ALA A 54 6.19 6.66 2.87
N LYS A 55 6.72 6.01 1.83
CA LYS A 55 8.10 5.57 1.84
C LYS A 55 8.43 4.84 3.14
N LYS A 56 7.49 4.04 3.62
CA LYS A 56 7.67 3.28 4.85
C LYS A 56 8.48 2.01 4.59
N LYS A 57 9.04 1.45 5.65
CA LYS A 57 9.83 0.22 5.55
C LYS A 57 8.93 -1.00 5.60
N ASP A 58 7.88 -0.93 6.41
CA ASP A 58 6.95 -2.04 6.55
C ASP A 58 5.68 -1.59 7.28
N THR A 59 4.59 -2.31 7.05
CA THR A 59 3.31 -1.99 7.68
C THR A 59 2.66 -3.23 8.27
N VAL A 60 2.16 -3.11 9.50
CA VAL A 60 1.49 -4.23 10.16
C VAL A 60 0.03 -4.32 9.76
N VAL A 61 -0.43 -5.53 9.46
CA VAL A 61 -1.81 -5.76 9.07
C VAL A 61 -2.34 -7.06 9.65
N GLN A 62 -3.61 -7.04 10.07
CA GLN A 62 -4.23 -8.22 10.67
C GLN A 62 -4.61 -9.23 9.58
N ILE A 63 -3.84 -10.30 9.47
CA ILE A 63 -4.10 -11.32 8.48
C ILE A 63 -4.47 -12.65 9.15
N HIS A 64 -5.67 -13.14 8.85
CA HIS A 64 -6.15 -14.39 9.42
C HIS A 64 -6.36 -14.27 10.93
N ASN A 65 -6.91 -13.14 11.35
CA ASN A 65 -7.16 -12.89 12.76
C ASN A 65 -5.85 -12.83 13.55
N GLN A 66 -4.77 -12.47 12.86
CA GLN A 66 -3.45 -12.39 13.48
C GLN A 66 -2.62 -11.28 12.85
N ASP A 67 -2.11 -10.38 13.68
CA ASP A 67 -1.29 -9.27 13.20
C ASP A 67 -0.03 -9.79 12.50
N PHE A 68 0.28 -9.22 11.35
CA PHE A 68 1.45 -9.62 10.59
C PHE A 68 2.31 -8.41 10.21
N THR A 69 3.54 -8.67 9.79
CA THR A 69 4.45 -7.60 9.40
C THR A 69 4.74 -7.64 7.91
N VAL A 70 4.13 -6.71 7.17
CA VAL A 70 4.33 -6.64 5.73
C VAL A 70 5.47 -5.70 5.37
N ASP A 71 6.51 -6.24 4.74
CA ASP A 71 7.67 -5.46 4.34
C ASP A 71 7.56 -5.03 2.88
N LEU A 72 7.61 -3.73 2.65
CA LEU A 72 7.51 -3.18 1.30
C LEU A 72 8.82 -3.38 0.54
N SER A 73 9.94 -3.16 1.23
CA SER A 73 11.25 -3.31 0.62
C SER A 73 11.31 -4.56 -0.24
N THR A 74 10.86 -5.68 0.32
CA THR A 74 10.87 -6.95 -0.40
C THR A 74 9.46 -7.34 -0.82
N ASN A 75 8.46 -6.77 -0.14
CA ASN A 75 7.07 -7.07 -0.45
C ASN A 75 6.69 -8.46 0.02
N THR A 76 6.96 -8.75 1.30
CA THR A 76 6.65 -10.04 1.88
C THR A 76 6.16 -9.90 3.32
N ALA A 77 5.12 -10.65 3.66
CA ALA A 77 4.56 -10.60 5.01
C ALA A 77 5.14 -11.72 5.88
N THR A 78 5.29 -11.43 7.17
CA THR A 78 5.84 -12.40 8.10
C THR A 78 5.21 -12.24 9.48
N ALA A 79 5.24 -13.32 10.26
CA ALA A 79 4.67 -13.30 11.61
C ALA A 79 5.45 -14.22 12.54
N PRO A 80 5.41 -13.91 13.85
CA PRO A 80 6.10 -14.70 14.87
C PRO A 80 5.47 -16.07 15.08
N GLN A 81 4.43 -16.36 14.30
CA GLN A 81 3.73 -17.65 14.40
C GLN A 81 4.41 -18.69 13.53
N GLY A 82 4.85 -18.27 12.34
CA GLY A 82 5.50 -19.19 11.43
C GLY A 82 4.86 -19.20 10.05
N GLN A 83 4.38 -18.04 9.62
CA GLN A 83 3.73 -17.92 8.31
C GLN A 83 4.24 -16.69 7.56
N THR A 84 4.51 -16.87 6.27
CA THR A 84 5.00 -15.78 5.44
C THR A 84 4.32 -15.77 4.08
N PHE A 85 4.02 -14.57 3.58
CA PHE A 85 3.36 -14.42 2.30
C PHE A 85 4.04 -13.35 1.46
N THR A 86 3.61 -13.21 0.21
CA THR A 86 4.18 -12.23 -0.70
C THR A 86 3.14 -11.19 -1.12
N VAL A 87 3.45 -9.92 -0.90
CA VAL A 87 2.55 -8.84 -1.25
C VAL A 87 2.91 -8.24 -2.60
N GLN A 88 1.90 -7.98 -3.43
CA GLN A 88 2.12 -7.40 -4.74
C GLN A 88 1.18 -6.22 -4.99
N ARG A 89 1.71 -5.16 -5.60
CA ARG A 89 0.94 -3.96 -5.88
C ARG A 89 0.50 -3.92 -7.35
N LEU A 90 -0.78 -3.68 -7.58
CA LEU A 90 -1.31 -3.62 -8.94
C LEU A 90 -2.26 -2.43 -9.10
N VAL A 91 -1.94 -1.56 -10.05
CA VAL A 91 -2.77 -0.39 -10.31
C VAL A 91 -3.97 -0.74 -11.17
N LYS A 92 -5.07 -0.03 -10.95
CA LYS A 92 -6.30 -0.27 -11.71
C LYS A 92 -6.76 1.01 -12.41
N ALA A 93 -6.36 1.15 -13.67
CA ALA A 93 -6.72 2.31 -14.47
C ALA A 93 -7.74 1.95 -15.54
N SER A 94 -8.50 2.94 -15.99
CA SER A 94 -9.51 2.73 -17.02
C SER A 94 -8.90 2.83 -18.41
N GLY A 95 -9.47 2.07 -19.35
CA GLY A 95 -8.97 2.08 -20.71
C GLY A 95 -10.01 1.63 -21.72
N PRO A 96 -10.83 2.58 -22.19
CA PRO A 96 -11.88 2.30 -23.17
C PRO A 96 -11.32 1.94 -24.54
N SER A 97 -10.00 1.91 -24.65
CA SER A 97 -9.34 1.59 -25.91
C SER A 97 -10.12 0.52 -26.67
N SER A 98 -10.52 -0.54 -25.97
CA SER A 98 -11.27 -1.62 -26.59
C SER A 98 -12.74 -1.26 -26.71
N GLY A 99 -13.31 -0.71 -25.64
CA GLY A 99 -14.71 -0.32 -25.65
C GLY A 99 -14.91 1.17 -25.48
N GLY A 1 2.27 9.38 20.00
CA GLY A 1 1.81 10.58 19.33
C GLY A 1 1.69 11.76 20.28
N SER A 2 1.52 12.96 19.72
CA SER A 2 1.39 14.16 20.53
C SER A 2 0.59 15.23 19.78
N SER A 3 0.22 16.29 20.50
CA SER A 3 -0.55 17.38 19.90
C SER A 3 0.30 18.63 19.77
N GLY A 4 -0.25 19.65 19.10
CA GLY A 4 0.48 20.88 18.90
C GLY A 4 -0.43 22.10 18.94
N SER A 5 -1.26 22.24 17.90
CA SER A 5 -2.18 23.37 17.82
C SER A 5 -1.51 24.66 18.27
N SER A 6 -0.26 24.85 17.85
CA SER A 6 0.50 26.03 18.22
C SER A 6 0.66 26.97 17.03
N GLY A 7 1.27 26.45 15.96
CA GLY A 7 1.48 27.25 14.77
C GLY A 7 2.59 26.72 13.90
N LYS A 8 2.59 25.40 13.67
CA LYS A 8 3.61 24.76 12.86
C LYS A 8 3.88 25.58 11.59
N SER A 9 5.16 25.77 11.28
CA SER A 9 5.56 26.52 10.10
C SER A 9 6.32 25.65 9.12
N ILE A 10 5.85 24.42 8.93
CA ILE A 10 6.49 23.48 8.02
C ILE A 10 6.10 23.77 6.57
N ARG A 11 7.09 24.07 5.75
CA ARG A 11 6.86 24.36 4.34
C ARG A 11 6.10 23.21 3.66
N LEU A 12 5.74 23.42 2.40
CA LEU A 12 5.02 22.40 1.64
C LEU A 12 5.67 21.03 1.80
N ALA A 13 4.86 19.99 1.85
CA ALA A 13 5.35 18.63 1.99
C ALA A 13 5.97 18.14 0.69
N LYS A 14 5.21 18.19 -0.39
CA LYS A 14 5.68 17.75 -1.70
C LYS A 14 4.64 18.03 -2.78
N GLU A 15 5.11 18.49 -3.94
CA GLU A 15 4.23 18.80 -5.05
C GLU A 15 3.87 17.54 -5.84
N LYS A 16 4.88 16.71 -6.08
CA LYS A 16 4.68 15.46 -6.81
C LYS A 16 3.49 14.68 -6.26
N GLU A 17 3.14 14.96 -5.01
CA GLU A 17 2.02 14.29 -4.36
C GLU A 17 0.84 14.13 -5.33
N SER A 18 0.60 15.16 -6.13
CA SER A 18 -0.49 15.13 -7.11
C SER A 18 -0.56 13.78 -7.80
N GLN A 19 0.60 13.27 -8.22
CA GLN A 19 0.66 11.98 -8.90
C GLN A 19 0.49 10.83 -7.91
N ALA A 20 1.18 10.93 -6.77
CA ALA A 20 1.11 9.89 -5.75
C ALA A 20 -0.34 9.54 -5.43
N ASP A 21 -1.16 10.56 -5.25
CA ASP A 21 -2.57 10.36 -4.93
C ASP A 21 -3.34 9.88 -6.17
N TYR A 22 -3.03 10.48 -7.31
CA TYR A 22 -3.68 10.13 -8.57
C TYR A 22 -3.72 8.61 -8.76
N ILE A 23 -2.58 7.96 -8.47
CA ILE A 23 -2.47 6.52 -8.62
C ILE A 23 -3.11 5.81 -7.42
N SER A 24 -2.66 6.16 -6.22
CA SER A 24 -3.18 5.55 -5.01
C SER A 24 -4.68 5.31 -5.12
N THR A 25 -5.41 6.34 -5.54
CA THR A 25 -6.86 6.24 -5.69
C THR A 25 -7.27 4.87 -6.20
N TYR A 26 -6.53 4.36 -7.19
CA TYR A 26 -6.83 3.06 -7.77
C TYR A 26 -5.65 2.11 -7.58
N VAL A 27 -5.79 1.20 -6.63
CA VAL A 27 -4.74 0.22 -6.34
C VAL A 27 -5.32 -1.04 -5.73
N GLU A 28 -4.74 -2.19 -6.09
CA GLU A 28 -5.20 -3.48 -5.58
C GLU A 28 -4.05 -4.26 -4.96
N TRP A 29 -4.04 -4.35 -3.63
CA TRP A 29 -2.99 -5.07 -2.93
C TRP A 29 -3.42 -6.50 -2.63
N GLN A 30 -2.64 -7.46 -3.12
CA GLN A 30 -2.94 -8.87 -2.89
C GLN A 30 -1.75 -9.60 -2.29
N TYR A 31 -2.03 -10.62 -1.49
CA TYR A 31 -0.97 -11.40 -0.85
C TYR A 31 -1.01 -12.86 -1.31
N ILE A 32 0.17 -13.44 -1.50
CA ILE A 32 0.27 -14.82 -1.93
C ILE A 32 0.47 -15.76 -0.74
N ASP A 33 -0.55 -16.55 -0.44
CA ASP A 33 -0.48 -17.49 0.68
C ASP A 33 0.34 -18.71 0.30
N LYS A 34 0.69 -19.51 1.30
CA LYS A 34 1.48 -20.72 1.08
C LYS A 34 1.22 -21.29 -0.30
N ASN A 35 0.06 -21.90 -0.48
CA ASN A 35 -0.32 -22.49 -1.77
C ASN A 35 -1.59 -21.85 -2.31
N ILE A 36 -1.93 -20.67 -1.78
CA ILE A 36 -3.12 -19.96 -2.22
C ILE A 36 -2.81 -18.49 -2.49
N THR A 37 -3.60 -17.88 -3.36
CA THR A 37 -3.41 -16.47 -3.71
C THR A 37 -4.67 -15.66 -3.44
N GLN A 38 -4.69 -14.99 -2.29
CA GLN A 38 -5.84 -14.17 -1.91
C GLN A 38 -5.49 -12.69 -1.95
N CYS A 39 -6.48 -11.85 -1.67
CA CYS A 39 -6.28 -10.41 -1.66
C CYS A 39 -6.79 -9.79 -0.37
N PHE A 40 -6.22 -8.64 0.00
CA PHE A 40 -6.62 -7.94 1.22
C PHE A 40 -8.00 -7.31 1.06
N ASP A 41 -8.53 -6.79 2.16
CA ASP A 41 -9.85 -6.15 2.14
C ASP A 41 -9.76 -4.72 1.62
N LYS A 42 -10.89 -4.04 1.59
CA LYS A 42 -10.94 -2.66 1.11
C LYS A 42 -10.30 -1.72 2.12
N MET A 43 -10.47 -2.02 3.40
CA MET A 43 -9.89 -1.21 4.47
C MET A 43 -8.38 -1.40 4.54
N THR A 44 -7.94 -2.64 4.49
CA THR A 44 -6.51 -2.95 4.55
C THR A 44 -5.83 -2.62 3.23
N ASN A 45 -6.51 -2.89 2.12
CA ASN A 45 -5.95 -2.61 0.80
C ASN A 45 -5.21 -1.28 0.79
N MET A 46 -5.77 -0.29 1.47
CA MET A 46 -5.16 1.04 1.54
C MET A 46 -4.06 1.08 2.60
N LYS A 47 -4.31 0.42 3.73
CA LYS A 47 -3.36 0.38 4.82
C LYS A 47 -1.96 0.02 4.30
N LEU A 48 -1.91 -0.73 3.21
CA LEU A 48 -0.64 -1.13 2.61
C LEU A 48 -0.10 -0.04 1.69
N GLU A 49 -0.87 0.31 0.68
CA GLU A 49 -0.47 1.34 -0.27
C GLU A 49 0.02 2.59 0.46
N VAL A 50 -0.77 3.05 1.43
CA VAL A 50 -0.41 4.23 2.21
C VAL A 50 1.05 4.17 2.67
N ALA A 51 1.45 3.00 3.17
CA ALA A 51 2.81 2.81 3.64
C ALA A 51 3.81 2.84 2.49
N TRP A 52 3.39 2.33 1.34
CA TRP A 52 4.24 2.29 0.16
C TRP A 52 4.44 3.69 -0.41
N LYS A 53 3.46 4.55 -0.21
CA LYS A 53 3.53 5.92 -0.71
C LYS A 53 4.23 6.83 0.31
N ALA A 54 4.09 6.49 1.59
CA ALA A 54 4.71 7.27 2.65
C ALA A 54 6.17 6.88 2.84
N LYS A 55 6.70 6.12 1.89
CA LYS A 55 8.10 5.69 1.94
C LYS A 55 8.38 4.94 3.23
N LYS A 56 7.41 4.14 3.67
CA LYS A 56 7.56 3.35 4.89
C LYS A 56 8.48 2.16 4.67
N LYS A 57 8.76 1.43 5.74
CA LYS A 57 9.63 0.26 5.66
C LYS A 57 8.82 -1.04 5.77
N ASP A 58 7.71 -0.97 6.51
CA ASP A 58 6.85 -2.13 6.69
C ASP A 58 5.56 -1.74 7.41
N THR A 59 4.46 -2.36 7.01
CA THR A 59 3.16 -2.07 7.62
C THR A 59 2.54 -3.34 8.20
N VAL A 60 2.08 -3.24 9.45
CA VAL A 60 1.47 -4.38 10.12
C VAL A 60 -0.01 -4.47 9.78
N VAL A 61 -0.48 -5.70 9.55
CA VAL A 61 -1.89 -5.93 9.23
C VAL A 61 -2.38 -7.24 9.82
N GLN A 62 -3.69 -7.34 10.02
CA GLN A 62 -4.30 -8.55 10.58
C GLN A 62 -4.58 -9.57 9.49
N ILE A 63 -3.82 -10.67 9.50
CA ILE A 63 -4.00 -11.72 8.52
C ILE A 63 -4.29 -13.06 9.18
N HIS A 64 -5.40 -13.67 8.81
CA HIS A 64 -5.80 -14.96 9.37
C HIS A 64 -6.08 -14.84 10.86
N ASN A 65 -6.49 -13.64 11.29
CA ASN A 65 -6.78 -13.39 12.70
C ASN A 65 -5.50 -13.29 13.52
N GLN A 66 -4.43 -12.86 12.87
CA GLN A 66 -3.14 -12.72 13.54
C GLN A 66 -2.34 -11.56 12.96
N ASP A 67 -1.77 -10.75 13.84
CA ASP A 67 -0.97 -9.59 13.41
C ASP A 67 0.24 -10.04 12.60
N PHE A 68 0.40 -9.43 11.42
CA PHE A 68 1.52 -9.77 10.54
C PHE A 68 2.27 -8.51 10.10
N THR A 69 3.54 -8.67 9.79
CA THR A 69 4.37 -7.55 9.35
C THR A 69 4.61 -7.59 7.85
N VAL A 70 3.96 -6.68 7.13
CA VAL A 70 4.11 -6.62 5.67
C VAL A 70 5.25 -5.67 5.27
N ASP A 71 6.34 -6.24 4.78
CA ASP A 71 7.49 -5.46 4.36
C ASP A 71 7.34 -4.99 2.91
N LEU A 72 7.36 -3.69 2.71
CA LEU A 72 7.22 -3.13 1.37
C LEU A 72 8.51 -3.30 0.57
N SER A 73 9.64 -3.05 1.22
CA SER A 73 10.94 -3.19 0.58
C SER A 73 11.02 -4.48 -0.24
N THR A 74 10.73 -5.60 0.42
CA THR A 74 10.78 -6.90 -0.24
C THR A 74 9.38 -7.33 -0.69
N ASN A 75 8.36 -6.71 -0.11
CA ASN A 75 6.98 -7.02 -0.45
C ASN A 75 6.61 -8.43 0.01
N THR A 76 6.95 -8.73 1.26
CA THR A 76 6.66 -10.05 1.83
C THR A 76 6.19 -9.92 3.27
N ALA A 77 5.15 -10.66 3.62
CA ALA A 77 4.59 -10.64 4.97
C ALA A 77 5.21 -11.73 5.83
N THR A 78 5.36 -11.45 7.11
CA THR A 78 5.93 -12.41 8.05
C THR A 78 5.34 -12.26 9.44
N ALA A 79 5.22 -13.37 10.15
CA ALA A 79 4.66 -13.35 11.51
C ALA A 79 5.47 -14.26 12.44
N PRO A 80 5.45 -13.93 13.74
CA PRO A 80 6.17 -14.69 14.76
C PRO A 80 5.55 -16.07 15.00
N GLN A 81 4.51 -16.39 14.23
CA GLN A 81 3.82 -17.67 14.35
C GLN A 81 4.50 -18.73 13.49
N GLY A 82 4.99 -18.31 12.32
CA GLY A 82 5.65 -19.24 11.42
C GLY A 82 5.02 -19.26 10.04
N GLN A 83 4.54 -18.10 9.60
CA GLN A 83 3.90 -17.98 8.29
C GLN A 83 4.39 -16.74 7.56
N THR A 84 4.59 -16.87 6.25
CA THR A 84 5.06 -15.75 5.44
C THR A 84 4.38 -15.75 4.07
N PHE A 85 4.06 -14.55 3.57
CA PHE A 85 3.41 -14.41 2.28
C PHE A 85 4.11 -13.35 1.44
N THR A 86 3.66 -13.21 0.19
CA THR A 86 4.24 -12.22 -0.72
C THR A 86 3.19 -11.23 -1.19
N VAL A 87 3.46 -9.93 -0.98
CA VAL A 87 2.54 -8.89 -1.38
C VAL A 87 2.95 -8.29 -2.72
N GLN A 88 1.96 -8.09 -3.59
CA GLN A 88 2.21 -7.52 -4.92
C GLN A 88 1.33 -6.29 -5.16
N ARG A 89 1.93 -5.25 -5.70
CA ARG A 89 1.21 -4.01 -5.99
C ARG A 89 0.73 -3.99 -7.45
N LEU A 90 -0.55 -3.71 -7.65
CA LEU A 90 -1.13 -3.65 -8.98
C LEU A 90 -1.97 -2.39 -9.16
N VAL A 91 -1.92 -1.82 -10.36
CA VAL A 91 -2.68 -0.62 -10.66
C VAL A 91 -3.94 -0.93 -11.46
N LYS A 92 -5.02 -0.25 -11.14
CA LYS A 92 -6.29 -0.47 -11.84
C LYS A 92 -6.52 0.62 -12.89
N ALA A 93 -7.53 0.41 -13.74
CA ALA A 93 -7.85 1.36 -14.79
C ALA A 93 -9.17 1.01 -15.47
N SER A 94 -9.78 1.99 -16.10
CA SER A 94 -11.05 1.79 -16.79
C SER A 94 -10.91 2.02 -18.29
N GLY A 95 -11.07 0.94 -19.06
CA GLY A 95 -10.95 1.04 -20.51
C GLY A 95 -11.97 1.97 -21.11
N PRO A 96 -12.50 1.61 -22.29
CA PRO A 96 -13.50 2.41 -23.00
C PRO A 96 -14.85 2.41 -22.29
N SER A 97 -15.02 3.33 -21.34
CA SER A 97 -16.25 3.43 -20.58
C SER A 97 -17.46 3.46 -21.52
N SER A 98 -18.16 2.34 -21.61
CA SER A 98 -19.33 2.24 -22.47
C SER A 98 -20.43 3.17 -22.00
N GLY A 99 -20.69 4.22 -22.78
CA GLY A 99 -21.72 5.18 -22.43
C GLY A 99 -21.15 6.52 -22.03
N GLY A 1 -7.78 36.02 5.87
CA GLY A 1 -8.68 36.91 5.15
C GLY A 1 -8.43 36.89 3.65
N SER A 2 -7.86 37.97 3.13
CA SER A 2 -7.58 38.07 1.71
C SER A 2 -6.46 37.13 1.30
N SER A 3 -5.37 37.15 2.07
CA SER A 3 -4.21 36.29 1.80
C SER A 3 -3.31 36.19 3.02
N GLY A 4 -2.91 34.97 3.35
CA GLY A 4 -2.05 34.74 4.49
C GLY A 4 -2.17 33.34 5.06
N SER A 5 -1.08 32.83 5.62
CA SER A 5 -1.06 31.50 6.19
C SER A 5 -1.74 31.48 7.57
N SER A 6 -2.86 30.77 7.65
CA SER A 6 -3.61 30.68 8.90
C SER A 6 -2.67 30.43 10.08
N GLY A 7 -2.54 31.43 10.95
CA GLY A 7 -1.67 31.31 12.10
C GLY A 7 -0.21 31.17 11.72
N LYS A 8 0.30 29.93 11.76
CA LYS A 8 1.69 29.68 11.41
C LYS A 8 1.79 28.61 10.33
N SER A 9 3.00 28.34 9.87
CA SER A 9 3.23 27.35 8.82
C SER A 9 3.83 26.07 9.42
N ILE A 10 2.97 25.20 9.92
CA ILE A 10 3.41 23.94 10.51
C ILE A 10 3.04 22.76 9.62
N ARG A 11 3.18 22.93 8.31
CA ARG A 11 2.87 21.88 7.36
C ARG A 11 4.13 21.30 6.75
N LEU A 12 3.97 20.27 5.93
CA LEU A 12 5.11 19.62 5.28
C LEU A 12 5.39 20.25 3.92
N ALA A 13 6.66 20.30 3.55
CA ALA A 13 7.06 20.88 2.27
C ALA A 13 6.79 19.91 1.12
N LYS A 14 5.60 19.33 1.11
CA LYS A 14 5.22 18.38 0.07
C LYS A 14 3.82 18.68 -0.45
N GLU A 15 3.75 19.38 -1.57
CA GLU A 15 2.46 19.73 -2.17
C GLU A 15 2.00 18.65 -3.14
N LYS A 16 2.95 18.07 -3.87
CA LYS A 16 2.65 17.02 -4.83
C LYS A 16 1.58 16.07 -4.29
N GLU A 17 1.58 15.88 -2.97
CA GLU A 17 0.62 14.99 -2.33
C GLU A 17 -0.75 15.11 -2.99
N SER A 18 -1.03 16.28 -3.57
CA SER A 18 -2.30 16.52 -4.24
C SER A 18 -2.62 15.40 -5.22
N GLN A 19 -1.64 15.06 -6.06
CA GLN A 19 -1.82 14.01 -7.06
C GLN A 19 -1.50 12.64 -6.46
N ALA A 20 -0.46 12.60 -5.63
CA ALA A 20 -0.06 11.34 -4.98
C ALA A 20 -1.27 10.48 -4.64
N ASP A 21 -2.27 11.10 -4.03
CA ASP A 21 -3.48 10.39 -3.65
C ASP A 21 -4.20 9.83 -4.87
N TYR A 22 -4.44 10.69 -5.85
CA TYR A 22 -5.11 10.28 -7.08
C TYR A 22 -4.68 8.88 -7.51
N ILE A 23 -3.37 8.64 -7.46
CA ILE A 23 -2.82 7.35 -7.84
C ILE A 23 -3.32 6.24 -6.91
N SER A 24 -3.19 6.46 -5.61
CA SER A 24 -3.63 5.49 -4.61
C SER A 24 -5.12 5.20 -4.76
N THR A 25 -5.89 6.26 -5.01
CA THR A 25 -7.33 6.13 -5.17
C THR A 25 -7.70 4.78 -5.79
N TYR A 26 -6.92 4.38 -6.80
CA TYR A 26 -7.17 3.11 -7.49
C TYR A 26 -5.97 2.18 -7.35
N VAL A 27 -6.09 1.19 -6.46
CA VAL A 27 -5.02 0.23 -6.23
C VAL A 27 -5.57 -1.09 -5.72
N GLU A 28 -4.85 -2.17 -5.98
CA GLU A 28 -5.26 -3.50 -5.54
C GLU A 28 -4.10 -4.26 -4.93
N TRP A 29 -4.11 -4.39 -3.61
CA TRP A 29 -3.04 -5.10 -2.90
C TRP A 29 -3.46 -6.54 -2.60
N GLN A 30 -2.67 -7.49 -3.08
CA GLN A 30 -2.96 -8.90 -2.86
C GLN A 30 -1.77 -9.60 -2.22
N TYR A 31 -2.04 -10.68 -1.49
CA TYR A 31 -0.99 -11.43 -0.81
C TYR A 31 -1.00 -12.89 -1.26
N ILE A 32 0.19 -13.45 -1.47
CA ILE A 32 0.31 -14.84 -1.89
C ILE A 32 0.49 -15.77 -0.71
N ASP A 33 -0.54 -16.55 -0.41
CA ASP A 33 -0.50 -17.48 0.71
C ASP A 33 0.37 -18.69 0.37
N LYS A 34 0.69 -19.48 1.39
CA LYS A 34 1.52 -20.66 1.20
C LYS A 34 1.34 -21.24 -0.20
N ASN A 35 0.17 -21.81 -0.46
CA ASN A 35 -0.13 -22.39 -1.76
C ASN A 35 -1.41 -21.79 -2.34
N ILE A 36 -1.80 -20.63 -1.83
CA ILE A 36 -3.00 -19.95 -2.30
C ILE A 36 -2.72 -18.47 -2.57
N THR A 37 -3.47 -17.91 -3.51
CA THR A 37 -3.31 -16.50 -3.86
C THR A 37 -4.61 -15.73 -3.64
N GLN A 38 -4.66 -14.97 -2.56
CA GLN A 38 -5.84 -14.18 -2.24
C GLN A 38 -5.53 -12.69 -2.27
N CYS A 39 -6.54 -11.87 -2.01
CA CYS A 39 -6.38 -10.42 -2.01
C CYS A 39 -6.67 -9.84 -0.64
N PHE A 40 -6.19 -8.62 -0.39
CA PHE A 40 -6.40 -7.95 0.88
C PHE A 40 -7.80 -7.34 0.95
N ASP A 41 -8.27 -7.11 2.17
CA ASP A 41 -9.59 -6.53 2.38
C ASP A 41 -9.59 -5.03 2.07
N LYS A 42 -10.64 -4.57 1.42
CA LYS A 42 -10.75 -3.15 1.06
C LYS A 42 -10.18 -2.27 2.16
N MET A 43 -10.25 -2.76 3.40
CA MET A 43 -9.73 -2.00 4.54
C MET A 43 -8.20 -2.03 4.55
N THR A 44 -7.62 -3.22 4.39
CA THR A 44 -6.18 -3.36 4.39
C THR A 44 -5.56 -2.82 3.11
N ASN A 45 -6.25 -3.04 1.99
CA ASN A 45 -5.78 -2.56 0.70
C ASN A 45 -5.10 -1.20 0.83
N MET A 46 -5.67 -0.35 1.68
CA MET A 46 -5.12 0.99 1.90
C MET A 46 -4.02 0.95 2.96
N LYS A 47 -4.24 0.16 4.00
CA LYS A 47 -3.27 0.03 5.08
C LYS A 47 -1.90 -0.34 4.55
N LEU A 48 -1.87 -0.90 3.34
CA LEU A 48 -0.62 -1.31 2.71
C LEU A 48 -0.10 -0.22 1.77
N GLU A 49 -0.97 0.26 0.90
CA GLU A 49 -0.60 1.31 -0.05
C GLU A 49 -0.15 2.57 0.67
N VAL A 50 -0.76 2.84 1.82
CA VAL A 50 -0.42 4.01 2.62
C VAL A 50 1.06 4.02 2.98
N ALA A 51 1.58 2.85 3.36
CA ALA A 51 2.98 2.72 3.73
C ALA A 51 3.87 2.77 2.49
N TRP A 52 3.36 2.29 1.38
CA TRP A 52 4.12 2.28 0.13
C TRP A 52 4.29 3.69 -0.43
N LYS A 53 3.29 4.55 -0.17
CA LYS A 53 3.35 5.92 -0.65
C LYS A 53 4.09 6.81 0.34
N ALA A 54 4.04 6.45 1.62
CA ALA A 54 4.72 7.21 2.66
C ALA A 54 6.18 6.80 2.77
N LYS A 55 6.67 6.11 1.74
CA LYS A 55 8.07 5.66 1.72
C LYS A 55 8.41 4.91 3.00
N LYS A 56 7.45 4.13 3.50
CA LYS A 56 7.66 3.35 4.73
C LYS A 56 8.51 2.12 4.44
N LYS A 57 8.99 1.49 5.51
CA LYS A 57 9.83 0.29 5.38
C LYS A 57 8.97 -0.98 5.51
N ASP A 58 7.94 -0.90 6.33
CA ASP A 58 7.05 -2.04 6.54
C ASP A 58 5.76 -1.60 7.23
N THR A 59 4.66 -2.29 6.92
CA THR A 59 3.37 -1.97 7.50
C THR A 59 2.69 -3.23 8.04
N VAL A 60 2.21 -3.14 9.28
CA VAL A 60 1.53 -4.27 9.92
C VAL A 60 0.06 -4.28 9.57
N VAL A 61 -0.48 -5.48 9.34
CA VAL A 61 -1.89 -5.64 8.99
C VAL A 61 -2.47 -6.91 9.61
N GLN A 62 -3.78 -6.92 9.81
CA GLN A 62 -4.45 -8.08 10.39
C GLN A 62 -4.77 -9.11 9.33
N ILE A 63 -4.02 -10.22 9.34
CA ILE A 63 -4.22 -11.29 8.37
C ILE A 63 -4.57 -12.60 9.07
N HIS A 64 -5.73 -13.15 8.74
CA HIS A 64 -6.19 -14.41 9.33
C HIS A 64 -6.41 -14.25 10.83
N ASN A 65 -6.90 -13.08 11.23
CA ASN A 65 -7.16 -12.80 12.64
C ASN A 65 -5.86 -12.75 13.43
N GLN A 66 -4.77 -12.41 12.75
CA GLN A 66 -3.46 -12.32 13.38
C GLN A 66 -2.62 -11.22 12.74
N ASP A 67 -2.08 -10.34 13.57
CA ASP A 67 -1.26 -9.23 13.09
C ASP A 67 -0.01 -9.76 12.38
N PHE A 68 0.26 -9.21 11.19
CA PHE A 68 1.42 -9.63 10.41
C PHE A 68 2.24 -8.41 9.97
N THR A 69 3.54 -8.63 9.78
CA THR A 69 4.44 -7.56 9.37
C THR A 69 4.73 -7.64 7.87
N VAL A 70 4.16 -6.70 7.12
CA VAL A 70 4.36 -6.67 5.67
C VAL A 70 5.50 -5.73 5.31
N ASP A 71 6.58 -6.29 4.76
CA ASP A 71 7.74 -5.49 4.36
C ASP A 71 7.63 -5.07 2.90
N LEU A 72 7.68 -3.77 2.66
CA LEU A 72 7.59 -3.23 1.31
C LEU A 72 8.89 -3.46 0.54
N SER A 73 10.01 -3.22 1.20
CA SER A 73 11.32 -3.41 0.58
C SER A 73 11.34 -4.68 -0.28
N THR A 74 10.95 -5.80 0.34
CA THR A 74 10.92 -7.07 -0.36
C THR A 74 9.50 -7.45 -0.78
N ASN A 75 8.52 -6.82 -0.14
CA ASN A 75 7.12 -7.09 -0.44
C ASN A 75 6.71 -8.48 0.03
N THR A 76 7.00 -8.78 1.30
CA THR A 76 6.67 -10.07 1.88
C THR A 76 6.18 -9.92 3.32
N ALA A 77 5.13 -10.66 3.66
CA ALA A 77 4.56 -10.62 5.00
C ALA A 77 5.16 -11.71 5.89
N THR A 78 5.24 -11.43 7.19
CA THR A 78 5.79 -12.39 8.13
C THR A 78 5.18 -12.19 9.52
N ALA A 79 5.07 -13.28 10.27
CA ALA A 79 4.51 -13.24 11.61
C ALA A 79 5.30 -14.13 12.56
N PRO A 80 5.26 -13.78 13.86
CA PRO A 80 5.97 -14.53 14.90
C PRO A 80 5.35 -15.90 15.15
N GLN A 81 4.32 -16.24 14.37
CA GLN A 81 3.65 -17.52 14.50
C GLN A 81 4.31 -18.58 13.64
N GLY A 82 4.76 -18.18 12.46
CA GLY A 82 5.41 -19.11 11.55
C GLY A 82 4.78 -19.12 10.17
N GLN A 83 4.32 -17.96 9.73
CA GLN A 83 3.68 -17.85 8.42
C GLN A 83 4.22 -16.65 7.66
N THR A 84 4.44 -16.84 6.36
CA THR A 84 4.95 -15.77 5.51
C THR A 84 4.26 -15.76 4.16
N PHE A 85 4.05 -14.56 3.62
CA PHE A 85 3.39 -14.40 2.33
C PHE A 85 4.09 -13.33 1.48
N THR A 86 3.62 -13.18 0.25
CA THR A 86 4.20 -12.20 -0.66
C THR A 86 3.16 -11.17 -1.10
N VAL A 87 3.46 -9.90 -0.88
CA VAL A 87 2.55 -8.82 -1.26
C VAL A 87 2.94 -8.21 -2.59
N GLN A 88 1.95 -8.03 -3.47
CA GLN A 88 2.19 -7.46 -4.78
C GLN A 88 1.27 -6.26 -5.05
N ARG A 89 1.81 -5.24 -5.68
CA ARG A 89 1.03 -4.04 -5.98
C ARG A 89 0.51 -4.08 -7.41
N LEU A 90 -0.77 -3.77 -7.57
CA LEU A 90 -1.40 -3.77 -8.89
C LEU A 90 -2.26 -2.53 -9.08
N VAL A 91 -2.27 -2.00 -10.30
CA VAL A 91 -3.06 -0.82 -10.62
C VAL A 91 -4.24 -1.16 -11.52
N LYS A 92 -5.45 -0.82 -11.06
CA LYS A 92 -6.66 -1.10 -11.83
C LYS A 92 -6.87 -0.05 -12.91
N ALA A 93 -6.23 -0.27 -14.06
CA ALA A 93 -6.34 0.65 -15.19
C ALA A 93 -7.63 0.40 -15.98
N SER A 94 -8.71 0.12 -15.26
CA SER A 94 -9.99 -0.16 -15.89
C SER A 94 -10.98 0.99 -15.64
N GLY A 95 -11.54 1.53 -16.71
CA GLY A 95 -12.48 2.62 -16.58
C GLY A 95 -13.66 2.27 -15.70
N PRO A 96 -14.12 3.24 -14.90
CA PRO A 96 -15.26 3.04 -13.99
C PRO A 96 -16.57 2.90 -14.74
N SER A 97 -16.51 2.94 -16.06
CA SER A 97 -17.71 2.81 -16.89
C SER A 97 -18.68 3.94 -16.61
N SER A 98 -18.14 5.16 -16.47
CA SER A 98 -18.97 6.33 -16.19
C SER A 98 -19.64 6.83 -17.48
N GLY A 99 -20.57 7.78 -17.32
CA GLY A 99 -21.27 8.33 -18.46
C GLY A 99 -22.62 8.90 -18.09
N GLY A 1 21.65 5.33 0.63
CA GLY A 1 22.93 5.33 -0.03
C GLY A 1 23.38 6.73 -0.43
N SER A 2 23.34 7.65 0.51
CA SER A 2 23.73 9.04 0.25
C SER A 2 25.24 9.18 0.32
N SER A 3 25.80 9.94 -0.62
CA SER A 3 27.24 10.16 -0.67
C SER A 3 27.65 11.31 0.24
N GLY A 4 26.94 12.42 0.14
CA GLY A 4 27.24 13.58 0.96
C GLY A 4 25.98 14.29 1.44
N SER A 5 25.23 14.85 0.51
CA SER A 5 24.00 15.57 0.84
C SER A 5 22.95 15.39 -0.25
N SER A 6 21.82 14.82 0.10
CA SER A 6 20.73 14.59 -0.84
C SER A 6 20.29 15.91 -1.48
N GLY A 7 20.14 15.90 -2.79
CA GLY A 7 19.72 17.10 -3.50
C GLY A 7 19.08 16.79 -4.83
N LYS A 8 17.76 16.62 -4.84
CA LYS A 8 17.03 16.32 -6.06
C LYS A 8 16.55 17.60 -6.74
N SER A 9 16.39 17.54 -8.05
CA SER A 9 15.92 18.70 -8.82
C SER A 9 14.42 18.65 -9.03
N ILE A 10 13.82 19.80 -9.30
CA ILE A 10 12.39 19.89 -9.53
C ILE A 10 11.60 19.34 -8.34
N ARG A 11 11.93 19.83 -7.15
CA ARG A 11 11.26 19.39 -5.93
C ARG A 11 9.87 20.03 -5.81
N LEU A 12 8.88 19.43 -6.45
CA LEU A 12 7.52 19.95 -6.42
C LEU A 12 7.13 20.36 -5.00
N ALA A 13 6.27 21.36 -4.90
CA ALA A 13 5.81 21.85 -3.60
C ALA A 13 4.79 20.90 -2.99
N LYS A 14 4.24 21.29 -1.85
CA LYS A 14 3.25 20.48 -1.15
C LYS A 14 1.86 20.66 -1.77
N GLU A 15 1.83 21.23 -2.97
CA GLU A 15 0.56 21.46 -3.67
C GLU A 15 0.14 20.21 -4.44
N LYS A 16 1.04 19.68 -5.24
CA LYS A 16 0.76 18.49 -6.04
C LYS A 16 0.50 17.29 -5.13
N GLU A 17 0.68 17.48 -3.83
CA GLU A 17 0.46 16.41 -2.86
C GLU A 17 -0.74 15.55 -3.26
N SER A 18 -1.76 16.20 -3.82
CA SER A 18 -2.96 15.50 -4.24
C SER A 18 -2.62 14.22 -5.00
N GLN A 19 -1.66 14.33 -5.92
CA GLN A 19 -1.23 13.19 -6.72
C GLN A 19 -1.28 11.90 -5.90
N ALA A 20 -0.87 12.00 -4.64
CA ALA A 20 -0.87 10.84 -3.75
C ALA A 20 -2.26 10.20 -3.67
N ASP A 21 -3.25 10.99 -3.30
CA ASP A 21 -4.62 10.51 -3.19
C ASP A 21 -5.21 10.23 -4.57
N TYR A 22 -4.95 11.15 -5.51
CA TYR A 22 -5.47 11.01 -6.86
C TYR A 22 -5.11 9.63 -7.44
N ILE A 23 -3.95 9.12 -7.05
CA ILE A 23 -3.50 7.81 -7.53
C ILE A 23 -3.90 6.70 -6.55
N SER A 24 -3.46 6.84 -5.30
CA SER A 24 -3.77 5.85 -4.27
C SER A 24 -5.26 5.53 -4.25
N THR A 25 -6.09 6.56 -4.37
CA THR A 25 -7.53 6.40 -4.37
C THR A 25 -7.93 5.08 -5.02
N TYR A 26 -7.17 4.67 -6.03
CA TYR A 26 -7.46 3.43 -6.74
C TYR A 26 -6.23 2.52 -6.75
N VAL A 27 -6.27 1.48 -5.93
CA VAL A 27 -5.17 0.52 -5.84
C VAL A 27 -5.65 -0.84 -5.38
N GLU A 28 -4.87 -1.87 -5.68
CA GLU A 28 -5.23 -3.23 -5.30
C GLU A 28 -4.03 -3.97 -4.71
N TRP A 29 -4.15 -4.38 -3.45
CA TRP A 29 -3.07 -5.09 -2.77
C TRP A 29 -3.49 -6.51 -2.43
N GLN A 30 -2.75 -7.48 -2.96
CA GLN A 30 -3.05 -8.89 -2.72
C GLN A 30 -1.83 -9.61 -2.14
N TYR A 31 -2.08 -10.67 -1.40
CA TYR A 31 -1.01 -11.45 -0.78
C TYR A 31 -1.02 -12.90 -1.29
N ILE A 32 0.17 -13.44 -1.52
CA ILE A 32 0.30 -14.81 -2.01
C ILE A 32 0.53 -15.78 -0.85
N ASP A 33 -0.49 -16.58 -0.54
CA ASP A 33 -0.39 -17.54 0.54
C ASP A 33 0.47 -18.73 0.13
N LYS A 34 0.84 -19.56 1.10
CA LYS A 34 1.66 -20.73 0.85
C LYS A 34 1.44 -21.25 -0.57
N ASN A 35 0.29 -21.87 -0.80
CA ASN A 35 -0.04 -22.40 -2.11
C ASN A 35 -1.34 -21.80 -2.64
N ILE A 36 -1.73 -20.66 -2.06
CA ILE A 36 -2.95 -19.98 -2.47
C ILE A 36 -2.70 -18.50 -2.69
N THR A 37 -3.47 -17.90 -3.59
CA THR A 37 -3.34 -16.48 -3.90
C THR A 37 -4.64 -15.73 -3.62
N GLN A 38 -4.66 -14.97 -2.54
CA GLN A 38 -5.85 -14.21 -2.17
C GLN A 38 -5.54 -12.72 -2.10
N CYS A 39 -6.58 -11.90 -1.95
CA CYS A 39 -6.41 -10.45 -1.87
C CYS A 39 -6.78 -9.94 -0.48
N PHE A 40 -6.31 -8.75 -0.15
CA PHE A 40 -6.60 -8.14 1.15
C PHE A 40 -8.00 -7.55 1.18
N ASP A 41 -8.42 -7.08 2.35
CA ASP A 41 -9.73 -6.49 2.51
C ASP A 41 -9.80 -5.12 1.83
N LYS A 42 -11.02 -4.62 1.63
CA LYS A 42 -11.21 -3.32 1.00
C LYS A 42 -10.59 -2.20 1.83
N MET A 43 -10.46 -2.45 3.13
CA MET A 43 -9.88 -1.46 4.04
C MET A 43 -8.37 -1.65 4.14
N THR A 44 -7.94 -2.90 4.26
CA THR A 44 -6.52 -3.22 4.38
C THR A 44 -5.79 -2.89 3.08
N ASN A 45 -6.41 -3.19 1.95
CA ASN A 45 -5.81 -2.92 0.65
C ASN A 45 -5.05 -1.60 0.66
N MET A 46 -5.68 -0.55 1.19
CA MET A 46 -5.07 0.75 1.26
C MET A 46 -4.02 0.80 2.37
N LYS A 47 -4.31 0.13 3.48
CA LYS A 47 -3.40 0.09 4.61
C LYS A 47 -2.00 -0.29 4.17
N LEU A 48 -1.90 -0.89 2.99
CA LEU A 48 -0.61 -1.31 2.45
C LEU A 48 -0.05 -0.26 1.50
N GLU A 49 -0.92 0.35 0.70
CA GLU A 49 -0.51 1.37 -0.24
C GLU A 49 -0.02 2.62 0.48
N VAL A 50 -0.71 2.99 1.56
CA VAL A 50 -0.34 4.16 2.35
C VAL A 50 1.10 4.06 2.83
N ALA A 51 1.54 2.85 3.14
CA ALA A 51 2.90 2.63 3.62
C ALA A 51 3.90 2.67 2.47
N TRP A 52 3.45 2.28 1.28
CA TRP A 52 4.31 2.28 0.10
C TRP A 52 4.52 3.71 -0.41
N LYS A 53 3.54 4.57 -0.20
CA LYS A 53 3.62 5.96 -0.62
C LYS A 53 4.27 6.82 0.44
N ALA A 54 4.10 6.42 1.70
CA ALA A 54 4.68 7.17 2.81
C ALA A 54 6.15 6.80 3.01
N LYS A 55 6.74 6.20 1.99
CA LYS A 55 8.15 5.81 2.05
C LYS A 55 8.43 5.00 3.32
N LYS A 56 7.49 4.14 3.68
CA LYS A 56 7.65 3.29 4.87
C LYS A 56 8.46 2.05 4.55
N LYS A 57 8.93 1.38 5.60
CA LYS A 57 9.72 0.16 5.43
C LYS A 57 8.84 -1.08 5.52
N ASP A 58 7.82 -1.00 6.37
CA ASP A 58 6.90 -2.12 6.55
C ASP A 58 5.63 -1.68 7.28
N THR A 59 4.53 -2.36 7.01
CA THR A 59 3.25 -2.03 7.64
C THR A 59 2.60 -3.28 8.24
N VAL A 60 2.16 -3.16 9.48
CA VAL A 60 1.51 -4.28 10.17
C VAL A 60 0.02 -4.34 9.83
N VAL A 61 -0.47 -5.54 9.59
CA VAL A 61 -1.87 -5.75 9.26
C VAL A 61 -2.40 -7.04 9.85
N GLN A 62 -3.69 -7.05 10.18
CA GLN A 62 -4.32 -8.23 10.77
C GLN A 62 -4.65 -9.27 9.69
N ILE A 63 -3.85 -10.32 9.63
CA ILE A 63 -4.05 -11.38 8.65
C ILE A 63 -4.37 -12.71 9.32
N HIS A 64 -5.52 -13.29 8.99
CA HIS A 64 -5.94 -14.56 9.57
C HIS A 64 -6.13 -14.43 11.08
N ASN A 65 -6.68 -13.31 11.51
CA ASN A 65 -6.92 -13.06 12.93
C ASN A 65 -5.59 -13.00 13.70
N GLN A 66 -4.54 -12.60 13.00
CA GLN A 66 -3.22 -12.50 13.61
C GLN A 66 -2.42 -11.37 12.98
N ASP A 67 -1.83 -10.52 13.83
CA ASP A 67 -1.04 -9.40 13.35
C ASP A 67 0.17 -9.88 12.54
N PHE A 68 0.37 -9.30 11.37
CA PHE A 68 1.48 -9.68 10.50
C PHE A 68 2.26 -8.44 10.05
N THR A 69 3.55 -8.64 9.78
CA THR A 69 4.41 -7.54 9.34
C THR A 69 4.65 -7.60 7.84
N VAL A 70 4.06 -6.66 7.12
CA VAL A 70 4.20 -6.60 5.67
C VAL A 70 5.36 -5.69 5.27
N ASP A 71 6.43 -6.28 4.75
CA ASP A 71 7.59 -5.51 4.33
C ASP A 71 7.47 -5.08 2.87
N LEU A 72 7.42 -3.77 2.65
CA LEU A 72 7.30 -3.22 1.31
C LEU A 72 8.60 -3.39 0.53
N SER A 73 9.72 -3.10 1.19
CA SER A 73 11.03 -3.23 0.56
C SER A 73 11.12 -4.51 -0.27
N THR A 74 10.79 -5.63 0.35
CA THR A 74 10.84 -6.92 -0.33
C THR A 74 9.44 -7.36 -0.76
N ASN A 75 8.42 -6.72 -0.20
CA ASN A 75 7.03 -7.05 -0.53
C ASN A 75 6.68 -8.45 -0.04
N THR A 76 6.93 -8.73 1.24
CA THR A 76 6.63 -10.02 1.82
C THR A 76 6.15 -9.88 3.26
N ALA A 77 5.11 -10.62 3.60
CA ALA A 77 4.54 -10.58 4.95
C ALA A 77 5.15 -11.67 5.82
N THR A 78 5.24 -11.40 7.12
CA THR A 78 5.80 -12.36 8.07
C THR A 78 5.19 -12.18 9.45
N ALA A 79 5.07 -13.28 10.18
CA ALA A 79 4.51 -13.25 11.53
C ALA A 79 5.30 -14.14 12.49
N PRO A 80 5.27 -13.80 13.78
CA PRO A 80 5.99 -14.56 14.81
C PRO A 80 5.37 -15.93 15.06
N GLN A 81 4.33 -16.25 14.29
CA GLN A 81 3.65 -17.54 14.43
C GLN A 81 4.34 -18.61 13.59
N GLY A 82 4.81 -18.22 12.41
CA GLY A 82 5.49 -19.16 11.53
C GLY A 82 4.87 -19.21 10.15
N GLN A 83 4.44 -18.04 9.66
CA GLN A 83 3.83 -17.96 8.34
C GLN A 83 4.32 -16.71 7.60
N THR A 84 4.56 -16.86 6.29
CA THR A 84 5.03 -15.76 5.47
C THR A 84 4.36 -15.76 4.11
N PHE A 85 4.09 -14.57 3.59
CA PHE A 85 3.44 -14.43 2.28
C PHE A 85 4.13 -13.35 1.45
N THR A 86 3.68 -13.20 0.21
CA THR A 86 4.24 -12.21 -0.70
C THR A 86 3.19 -11.19 -1.12
N VAL A 87 3.49 -9.91 -0.91
CA VAL A 87 2.57 -8.84 -1.27
C VAL A 87 2.93 -8.24 -2.63
N GLN A 88 1.92 -7.96 -3.43
CA GLN A 88 2.12 -7.38 -4.75
C GLN A 88 1.23 -6.17 -4.97
N ARG A 89 1.81 -5.10 -5.52
CA ARG A 89 1.06 -3.88 -5.78
C ARG A 89 0.60 -3.82 -7.23
N LEU A 90 -0.69 -3.60 -7.42
CA LEU A 90 -1.27 -3.51 -8.76
C LEU A 90 -2.13 -2.27 -8.91
N VAL A 91 -2.05 -1.64 -10.08
CA VAL A 91 -2.82 -0.43 -10.35
C VAL A 91 -4.17 -0.77 -10.99
N LYS A 92 -5.21 -0.06 -10.56
CA LYS A 92 -6.56 -0.29 -11.08
C LYS A 92 -6.91 0.76 -12.14
N ALA A 93 -7.53 0.30 -13.22
CA ALA A 93 -7.93 1.20 -14.30
C ALA A 93 -9.42 1.05 -14.62
N SER A 94 -9.82 -0.17 -14.97
CA SER A 94 -11.21 -0.45 -15.30
C SER A 94 -12.15 0.27 -14.34
N GLY A 95 -13.29 0.73 -14.85
CA GLY A 95 -14.26 1.43 -14.03
C GLY A 95 -14.60 2.81 -14.57
N PRO A 96 -15.49 3.51 -13.87
CA PRO A 96 -15.92 4.87 -14.27
C PRO A 96 -14.81 5.90 -14.10
N SER A 97 -13.64 5.44 -13.68
CA SER A 97 -12.49 6.32 -13.48
C SER A 97 -11.99 6.88 -14.81
N SER A 98 -11.71 5.98 -15.75
CA SER A 98 -11.22 6.38 -17.06
C SER A 98 -12.17 7.37 -17.72
N GLY A 99 -11.71 8.61 -17.88
CA GLY A 99 -12.53 9.63 -18.49
C GLY A 99 -13.31 10.45 -17.48
N GLY A 1 0.46 12.03 -16.23
CA GLY A 1 0.14 12.35 -17.61
C GLY A 1 0.14 11.13 -18.51
N SER A 2 1.22 10.95 -19.26
CA SER A 2 1.33 9.82 -20.17
C SER A 2 2.59 9.00 -19.86
N SER A 3 3.74 9.67 -19.82
CA SER A 3 5.00 9.01 -19.55
C SER A 3 5.96 9.95 -18.82
N GLY A 4 6.49 9.49 -17.70
CA GLY A 4 7.42 10.31 -16.93
C GLY A 4 6.79 10.89 -15.69
N SER A 5 6.21 10.03 -14.86
CA SER A 5 5.57 10.47 -13.62
C SER A 5 6.49 11.37 -12.82
N SER A 6 7.68 10.88 -12.50
CA SER A 6 8.65 11.64 -11.73
C SER A 6 9.65 12.33 -12.65
N GLY A 7 9.50 13.65 -12.80
CA GLY A 7 10.40 14.40 -13.65
C GLY A 7 11.21 15.42 -12.88
N LYS A 8 10.55 16.13 -11.97
CA LYS A 8 11.22 17.15 -11.16
C LYS A 8 10.30 17.66 -10.07
N SER A 9 10.83 17.77 -8.85
CA SER A 9 10.05 18.25 -7.72
C SER A 9 10.96 18.77 -6.62
N ILE A 10 10.89 20.08 -6.37
CA ILE A 10 11.72 20.71 -5.35
C ILE A 10 11.36 20.19 -3.96
N ARG A 11 10.10 20.39 -3.56
CA ARG A 11 9.64 19.93 -2.25
C ARG A 11 8.25 19.30 -2.37
N LEU A 12 7.88 18.53 -1.35
CA LEU A 12 6.58 17.85 -1.33
C LEU A 12 5.57 18.67 -0.54
N ALA A 13 5.61 19.98 -0.70
CA ALA A 13 4.69 20.88 0.00
C ALA A 13 4.02 21.84 -0.97
N LYS A 14 2.99 21.36 -1.65
CA LYS A 14 2.25 22.18 -2.61
C LYS A 14 0.99 21.47 -3.08
N GLU A 15 0.10 22.22 -3.73
CA GLU A 15 -1.15 21.65 -4.23
C GLU A 15 -0.91 20.33 -4.94
N LYS A 16 0.23 20.24 -5.64
CA LYS A 16 0.59 19.02 -6.36
C LYS A 16 0.24 17.78 -5.54
N GLU A 17 0.30 17.91 -4.22
CA GLU A 17 -0.02 16.79 -3.33
C GLU A 17 -1.17 15.96 -3.89
N SER A 18 -2.16 16.63 -4.46
CA SER A 18 -3.32 15.95 -5.03
C SER A 18 -2.89 14.71 -5.81
N GLN A 19 -1.89 14.88 -6.65
CA GLN A 19 -1.37 13.78 -7.48
C GLN A 19 -1.35 12.48 -6.67
N ALA A 20 -0.74 12.53 -5.49
CA ALA A 20 -0.65 11.35 -4.63
C ALA A 20 -1.98 10.62 -4.57
N ASP A 21 -3.05 11.35 -4.25
CA ASP A 21 -4.38 10.75 -4.16
C ASP A 21 -4.91 10.39 -5.54
N TYR A 22 -4.62 11.24 -6.52
CA TYR A 22 -5.08 11.02 -7.88
C TYR A 22 -4.71 9.60 -8.35
N ILE A 23 -3.58 9.10 -7.87
CA ILE A 23 -3.12 7.77 -8.23
C ILE A 23 -3.57 6.74 -7.20
N SER A 24 -3.23 6.97 -5.94
CA SER A 24 -3.61 6.06 -4.87
C SER A 24 -5.09 5.69 -4.95
N THR A 25 -5.92 6.70 -5.22
CA THR A 25 -7.36 6.48 -5.32
C THR A 25 -7.67 5.10 -5.90
N TYR A 26 -6.81 4.64 -6.81
CA TYR A 26 -7.00 3.35 -7.44
C TYR A 26 -5.77 2.47 -7.27
N VAL A 27 -5.87 1.48 -6.38
CA VAL A 27 -4.76 0.58 -6.12
C VAL A 27 -5.26 -0.78 -5.62
N GLU A 28 -4.54 -1.84 -5.97
CA GLU A 28 -4.91 -3.19 -5.55
C GLU A 28 -3.74 -3.89 -4.87
N TRP A 29 -3.98 -4.40 -3.67
CA TRP A 29 -2.94 -5.10 -2.91
C TRP A 29 -3.37 -6.53 -2.60
N GLN A 30 -2.64 -7.49 -3.16
CA GLN A 30 -2.94 -8.89 -2.94
C GLN A 30 -1.74 -9.62 -2.33
N TYR A 31 -2.02 -10.68 -1.59
CA TYR A 31 -0.96 -11.46 -0.95
C TYR A 31 -1.00 -12.92 -1.40
N ILE A 32 0.18 -13.50 -1.58
CA ILE A 32 0.28 -14.89 -2.01
C ILE A 32 0.43 -15.83 -0.82
N ASP A 33 -0.61 -16.59 -0.53
CA ASP A 33 -0.59 -17.53 0.58
C ASP A 33 0.25 -18.75 0.24
N LYS A 34 0.55 -19.56 1.25
CA LYS A 34 1.35 -20.76 1.06
C LYS A 34 1.17 -21.32 -0.36
N ASN A 35 0.00 -21.88 -0.63
CA ASN A 35 -0.28 -22.43 -1.94
C ASN A 35 -1.54 -21.81 -2.54
N ILE A 36 -1.92 -20.64 -2.02
CA ILE A 36 -3.10 -19.93 -2.50
C ILE A 36 -2.79 -18.46 -2.75
N THR A 37 -3.56 -17.84 -3.64
CA THR A 37 -3.37 -16.44 -3.97
C THR A 37 -4.65 -15.64 -3.72
N GLN A 38 -4.71 -14.97 -2.57
CA GLN A 38 -5.88 -14.17 -2.22
C GLN A 38 -5.53 -12.68 -2.19
N CYS A 39 -6.54 -11.86 -1.94
CA CYS A 39 -6.34 -10.41 -1.89
C CYS A 39 -6.86 -9.84 -0.57
N PHE A 40 -6.35 -8.67 -0.20
CA PHE A 40 -6.77 -8.01 1.03
C PHE A 40 -8.12 -7.32 0.86
N ASP A 41 -8.70 -6.91 1.97
CA ASP A 41 -10.00 -6.23 1.95
C ASP A 41 -9.84 -4.76 1.54
N LYS A 42 -10.96 -4.05 1.49
CA LYS A 42 -10.95 -2.64 1.13
C LYS A 42 -10.33 -1.80 2.23
N MET A 43 -10.48 -2.24 3.47
CA MET A 43 -9.92 -1.52 4.61
C MET A 43 -8.42 -1.72 4.70
N THR A 44 -7.98 -2.97 4.53
CA THR A 44 -6.56 -3.30 4.59
C THR A 44 -5.84 -2.87 3.32
N ASN A 45 -6.51 -3.04 2.18
CA ASN A 45 -5.95 -2.68 0.89
C ASN A 45 -5.20 -1.35 0.98
N MET A 46 -5.83 -0.36 1.61
CA MET A 46 -5.22 0.96 1.77
C MET A 46 -4.09 0.92 2.80
N LYS A 47 -4.30 0.15 3.87
CA LYS A 47 -3.30 0.04 4.92
C LYS A 47 -1.94 -0.30 4.34
N LEU A 48 -1.94 -1.01 3.21
CA LEU A 48 -0.69 -1.40 2.55
C LEU A 48 -0.19 -0.29 1.65
N GLU A 49 -1.00 0.11 0.68
CA GLU A 49 -0.64 1.17 -0.26
C GLU A 49 -0.11 2.38 0.49
N VAL A 50 -0.84 2.81 1.52
CA VAL A 50 -0.45 3.97 2.32
C VAL A 50 1.01 3.86 2.75
N ALA A 51 1.40 2.69 3.25
CA ALA A 51 2.77 2.46 3.69
C ALA A 51 3.74 2.53 2.52
N TRP A 52 3.30 2.04 1.37
CA TRP A 52 4.15 2.05 0.17
C TRP A 52 4.29 3.46 -0.38
N LYS A 53 3.26 4.29 -0.19
CA LYS A 53 3.29 5.65 -0.67
C LYS A 53 4.02 6.56 0.31
N ALA A 54 3.91 6.27 1.60
CA ALA A 54 4.57 7.06 2.62
C ALA A 54 6.07 6.73 2.69
N LYS A 55 6.54 5.93 1.73
CA LYS A 55 7.94 5.55 1.67
C LYS A 55 8.33 4.74 2.91
N LYS A 56 7.40 3.93 3.39
CA LYS A 56 7.64 3.10 4.57
C LYS A 56 8.41 1.83 4.19
N LYS A 57 8.94 1.15 5.20
CA LYS A 57 9.70 -0.08 4.98
C LYS A 57 8.83 -1.31 5.22
N ASP A 58 7.89 -1.19 6.14
CA ASP A 58 6.99 -2.28 6.48
C ASP A 58 5.76 -1.78 7.22
N THR A 59 4.61 -2.40 6.96
CA THR A 59 3.36 -2.01 7.61
C THR A 59 2.68 -3.22 8.23
N VAL A 60 2.25 -3.06 9.49
CA VAL A 60 1.58 -4.14 10.20
C VAL A 60 0.10 -4.20 9.82
N VAL A 61 -0.40 -5.42 9.64
CA VAL A 61 -1.80 -5.63 9.28
C VAL A 61 -2.36 -6.90 9.91
N GLN A 62 -3.66 -6.93 10.11
CA GLN A 62 -4.32 -8.09 10.71
C GLN A 62 -4.64 -9.14 9.65
N ILE A 63 -3.86 -10.22 9.62
CA ILE A 63 -4.08 -11.28 8.66
C ILE A 63 -4.39 -12.61 9.35
N HIS A 64 -5.50 -13.21 8.98
CA HIS A 64 -5.92 -14.48 9.56
C HIS A 64 -6.18 -14.33 11.05
N ASN A 65 -6.62 -13.14 11.46
CA ASN A 65 -6.90 -12.87 12.86
C ASN A 65 -5.62 -12.80 13.68
N GLN A 66 -4.52 -12.42 13.01
CA GLN A 66 -3.22 -12.31 13.68
C GLN A 66 -2.40 -11.18 13.07
N ASP A 67 -1.77 -10.39 13.94
CA ASP A 67 -0.95 -9.27 13.49
C ASP A 67 0.23 -9.77 12.65
N PHE A 68 0.40 -9.17 11.47
CA PHE A 68 1.49 -9.55 10.58
C PHE A 68 2.27 -8.33 10.12
N THR A 69 3.53 -8.54 9.75
CA THR A 69 4.39 -7.46 9.30
C THR A 69 4.62 -7.53 7.80
N VAL A 70 3.99 -6.62 7.06
CA VAL A 70 4.12 -6.58 5.61
C VAL A 70 5.28 -5.67 5.19
N ASP A 71 6.39 -6.30 4.79
CA ASP A 71 7.56 -5.55 4.36
C ASP A 71 7.42 -5.08 2.91
N LEU A 72 7.38 -3.77 2.71
CA LEU A 72 7.25 -3.20 1.38
C LEU A 72 8.58 -3.25 0.62
N SER A 73 9.67 -3.03 1.35
CA SER A 73 11.00 -3.04 0.75
C SER A 73 11.16 -4.24 -0.18
N THR A 74 10.57 -5.37 0.21
CA THR A 74 10.65 -6.58 -0.60
C THR A 74 9.27 -7.07 -0.98
N ASN A 75 8.25 -6.59 -0.28
CA ASN A 75 6.87 -6.97 -0.55
C ASN A 75 6.59 -8.38 -0.03
N THR A 76 6.86 -8.60 1.25
CA THR A 76 6.64 -9.90 1.86
C THR A 76 6.12 -9.76 3.29
N ALA A 77 5.15 -10.59 3.65
CA ALA A 77 4.57 -10.56 4.99
C ALA A 77 5.16 -11.65 5.87
N THR A 78 5.31 -11.34 7.15
CA THR A 78 5.86 -12.30 8.10
C THR A 78 5.25 -12.12 9.49
N ALA A 79 5.08 -13.23 10.20
CA ALA A 79 4.50 -13.20 11.54
C ALA A 79 5.28 -14.09 12.49
N PRO A 80 5.24 -13.76 13.79
CA PRO A 80 5.94 -14.51 14.83
C PRO A 80 5.32 -15.88 15.07
N GLN A 81 4.30 -16.20 14.29
CA GLN A 81 3.61 -17.49 14.42
C GLN A 81 4.31 -18.56 13.58
N GLY A 82 4.78 -18.16 12.41
CA GLY A 82 5.46 -19.10 11.54
C GLY A 82 4.86 -19.15 10.15
N GLN A 83 4.34 -18.01 9.69
CA GLN A 83 3.71 -17.92 8.38
C GLN A 83 4.20 -16.68 7.63
N THR A 84 4.50 -16.86 6.34
CA THR A 84 4.97 -15.75 5.52
C THR A 84 4.30 -15.76 4.14
N PHE A 85 4.04 -14.57 3.61
CA PHE A 85 3.40 -14.45 2.31
C PHE A 85 4.09 -13.37 1.47
N THR A 86 3.65 -13.24 0.23
CA THR A 86 4.23 -12.25 -0.69
C THR A 86 3.18 -11.27 -1.17
N VAL A 87 3.43 -9.98 -0.95
CA VAL A 87 2.51 -8.94 -1.36
C VAL A 87 2.91 -8.34 -2.70
N GLN A 88 1.93 -7.96 -3.50
CA GLN A 88 2.19 -7.36 -4.81
C GLN A 88 1.33 -6.11 -5.02
N ARG A 89 1.90 -5.12 -5.70
CA ARG A 89 1.19 -3.88 -5.97
C ARG A 89 0.80 -3.79 -7.45
N LEU A 90 -0.49 -3.56 -7.69
CA LEU A 90 -1.00 -3.45 -9.05
C LEU A 90 -1.83 -2.18 -9.22
N VAL A 91 -1.42 -1.34 -10.18
CA VAL A 91 -2.13 -0.09 -10.44
C VAL A 91 -3.40 -0.34 -11.25
N LYS A 92 -4.38 0.53 -11.08
CA LYS A 92 -5.65 0.41 -11.80
C LYS A 92 -6.10 1.76 -12.35
N ALA A 93 -6.01 1.92 -13.66
CA ALA A 93 -6.41 3.16 -14.32
C ALA A 93 -6.47 2.98 -15.84
N SER A 94 -7.59 3.39 -16.42
CA SER A 94 -7.78 3.28 -17.86
C SER A 94 -8.76 4.32 -18.37
N GLY A 95 -8.44 4.94 -19.50
CA GLY A 95 -9.32 5.95 -20.06
C GLY A 95 -10.18 5.41 -21.18
N PRO A 96 -11.11 6.24 -21.68
CA PRO A 96 -12.03 5.86 -22.75
C PRO A 96 -11.32 5.71 -24.09
N SER A 97 -11.36 4.50 -24.65
CA SER A 97 -10.71 4.22 -25.92
C SER A 97 -11.36 3.00 -26.60
N SER A 98 -11.71 3.17 -27.88
CA SER A 98 -12.33 2.08 -28.63
C SER A 98 -11.67 1.93 -30.00
N GLY A 99 -10.82 0.92 -30.12
CA GLY A 99 -10.13 0.68 -31.38
C GLY A 99 -9.41 -0.65 -31.39
#